data_3BGA
#
_entry.id   3BGA
#
_cell.length_a   88.335
_cell.length_b   138.864
_cell.length_c   102.818
_cell.angle_alpha   90.00
_cell.angle_beta   109.73
_cell.angle_gamma   90.00
#
_symmetry.space_group_name_H-M   'P 1 21 1'
#
loop_
_entity.id
_entity.type
_entity.pdbx_description
1 polymer Beta-galactosidase
2 non-polymer 'MAGNESIUM ION'
3 non-polymer 'SODIUM ION'
4 non-polymer 'CHLORIDE ION'
5 water water
#
_entity_poly.entity_id   1
_entity_poly.type   'polypeptide(L)'
_entity_poly.pdbx_seq_one_letter_code
;(MSE)SLKQPLPEWQSQYAVGLNKLAPHTYVWPYADASDIGKPGGYEQSPYY(MSE)SLNGKWKFNWVKNPDNRPKDFYQ
PSYYTGGWADINVPGNWERQGYGTAIYVNETYEFDDK(MSE)FNFKKNPPLVPFAENEVGSYRRTFKVPADWKGRRVVLC
CEGVISFYYVWVNGKLLGYNQGSKTAAEWDITDVLSEGENVVALEVYRWSSGAYLECQD(MSE)WRLSGIERDVYLYSTP
KQYIADYKVSASLDKEKYKEGIFNLEVTVEGPSATASSIAYTLKDASGKAVLQDAINIKSRGLSNFIAFDEKKIAEVKAW
NAEHPNLYTLVLELKDAQGKVTELTGCEVGFRTSEIKDGRFCINGVPVLVKGTNRHEHSQLGRTVSKEL(MSE)EQDIRL
(MSE)KQHNIN(MSE)VRNSHYPTHPYWYQLCDRYGLY(MSE)IDEANIESHG(MSE)GYGPASLAKDSTWLTAH(MSE)
DRTHR(MSE)YERSKNHPAIVIWSQGNEAGNGINFERTYDWLKSVEKGRPVQYERAELNYNTDIYCR(MSE)YRSVDEIK
AYVGKKDIYRPFILCEYLHA(MSE)GNSCGG(MSE)KEYWEVFENEP(MSE)AQGGCIWDWVDQNFREIDKDGKWYWTYG
GDYGPEGIPSFGNFCGNGLVNAVREPHPHLLEVKKIYQNIKATLSDRKNLKVCIKNWYDFSNLNEYILRWNVKGEDGTVL
AEGTKEVDCEPHATVDVTLGAVKLPNTVREAYLNLSWSRKEATPLVDTDWEVAYDQFVLAGNKNTTAYRPQKAGETAFVV
DKNTGALSSLTLDGKELLAAPITLSLFRPATDNDNRDRNGARLWRKAGLNNLTQKVVSLKEEKTSATVRAEILNGKGQKV
G(MSE)ADFVYALDKNGALKVRTTFQPDTAIVKS(MSE)ARLGLTFR(MSE)ADAYNQVSYLGRGDHETYIDRNQSGRIG
LYDTTVER(MSE)FHYYATPQSTANRTDVRWAKLTDQAGEGVF(MSE)ESNRPFQFSIIPFSDVLLEKAHHINELERDG
(MSE)ITIHLDAEQAGVGTATCGPGVLPQYLVPVKKQSFEFTLYPVKEGHHHHHH
;
_entity_poly.pdbx_strand_id   A,B
#
loop_
_chem_comp.id
_chem_comp.type
_chem_comp.name
_chem_comp.formula
CL non-polymer 'CHLORIDE ION' 'Cl -1'
MG non-polymer 'MAGNESIUM ION' 'Mg 2'
NA non-polymer 'SODIUM ION' 'Na 1'
#
# COMPACT_ATOMS: atom_id res chain seq x y z
N LEU A 7 -37.04 -13.23 8.97
CA LEU A 7 -35.64 -13.32 8.46
C LEU A 7 -35.20 -12.00 7.84
N PRO A 8 -33.91 -11.65 7.99
CA PRO A 8 -33.37 -10.41 7.43
C PRO A 8 -33.39 -10.40 5.90
N GLU A 9 -33.30 -9.19 5.33
CA GLU A 9 -33.32 -8.99 3.89
C GLU A 9 -32.27 -9.77 3.09
N TRP A 10 -31.08 -9.95 3.66
CA TRP A 10 -30.03 -10.67 2.94
C TRP A 10 -30.27 -12.17 2.87
N GLN A 11 -31.42 -12.61 3.37
CA GLN A 11 -31.78 -14.03 3.34
C GLN A 11 -32.92 -14.22 2.34
N SER A 12 -33.27 -13.16 1.63
CA SER A 12 -34.36 -13.21 0.64
C SER A 12 -33.84 -12.96 -0.77
N GLN A 13 -34.27 -13.77 -1.73
CA GLN A 13 -33.81 -13.58 -3.10
C GLN A 13 -34.55 -12.40 -3.72
N TYR A 14 -35.58 -11.94 -3.02
CA TYR A 14 -36.41 -10.82 -3.49
C TYR A 14 -35.88 -9.43 -3.12
N ALA A 15 -35.23 -9.32 -1.97
CA ALA A 15 -34.73 -8.02 -1.48
C ALA A 15 -33.47 -7.53 -2.18
N VAL A 16 -33.59 -7.26 -3.47
CA VAL A 16 -32.47 -6.80 -4.26
C VAL A 16 -32.13 -5.32 -3.98
N GLY A 17 -33.07 -4.59 -3.39
CA GLY A 17 -32.80 -3.18 -3.10
C GLY A 17 -33.96 -2.39 -2.53
N LEU A 18 -33.65 -1.22 -2.01
CA LEU A 18 -34.69 -0.36 -1.46
C LEU A 18 -34.32 1.12 -1.57
N ASN A 19 -35.24 1.89 -2.15
CA ASN A 19 -35.11 3.34 -2.33
C ASN A 19 -34.00 3.82 -3.27
N LYS A 20 -33.39 2.90 -4.00
CA LYS A 20 -32.32 3.29 -4.91
C LYS A 20 -32.86 4.04 -6.13
N LEU A 21 -31.97 4.68 -6.88
CA LEU A 21 -32.37 5.36 -8.10
C LEU A 21 -32.58 4.25 -9.13
N ALA A 22 -33.53 4.45 -10.04
CA ALA A 22 -33.79 3.47 -11.08
C ALA A 22 -32.53 3.36 -11.94
N PRO A 23 -32.23 2.17 -12.49
CA PRO A 23 -31.03 2.01 -13.32
C PRO A 23 -31.00 3.06 -14.42
N HIS A 24 -29.82 3.58 -14.73
CA HIS A 24 -29.69 4.61 -15.75
C HIS A 24 -28.26 4.68 -16.26
N THR A 25 -28.05 5.44 -17.31
CA THR A 25 -26.70 5.61 -17.85
C THR A 25 -26.03 6.60 -16.92
N TYR A 26 -24.71 6.54 -16.81
CA TYR A 26 -24.01 7.48 -15.94
C TYR A 26 -24.24 8.90 -16.46
N VAL A 27 -24.67 9.78 -15.56
CA VAL A 27 -24.95 11.18 -15.90
C VAL A 27 -24.20 12.13 -14.98
N TRP A 28 -22.89 11.98 -14.92
CA TRP A 28 -22.05 12.81 -14.08
C TRP A 28 -22.12 14.26 -14.53
N PRO A 29 -22.36 15.20 -13.59
CA PRO A 29 -22.42 16.61 -13.98
C PRO A 29 -21.00 17.13 -14.13
N TYR A 30 -20.73 17.85 -15.22
CA TYR A 30 -19.41 18.41 -15.50
C TYR A 30 -19.44 19.95 -15.46
N ALA A 31 -18.29 20.55 -15.21
CA ALA A 31 -18.20 22.00 -15.21
C ALA A 31 -17.49 22.33 -16.52
N ASP A 32 -16.64 21.41 -16.96
CA ASP A 32 -15.87 21.55 -18.19
C ASP A 32 -16.20 20.44 -19.19
N ALA A 33 -16.93 20.79 -20.23
CA ALA A 33 -17.35 19.84 -21.27
C ALA A 33 -16.18 19.14 -21.95
N SER A 34 -14.99 19.70 -21.77
CA SER A 34 -13.79 19.15 -22.38
C SER A 34 -13.37 17.80 -21.76
N ASP A 35 -13.76 17.57 -20.51
CA ASP A 35 -13.40 16.32 -19.83
C ASP A 35 -14.29 15.13 -20.18
N ILE A 36 -15.36 15.38 -20.91
CA ILE A 36 -16.28 14.31 -21.27
C ILE A 36 -15.61 13.25 -22.15
N GLY A 37 -14.66 13.68 -22.98
CA GLY A 37 -13.97 12.74 -23.85
C GLY A 37 -12.81 12.05 -23.14
N LYS A 38 -12.50 12.51 -21.94
CA LYS A 38 -11.39 11.93 -21.18
C LYS A 38 -11.85 10.82 -20.25
N PRO A 39 -11.34 9.59 -20.45
CA PRO A 39 -11.74 8.48 -19.59
C PRO A 39 -11.49 8.86 -18.13
N GLY A 40 -12.54 8.78 -17.31
CA GLY A 40 -12.40 9.13 -15.91
C GLY A 40 -12.35 10.62 -15.62
N GLY A 41 -12.50 11.45 -16.65
CA GLY A 41 -12.46 12.89 -16.48
C GLY A 41 -13.52 13.43 -15.55
N TYR A 42 -14.64 12.72 -15.45
CA TYR A 42 -15.73 13.13 -14.59
C TYR A 42 -15.32 13.21 -13.12
N GLU A 43 -14.27 12.47 -12.75
CA GLU A 43 -13.81 12.48 -11.36
C GLU A 43 -13.13 13.80 -11.01
N GLN A 44 -12.86 14.64 -12.00
CA GLN A 44 -12.21 15.92 -11.76
C GLN A 44 -13.21 17.08 -11.77
N SER A 45 -14.49 16.73 -11.77
CA SER A 45 -15.55 17.73 -11.78
C SER A 45 -15.80 18.29 -10.39
N PRO A 46 -16.08 19.59 -10.29
CA PRO A 46 -16.34 20.20 -8.97
C PRO A 46 -17.67 19.73 -8.40
N TYR A 47 -18.41 18.97 -9.19
CA TYR A 47 -19.71 18.46 -8.76
C TYR A 47 -19.56 16.97 -8.41
N TYR A 48 -18.31 16.55 -8.27
CA TYR A 48 -17.95 15.17 -7.95
C TYR A 48 -17.02 15.19 -6.74
N MSE A 49 -17.27 14.31 -5.78
CA MSE A 49 -16.42 14.22 -4.61
C MSE A 49 -16.26 12.76 -4.21
O MSE A 49 -17.22 12.09 -3.84
CB MSE A 49 -16.99 15.02 -3.44
CG MSE A 49 -16.04 15.03 -2.24
SE MSE A 49 -16.79 15.87 -0.64
CE MSE A 49 -17.67 14.40 0.18
N SER A 50 -15.03 12.26 -4.30
CA SER A 50 -14.76 10.88 -3.95
C SER A 50 -14.85 10.67 -2.46
N LEU A 51 -15.25 9.47 -2.06
CA LEU A 51 -15.33 9.12 -0.65
C LEU A 51 -14.37 7.96 -0.41
N ASN A 52 -13.49 7.71 -1.38
CA ASN A 52 -12.48 6.66 -1.25
C ASN A 52 -11.48 7.07 -0.19
N GLY A 53 -10.66 6.12 0.25
CA GLY A 53 -9.66 6.42 1.26
C GLY A 53 -9.86 5.62 2.52
N LYS A 54 -9.49 6.22 3.65
CA LYS A 54 -9.59 5.56 4.94
C LYS A 54 -10.98 5.65 5.57
N TRP A 55 -11.49 4.51 6.00
CA TRP A 55 -12.80 4.41 6.66
C TRP A 55 -12.59 3.61 7.94
N LYS A 56 -13.36 3.92 8.99
CA LYS A 56 -13.25 3.15 10.22
C LYS A 56 -13.84 1.78 9.86
N PHE A 57 -13.28 0.71 10.39
CA PHE A 57 -13.75 -0.62 10.04
C PHE A 57 -13.78 -1.61 11.21
N ASN A 58 -14.73 -2.54 11.15
CA ASN A 58 -14.89 -3.57 12.18
C ASN A 58 -15.36 -4.84 11.48
N TRP A 59 -14.74 -5.96 11.84
CA TRP A 59 -15.08 -7.25 11.23
C TRP A 59 -15.50 -8.25 12.30
N VAL A 60 -16.57 -8.99 12.02
CA VAL A 60 -17.02 -10.00 12.96
C VAL A 60 -17.65 -11.18 12.28
N LYS A 61 -17.44 -12.34 12.88
CA LYS A 61 -18.00 -13.53 12.33
C LYS A 61 -19.23 -13.72 13.28
N ASN A 62 -20.35 -13.82 12.63
CA ASN A 62 -21.74 -13.87 13.14
C ASN A 62 -22.46 -12.46 13.42
N PRO A 63 -23.51 -12.20 12.67
CA PRO A 63 -24.31 -10.98 12.73
C PRO A 63 -24.71 -10.62 14.18
N ASP A 64 -25.02 -11.60 15.03
CA ASP A 64 -25.44 -11.31 16.40
C ASP A 64 -24.33 -10.62 17.20
N ASN A 65 -23.10 -10.69 16.72
CA ASN A 65 -21.95 -10.09 17.41
C ASN A 65 -21.52 -8.73 16.84
N ARG A 66 -22.15 -8.30 15.76
CA ARG A 66 -21.79 -7.03 15.14
C ARG A 66 -22.15 -5.82 15.98
N PRO A 67 -21.51 -4.67 15.73
CA PRO A 67 -21.76 -3.42 16.46
C PRO A 67 -22.98 -2.77 15.82
N LYS A 68 -24.16 -3.28 16.16
CA LYS A 68 -25.44 -2.84 15.62
C LYS A 68 -25.75 -1.35 15.47
N ASP A 69 -25.33 -0.52 16.43
CA ASP A 69 -25.64 0.90 16.33
C ASP A 69 -24.54 1.79 15.77
N PHE A 70 -23.54 1.19 15.12
CA PHE A 70 -22.44 1.98 14.56
C PHE A 70 -22.86 3.04 13.55
N TYR A 71 -24.04 2.89 12.95
CA TYR A 71 -24.52 3.86 11.96
C TYR A 71 -24.99 5.18 12.60
N GLN A 72 -25.31 5.15 13.88
CA GLN A 72 -25.77 6.34 14.60
C GLN A 72 -24.56 7.27 14.75
N PRO A 73 -24.69 8.52 14.29
CA PRO A 73 -23.61 9.50 14.37
C PRO A 73 -22.92 9.59 15.73
N SER A 74 -23.69 9.43 16.80
CA SER A 74 -23.14 9.52 18.17
C SER A 74 -22.27 8.32 18.55
N TYR A 75 -22.50 7.18 17.90
CA TYR A 75 -21.73 5.97 18.19
C TYR A 75 -20.23 6.23 18.02
N TYR A 76 -19.43 5.71 18.95
CA TYR A 76 -17.99 5.91 18.92
C TYR A 76 -17.21 4.83 18.15
N THR A 77 -16.47 5.25 17.12
CA THR A 77 -15.68 4.31 16.33
C THR A 77 -14.19 4.58 16.49
N GLY A 78 -13.86 5.57 17.32
CA GLY A 78 -12.47 5.93 17.55
C GLY A 78 -11.58 4.79 17.99
N GLY A 79 -12.18 3.71 18.48
CA GLY A 79 -11.39 2.56 18.91
C GLY A 79 -11.19 1.54 17.80
N TRP A 80 -11.78 1.81 16.63
CA TRP A 80 -11.66 0.90 15.48
C TRP A 80 -10.41 1.17 14.62
N ALA A 81 -10.06 0.19 13.81
CA ALA A 81 -8.92 0.35 12.90
C ALA A 81 -9.44 1.04 11.64
N ASP A 82 -8.53 1.36 10.71
CA ASP A 82 -8.91 1.98 9.44
C ASP A 82 -8.86 0.90 8.37
N ILE A 83 -9.63 1.09 7.31
CA ILE A 83 -9.64 0.15 6.19
C ILE A 83 -9.52 0.99 4.93
N ASN A 84 -8.90 0.44 3.89
CA ASN A 84 -8.77 1.16 2.63
C ASN A 84 -10.03 0.91 1.79
N VAL A 85 -10.63 1.97 1.27
CA VAL A 85 -11.80 1.81 0.42
C VAL A 85 -11.46 2.46 -0.93
N PRO A 86 -11.63 1.71 -2.04
CA PRO A 86 -12.10 0.32 -2.15
C PRO A 86 -11.03 -0.75 -2.00
N GLY A 87 -11.46 -2.00 -2.00
CA GLY A 87 -10.55 -3.13 -1.88
C GLY A 87 -11.14 -4.19 -0.97
N ASN A 88 -11.19 -5.43 -1.43
CA ASN A 88 -11.75 -6.50 -0.61
C ASN A 88 -11.00 -6.59 0.73
N TRP A 89 -11.74 -6.86 1.81
CA TRP A 89 -11.14 -6.93 3.12
C TRP A 89 -10.21 -8.13 3.35
N GLU A 90 -10.39 -9.21 2.58
CA GLU A 90 -9.52 -10.37 2.72
C GLU A 90 -8.10 -10.02 2.30
N ARG A 91 -7.96 -9.00 1.46
CA ARG A 91 -6.64 -8.59 1.03
C ARG A 91 -6.14 -7.47 1.93
N GLN A 92 -6.80 -7.29 3.07
CA GLN A 92 -6.39 -6.27 4.02
C GLN A 92 -6.33 -6.82 5.43
N GLY A 93 -6.05 -8.12 5.56
CA GLY A 93 -5.91 -8.75 6.86
C GLY A 93 -7.14 -9.26 7.60
N TYR A 94 -8.29 -9.25 6.97
CA TYR A 94 -9.51 -9.73 7.62
C TYR A 94 -10.05 -10.98 6.95
N GLY A 95 -10.69 -11.83 7.74
CA GLY A 95 -11.29 -13.04 7.20
C GLY A 95 -10.38 -13.99 6.43
N THR A 96 -10.95 -14.63 5.42
CA THR A 96 -10.21 -15.62 4.62
C THR A 96 -10.62 -15.63 3.16
N ALA A 97 -9.64 -15.45 2.27
CA ALA A 97 -9.90 -15.50 0.84
C ALA A 97 -10.09 -16.98 0.49
N ILE A 98 -11.14 -17.28 -0.26
CA ILE A 98 -11.43 -18.66 -0.64
C ILE A 98 -11.59 -18.77 -2.15
N TYR A 99 -10.95 -19.77 -2.76
CA TYR A 99 -11.13 -19.98 -4.19
C TYR A 99 -11.74 -21.36 -4.47
N VAL A 100 -12.96 -21.35 -4.99
CA VAL A 100 -13.65 -22.58 -5.38
C VAL A 100 -14.19 -22.31 -6.78
N ASN A 101 -14.55 -23.36 -7.50
CA ASN A 101 -15.03 -23.22 -8.86
C ASN A 101 -16.54 -23.38 -9.05
N GLU A 102 -17.00 -24.61 -9.25
CA GLU A 102 -18.41 -24.87 -9.49
C GLU A 102 -19.26 -25.03 -8.24
N THR A 103 -18.72 -24.66 -7.09
CA THR A 103 -19.48 -24.80 -5.84
C THR A 103 -19.53 -23.50 -5.08
N TYR A 104 -20.42 -23.45 -4.09
CA TYR A 104 -20.56 -22.28 -3.23
C TYR A 104 -19.65 -22.56 -2.04
N GLU A 105 -18.77 -21.61 -1.71
CA GLU A 105 -17.84 -21.79 -0.60
C GLU A 105 -18.56 -22.01 0.73
N PHE A 106 -19.77 -21.47 0.87
CA PHE A 106 -20.51 -21.64 2.10
C PHE A 106 -21.19 -23.01 2.18
N ASP A 107 -21.25 -23.72 1.06
CA ASP A 107 -21.85 -25.05 1.04
C ASP A 107 -20.74 -26.03 1.40
N ASP A 108 -20.42 -26.09 2.68
CA ASP A 108 -19.35 -26.95 3.17
C ASP A 108 -19.53 -27.22 4.66
N LYS A 109 -19.01 -28.34 5.15
CA LYS A 109 -19.13 -28.69 6.55
C LYS A 109 -18.39 -27.74 7.47
N MSE A 110 -17.36 -27.09 6.94
CA MSE A 110 -16.61 -26.14 7.76
C MSE A 110 -17.53 -25.03 8.24
O MSE A 110 -17.26 -24.41 9.27
CB MSE A 110 -15.48 -25.51 6.98
CG MSE A 110 -14.75 -24.48 7.80
SE MSE A 110 -13.26 -23.81 6.83
CE MSE A 110 -11.98 -25.23 7.22
N PHE A 111 -18.62 -24.80 7.51
CA PHE A 111 -19.56 -23.76 7.88
C PHE A 111 -20.90 -24.32 8.37
N ASN A 112 -20.90 -25.62 8.65
CA ASN A 112 -22.10 -26.31 9.15
C ASN A 112 -23.33 -25.94 8.34
N PHE A 113 -23.18 -25.85 7.03
CA PHE A 113 -24.29 -25.45 6.17
C PHE A 113 -24.26 -26.13 4.80
N LYS A 114 -25.44 -26.50 4.33
CA LYS A 114 -25.60 -27.14 3.01
C LYS A 114 -26.39 -26.19 2.12
N LYS A 115 -26.00 -26.10 0.86
CA LYS A 115 -26.70 -25.18 -0.05
C LYS A 115 -28.22 -25.40 0.00
N ASN A 116 -28.96 -24.30 0.06
CA ASN A 116 -30.41 -24.35 0.14
C ASN A 116 -30.97 -22.96 -0.18
N PRO A 117 -30.93 -22.56 -1.46
CA PRO A 117 -31.43 -21.25 -1.86
C PRO A 117 -32.83 -20.98 -1.31
N PRO A 118 -33.10 -19.73 -0.91
CA PRO A 118 -32.20 -18.57 -0.93
C PRO A 118 -31.34 -18.33 0.33
N LEU A 119 -31.36 -19.30 1.26
CA LEU A 119 -30.62 -19.16 2.50
C LEU A 119 -29.11 -19.32 2.43
N VAL A 120 -28.43 -18.60 3.32
CA VAL A 120 -26.98 -18.65 3.47
C VAL A 120 -26.74 -18.77 4.97
N PRO A 121 -25.55 -19.23 5.39
CA PRO A 121 -25.23 -19.38 6.81
C PRO A 121 -25.47 -18.13 7.65
N PHE A 122 -26.01 -18.31 8.85
CA PHE A 122 -26.25 -17.18 9.74
C PHE A 122 -25.06 -16.94 10.66
N ALA A 123 -24.82 -17.87 11.58
CA ALA A 123 -23.73 -17.76 12.53
C ALA A 123 -22.37 -17.65 11.85
N GLU A 124 -22.22 -18.34 10.72
CA GLU A 124 -20.95 -18.34 10.00
C GLU A 124 -20.75 -17.16 9.06
N ASN A 125 -21.81 -16.42 8.78
CA ASN A 125 -21.72 -15.26 7.88
C ASN A 125 -20.80 -14.22 8.55
N GLU A 126 -20.17 -13.38 7.74
CA GLU A 126 -19.26 -12.34 8.24
C GLU A 126 -19.80 -10.93 7.99
N VAL A 127 -19.55 -10.02 8.93
CA VAL A 127 -20.02 -8.66 8.79
C VAL A 127 -18.90 -7.63 8.88
N GLY A 128 -18.79 -6.82 7.83
CA GLY A 128 -17.79 -5.78 7.79
C GLY A 128 -18.52 -4.45 7.89
N SER A 129 -18.35 -3.77 9.02
CA SER A 129 -18.99 -2.49 9.24
C SER A 129 -18.03 -1.35 8.90
N TYR A 130 -18.41 -0.55 7.90
CA TYR A 130 -17.61 0.58 7.42
C TYR A 130 -18.27 1.90 7.83
N ARG A 131 -17.46 2.90 8.16
CA ARG A 131 -18.00 4.21 8.52
C ARG A 131 -16.95 5.30 8.42
N ARG A 132 -17.35 6.43 7.85
CA ARG A 132 -16.43 7.57 7.75
C ARG A 132 -17.24 8.86 7.77
N THR A 133 -16.56 9.93 8.16
CA THR A 133 -17.18 11.24 8.20
C THR A 133 -16.80 11.98 6.93
N PHE A 134 -17.58 13.00 6.58
CA PHE A 134 -17.29 13.79 5.40
C PHE A 134 -18.05 15.12 5.45
N LYS A 135 -17.59 16.08 4.65
CA LYS A 135 -18.23 17.38 4.60
C LYS A 135 -18.57 17.68 3.15
N VAL A 136 -19.75 18.26 2.95
CA VAL A 136 -20.22 18.64 1.63
C VAL A 136 -19.61 19.98 1.24
N PRO A 137 -19.17 20.13 -0.02
CA PRO A 137 -18.58 21.42 -0.42
C PRO A 137 -19.61 22.54 -0.23
N ALA A 138 -19.12 23.73 0.05
CA ALA A 138 -19.99 24.88 0.25
C ALA A 138 -20.80 25.18 -1.01
N ASP A 139 -20.19 24.95 -2.18
CA ASP A 139 -20.85 25.20 -3.45
C ASP A 139 -22.02 24.28 -3.74
N TRP A 140 -22.13 23.18 -2.99
CA TRP A 140 -23.23 22.23 -3.20
C TRP A 140 -24.49 22.66 -2.45
N LYS A 141 -24.41 23.82 -1.83
CA LYS A 141 -25.51 24.41 -1.06
C LYS A 141 -26.81 24.47 -1.87
N GLY A 142 -27.84 23.77 -1.42
CA GLY A 142 -29.11 23.78 -2.12
C GLY A 142 -29.26 22.80 -3.29
N ARG A 143 -28.17 22.18 -3.71
CA ARG A 143 -28.22 21.24 -4.82
C ARG A 143 -28.64 19.84 -4.38
N ARG A 144 -28.96 18.99 -5.37
CA ARG A 144 -29.33 17.61 -5.11
C ARG A 144 -28.02 16.85 -5.01
N VAL A 145 -27.91 15.95 -4.05
CA VAL A 145 -26.69 15.17 -3.86
C VAL A 145 -26.98 13.67 -3.87
N VAL A 146 -26.21 12.94 -4.66
CA VAL A 146 -26.39 11.50 -4.80
C VAL A 146 -25.18 10.68 -4.33
N LEU A 147 -25.46 9.64 -3.56
CA LEU A 147 -24.42 8.73 -3.07
C LEU A 147 -24.33 7.54 -4.02
N CYS A 148 -23.16 7.33 -4.59
CA CYS A 148 -22.96 6.22 -5.50
C CYS A 148 -21.91 5.20 -5.05
N CYS A 149 -22.34 3.96 -4.89
CA CYS A 149 -21.44 2.89 -4.50
C CYS A 149 -21.35 2.03 -5.77
N GLU A 150 -20.23 2.17 -6.47
CA GLU A 150 -20.01 1.43 -7.72
C GLU A 150 -20.01 -0.08 -7.54
N GLY A 151 -19.64 -0.56 -6.35
CA GLY A 151 -19.62 -1.99 -6.14
C GLY A 151 -19.21 -2.44 -4.76
N VAL A 152 -20.09 -3.21 -4.14
CA VAL A 152 -19.84 -3.74 -2.82
C VAL A 152 -20.29 -5.17 -2.94
N ILE A 153 -19.42 -6.09 -2.56
CA ILE A 153 -19.87 -7.43 -2.71
C ILE A 153 -20.64 -8.07 -1.63
N SER A 154 -21.59 -8.79 -2.21
CA SER A 154 -22.68 -9.54 -1.65
C SER A 154 -23.77 -8.59 -1.17
N PHE A 155 -24.03 -8.44 0.11
CA PHE A 155 -25.13 -7.53 0.58
C PHE A 155 -24.75 -6.42 1.57
N TYR A 156 -25.49 -5.30 1.63
CA TYR A 156 -25.17 -4.23 2.60
C TYR A 156 -26.32 -3.26 2.81
N TYR A 157 -26.42 -2.74 4.03
CA TYR A 157 -27.41 -1.73 4.38
C TYR A 157 -26.55 -0.49 4.37
N VAL A 158 -27.15 0.66 4.08
CA VAL A 158 -26.40 1.91 4.07
C VAL A 158 -27.20 3.01 4.76
N TRP A 159 -26.52 3.79 5.58
CA TRP A 159 -27.12 4.90 6.32
C TRP A 159 -26.28 6.15 6.14
N VAL A 160 -26.93 7.30 6.20
CA VAL A 160 -26.25 8.58 6.12
C VAL A 160 -26.82 9.37 7.30
N ASN A 161 -25.93 9.83 8.17
CA ASN A 161 -26.33 10.58 9.36
C ASN A 161 -27.38 9.83 10.18
N GLY A 162 -27.17 8.54 10.38
CA GLY A 162 -28.10 7.73 11.16
C GLY A 162 -29.40 7.30 10.49
N LYS A 163 -29.67 7.77 9.27
CA LYS A 163 -30.90 7.39 8.59
C LYS A 163 -30.66 6.31 7.55
N LEU A 164 -31.42 5.22 7.65
CA LEU A 164 -31.31 4.09 6.74
C LEU A 164 -31.79 4.45 5.33
N LEU A 165 -30.89 4.40 4.36
CA LEU A 165 -31.25 4.73 2.98
C LEU A 165 -31.88 3.53 2.30
N GLY A 166 -31.31 2.36 2.57
CA GLY A 166 -31.81 1.14 1.97
C GLY A 166 -30.75 0.06 2.04
N TYR A 167 -30.83 -0.86 1.08
CA TYR A 167 -29.87 -1.95 1.01
C TYR A 167 -29.71 -2.36 -0.44
N ASN A 168 -28.78 -3.28 -0.69
CA ASN A 168 -28.51 -3.74 -2.05
C ASN A 168 -27.95 -5.14 -2.16
N GLN A 169 -28.29 -5.79 -3.27
CA GLN A 169 -27.80 -7.10 -3.64
C GLN A 169 -27.42 -6.89 -5.11
N GLY A 170 -26.30 -7.45 -5.54
CA GLY A 170 -25.84 -7.24 -6.91
C GLY A 170 -24.57 -6.44 -6.71
N SER A 171 -23.45 -7.14 -6.75
CA SER A 171 -22.14 -6.56 -6.48
C SER A 171 -21.31 -6.00 -7.64
N LYS A 172 -21.82 -6.03 -8.87
CA LYS A 172 -21.02 -5.56 -9.97
C LYS A 172 -21.54 -4.35 -10.74
N THR A 173 -22.62 -3.77 -10.24
CA THR A 173 -23.18 -2.58 -10.85
C THR A 173 -23.47 -1.64 -9.69
N ALA A 174 -23.45 -0.34 -9.96
CA ALA A 174 -23.68 0.64 -8.91
C ALA A 174 -25.08 0.71 -8.31
N ALA A 175 -25.12 1.12 -7.04
CA ALA A 175 -26.35 1.31 -6.30
C ALA A 175 -26.28 2.79 -5.92
N GLU A 176 -27.36 3.53 -6.16
CA GLU A 176 -27.37 4.95 -5.86
C GLU A 176 -28.57 5.39 -5.03
N TRP A 177 -28.37 6.42 -4.21
CA TRP A 177 -29.41 6.97 -3.35
C TRP A 177 -29.33 8.49 -3.30
N ASP A 178 -30.49 9.13 -3.38
CA ASP A 178 -30.56 10.59 -3.29
C ASP A 178 -30.52 10.87 -1.80
N ILE A 179 -29.44 11.49 -1.32
CA ILE A 179 -29.32 11.78 0.11
C ILE A 179 -29.53 13.25 0.47
N THR A 180 -30.05 14.03 -0.48
CA THR A 180 -30.29 15.45 -0.30
C THR A 180 -30.95 15.83 1.03
N ASP A 181 -32.14 15.27 1.29
CA ASP A 181 -32.89 15.58 2.50
C ASP A 181 -32.33 15.01 3.80
N VAL A 182 -31.23 14.26 3.72
CA VAL A 182 -30.65 13.67 4.92
C VAL A 182 -29.33 14.35 5.30
N LEU A 183 -28.78 15.11 4.37
CA LEU A 183 -27.52 15.82 4.60
C LEU A 183 -27.68 16.91 5.64
N SER A 184 -26.59 17.25 6.32
CA SER A 184 -26.62 18.29 7.33
C SER A 184 -25.48 19.26 7.09
N GLU A 185 -25.56 20.41 7.74
CA GLU A 185 -24.53 21.42 7.61
C GLU A 185 -23.34 20.94 8.43
N GLY A 186 -22.16 20.97 7.83
CA GLY A 186 -20.98 20.53 8.54
C GLY A 186 -20.67 19.05 8.37
N GLU A 187 -20.24 18.43 9.46
CA GLU A 187 -19.86 17.02 9.46
C GLU A 187 -21.00 16.03 9.23
N ASN A 188 -20.84 15.21 8.19
CA ASN A 188 -21.82 14.18 7.84
C ASN A 188 -21.25 12.79 8.06
N VAL A 189 -22.12 11.81 8.20
CA VAL A 189 -21.68 10.45 8.44
C VAL A 189 -22.32 9.46 7.49
N VAL A 190 -21.50 8.57 6.93
CA VAL A 190 -21.98 7.54 6.03
C VAL A 190 -21.47 6.18 6.52
N ALA A 191 -22.36 5.21 6.60
CA ALA A 191 -22.01 3.90 7.08
C ALA A 191 -22.58 2.76 6.25
N LEU A 192 -21.77 1.73 6.02
CA LEU A 192 -22.21 0.56 5.27
C LEU A 192 -21.96 -0.69 6.11
N GLU A 193 -22.99 -1.53 6.23
CA GLU A 193 -22.86 -2.77 6.98
C GLU A 193 -22.87 -3.88 5.92
N VAL A 194 -21.68 -4.38 5.59
CA VAL A 194 -21.53 -5.39 4.54
C VAL A 194 -21.49 -6.84 5.03
N TYR A 195 -22.27 -7.68 4.35
CA TYR A 195 -22.35 -9.10 4.66
C TYR A 195 -21.63 -9.92 3.58
N ARG A 196 -20.82 -10.87 4.02
CA ARG A 196 -20.08 -11.72 3.07
C ARG A 196 -21.04 -12.50 2.17
N TRP A 197 -22.03 -13.15 2.77
CA TRP A 197 -22.99 -13.92 1.99
C TRP A 197 -24.40 -13.37 2.09
N SER A 198 -25.20 -13.65 1.07
CA SER A 198 -26.60 -13.22 1.00
C SER A 198 -27.21 -14.02 -0.12
N SER A 199 -28.53 -13.92 -0.28
CA SER A 199 -29.23 -14.63 -1.35
C SER A 199 -28.58 -14.35 -2.70
N GLY A 200 -28.23 -13.08 -2.91
CA GLY A 200 -27.61 -12.67 -4.15
C GLY A 200 -26.38 -13.48 -4.51
N ALA A 201 -25.74 -14.08 -3.49
CA ALA A 201 -24.54 -14.89 -3.70
C ALA A 201 -24.81 -16.14 -4.53
N TYR A 202 -26.06 -16.63 -4.51
CA TYR A 202 -26.38 -17.81 -5.32
C TYR A 202 -26.25 -17.50 -6.81
N LEU A 203 -26.26 -16.21 -7.15
CA LEU A 203 -26.12 -15.81 -8.55
C LEU A 203 -24.72 -15.28 -8.85
N GLU A 204 -23.81 -15.43 -7.89
CA GLU A 204 -22.44 -14.95 -8.06
C GLU A 204 -21.47 -16.08 -7.77
N CYS A 205 -21.71 -17.19 -8.45
CA CYS A 205 -20.92 -18.39 -8.29
C CYS A 205 -19.89 -18.53 -9.41
N GLN A 206 -19.30 -17.42 -9.83
CA GLN A 206 -18.28 -17.43 -10.88
C GLN A 206 -17.03 -18.20 -10.44
N ASP A 207 -16.30 -18.74 -11.41
CA ASP A 207 -15.08 -19.47 -11.12
C ASP A 207 -14.03 -18.42 -10.80
N MSE A 208 -14.00 -17.97 -9.55
CA MSE A 208 -13.07 -16.93 -9.14
C MSE A 208 -12.98 -16.86 -7.62
O MSE A 208 -13.76 -17.50 -6.92
CB MSE A 208 -13.56 -15.58 -9.64
CG MSE A 208 -14.93 -15.19 -9.07
SE MSE A 208 -15.53 -13.41 -9.65
CE MSE A 208 -17.09 -13.14 -8.58
N TRP A 209 -12.04 -16.06 -7.13
CA TRP A 209 -11.88 -15.87 -5.69
C TRP A 209 -13.17 -15.32 -5.15
N ARG A 210 -13.59 -15.84 -4.00
CA ARG A 210 -14.82 -15.41 -3.35
C ARG A 210 -14.38 -14.47 -2.24
N LEU A 211 -14.58 -13.18 -2.45
CA LEU A 211 -14.14 -12.17 -1.50
C LEU A 211 -15.27 -11.32 -0.91
N SER A 212 -14.90 -10.31 -0.11
CA SER A 212 -15.88 -9.47 0.55
C SER A 212 -15.49 -7.99 0.63
N GLY A 213 -16.46 -7.15 1.00
CA GLY A 213 -16.21 -5.73 1.15
C GLY A 213 -16.56 -4.82 0.00
N ILE A 214 -16.17 -3.55 0.15
CA ILE A 214 -16.41 -2.52 -0.85
C ILE A 214 -15.34 -2.70 -1.93
N GLU A 215 -15.74 -3.17 -3.10
CA GLU A 215 -14.81 -3.43 -4.19
C GLU A 215 -14.51 -2.26 -5.11
N ARG A 216 -15.46 -1.37 -5.29
CA ARG A 216 -15.24 -0.24 -6.18
C ARG A 216 -15.48 1.11 -5.52
N ASP A 217 -15.14 2.17 -6.26
CA ASP A 217 -15.28 3.54 -5.78
C ASP A 217 -16.61 3.85 -5.12
N VAL A 218 -16.54 4.73 -4.13
CA VAL A 218 -17.72 5.21 -3.44
C VAL A 218 -17.57 6.72 -3.59
N TYR A 219 -18.61 7.41 -4.07
CA TYR A 219 -18.50 8.85 -4.23
C TYR A 219 -19.82 9.61 -4.15
N LEU A 220 -19.71 10.93 -4.18
CA LEU A 220 -20.87 11.81 -4.16
C LEU A 220 -20.84 12.64 -5.43
N TYR A 221 -22.00 12.99 -5.96
CA TYR A 221 -22.06 13.87 -7.10
C TYR A 221 -23.29 14.75 -6.92
N SER A 222 -23.18 15.98 -7.37
CA SER A 222 -24.26 16.94 -7.19
C SER A 222 -24.84 17.47 -8.49
N THR A 223 -26.17 17.55 -8.53
CA THR A 223 -26.89 18.05 -9.68
C THR A 223 -27.96 19.02 -9.18
N PRO A 224 -28.57 19.80 -10.09
CA PRO A 224 -29.61 20.73 -9.63
C PRO A 224 -30.85 19.90 -9.30
N LYS A 225 -31.91 20.52 -8.78
CA LYS A 225 -33.13 19.79 -8.44
C LYS A 225 -33.79 19.14 -9.66
N GLN A 226 -33.72 19.81 -10.82
CA GLN A 226 -34.25 19.21 -12.04
C GLN A 226 -32.96 18.87 -12.75
N TYR A 227 -32.79 17.61 -13.11
CA TYR A 227 -31.54 17.17 -13.72
C TYR A 227 -31.73 16.16 -14.84
N ILE A 228 -30.61 15.81 -15.48
CA ILE A 228 -30.63 14.82 -16.55
C ILE A 228 -30.45 13.47 -15.84
N ALA A 229 -31.51 12.67 -15.82
CA ALA A 229 -31.48 11.37 -15.15
C ALA A 229 -31.04 10.19 -16.01
N ASP A 230 -31.18 10.31 -17.33
CA ASP A 230 -30.81 9.21 -18.21
C ASP A 230 -30.96 9.61 -19.68
N TYR A 231 -30.28 8.89 -20.56
CA TYR A 231 -30.39 9.17 -21.98
C TYR A 231 -29.89 7.98 -22.82
N LYS A 232 -30.56 7.74 -23.93
CA LYS A 232 -30.23 6.62 -24.79
C LYS A 232 -29.77 7.10 -26.16
N VAL A 233 -28.57 6.67 -26.55
CA VAL A 233 -28.00 7.05 -27.83
C VAL A 233 -28.09 5.91 -28.84
N SER A 234 -28.28 6.29 -30.10
CA SER A 234 -28.34 5.35 -31.20
C SER A 234 -27.58 6.01 -32.34
N ALA A 235 -26.36 5.53 -32.60
CA ALA A 235 -25.54 6.08 -33.66
C ALA A 235 -25.14 4.97 -34.62
N SER A 236 -25.98 4.75 -35.63
CA SER A 236 -25.71 3.70 -36.60
C SER A 236 -25.37 4.22 -37.98
N LEU A 237 -25.48 3.33 -38.96
CA LEU A 237 -25.20 3.66 -40.34
C LEU A 237 -26.38 3.17 -41.16
N ASP A 238 -26.50 3.66 -42.40
CA ASP A 238 -27.60 3.21 -43.25
C ASP A 238 -27.27 1.76 -43.61
N LYS A 239 -28.29 0.91 -43.65
CA LYS A 239 -28.10 -0.50 -43.93
C LYS A 239 -27.82 -0.86 -45.39
N GLU A 240 -27.88 0.13 -46.28
CA GLU A 240 -27.61 -0.14 -47.69
C GLU A 240 -26.12 -0.09 -47.97
N LYS A 241 -25.49 1.04 -47.69
CA LYS A 241 -24.06 1.20 -47.94
C LYS A 241 -23.19 1.42 -46.70
N TYR A 242 -23.82 1.41 -45.52
CA TYR A 242 -23.08 1.59 -44.28
C TYR A 242 -22.11 2.78 -44.30
N LYS A 243 -22.54 3.92 -44.82
CA LYS A 243 -21.68 5.09 -44.88
C LYS A 243 -22.29 6.31 -44.20
N GLU A 244 -23.61 6.41 -44.24
CA GLU A 244 -24.31 7.53 -43.63
C GLU A 244 -24.66 7.26 -42.18
N GLY A 245 -24.24 8.15 -41.28
CA GLY A 245 -24.54 7.97 -39.88
C GLY A 245 -25.99 8.34 -39.57
N ILE A 246 -26.63 7.56 -38.73
CA ILE A 246 -28.01 7.82 -38.33
C ILE A 246 -27.99 8.08 -36.82
N PHE A 247 -28.20 9.33 -36.44
CA PHE A 247 -28.18 9.72 -35.03
C PHE A 247 -29.57 9.91 -34.43
N ASN A 248 -29.83 9.20 -33.34
CA ASN A 248 -31.09 9.29 -32.62
C ASN A 248 -30.78 9.49 -31.16
N LEU A 249 -31.54 10.34 -30.49
CA LEU A 249 -31.31 10.61 -29.07
C LEU A 249 -32.60 10.79 -28.26
N GLU A 250 -32.58 10.27 -27.04
CA GLU A 250 -33.71 10.37 -26.12
C GLU A 250 -33.14 10.74 -24.76
N VAL A 251 -33.78 11.70 -24.09
CA VAL A 251 -33.31 12.12 -22.78
C VAL A 251 -34.43 12.13 -21.76
N THR A 252 -34.10 11.79 -20.52
CA THR A 252 -35.07 11.81 -19.46
C THR A 252 -34.64 12.83 -18.41
N VAL A 253 -35.48 13.82 -18.18
CA VAL A 253 -35.20 14.83 -17.18
C VAL A 253 -36.10 14.51 -16.00
N GLU A 254 -35.56 14.60 -14.78
CA GLU A 254 -36.35 14.31 -13.59
C GLU A 254 -36.16 15.45 -12.58
N GLY A 255 -37.07 15.52 -11.61
CA GLY A 255 -36.99 16.57 -10.60
C GLY A 255 -38.05 17.63 -10.81
N PRO A 256 -38.54 18.27 -9.73
CA PRO A 256 -39.57 19.31 -9.85
C PRO A 256 -39.07 20.61 -10.48
N SER A 257 -39.97 21.28 -11.19
CA SER A 257 -39.67 22.54 -11.85
C SER A 257 -40.98 23.27 -12.16
N ALA A 258 -41.19 24.42 -11.52
CA ALA A 258 -42.41 25.20 -11.71
C ALA A 258 -42.34 26.08 -12.95
N THR A 259 -41.14 26.48 -13.34
CA THR A 259 -40.96 27.33 -14.51
C THR A 259 -40.54 26.51 -15.73
N ALA A 260 -40.33 27.18 -16.85
CA ALA A 260 -39.94 26.52 -18.08
C ALA A 260 -38.43 26.24 -18.11
N SER A 261 -38.03 25.36 -19.03
CA SER A 261 -36.62 25.00 -19.18
C SER A 261 -36.49 24.24 -20.49
N SER A 262 -35.27 23.90 -20.86
CA SER A 262 -35.06 23.16 -22.10
C SER A 262 -33.84 22.27 -22.03
N ILE A 263 -33.75 21.34 -22.97
CA ILE A 263 -32.63 20.41 -23.04
C ILE A 263 -32.11 20.49 -24.46
N ALA A 264 -30.83 20.82 -24.60
CA ALA A 264 -30.20 20.96 -25.91
C ALA A 264 -28.99 20.04 -26.00
N TYR A 265 -28.62 19.66 -27.22
CA TYR A 265 -27.46 18.80 -27.41
C TYR A 265 -26.63 19.27 -28.58
N THR A 266 -25.33 18.98 -28.51
CA THR A 266 -24.39 19.33 -29.57
C THR A 266 -23.46 18.15 -29.75
N LEU A 267 -23.38 17.62 -30.97
CA LEU A 267 -22.50 16.50 -31.27
C LEU A 267 -21.26 17.08 -31.94
N LYS A 268 -20.10 16.97 -31.27
CA LYS A 268 -18.86 17.52 -31.81
C LYS A 268 -17.91 16.43 -32.33
N ASP A 269 -17.10 16.79 -33.32
CA ASP A 269 -16.12 15.85 -33.86
C ASP A 269 -14.88 15.96 -32.99
N ALA A 270 -13.86 15.17 -33.28
CA ALA A 270 -12.64 15.21 -32.49
C ALA A 270 -12.03 16.61 -32.52
N SER A 271 -12.21 17.29 -33.63
CA SER A 271 -11.70 18.65 -33.82
C SER A 271 -12.32 19.64 -32.85
N GLY A 272 -13.62 19.49 -32.61
CA GLY A 272 -14.31 20.39 -31.71
C GLY A 272 -15.47 21.08 -32.40
N LYS A 273 -15.59 20.86 -33.71
CA LYS A 273 -16.66 21.44 -34.50
C LYS A 273 -17.99 20.72 -34.31
N ALA A 274 -19.03 21.50 -34.05
CA ALA A 274 -20.37 20.96 -33.89
C ALA A 274 -20.80 20.42 -35.24
N VAL A 275 -21.44 19.25 -35.23
CA VAL A 275 -21.90 18.64 -36.46
C VAL A 275 -23.41 18.44 -36.40
N LEU A 276 -23.92 18.23 -35.18
CA LEU A 276 -25.35 18.06 -34.97
C LEU A 276 -25.74 18.87 -33.76
N GLN A 277 -26.89 19.51 -33.82
CA GLN A 277 -27.35 20.34 -32.71
C GLN A 277 -28.88 20.43 -32.77
N ASP A 278 -29.50 20.51 -31.60
CA ASP A 278 -30.96 20.60 -31.52
C ASP A 278 -31.33 20.92 -30.09
N ALA A 279 -32.58 21.27 -29.85
CA ALA A 279 -33.04 21.60 -28.52
C ALA A 279 -34.56 21.53 -28.45
N ILE A 280 -35.07 21.14 -27.30
CA ILE A 280 -36.51 21.02 -27.09
C ILE A 280 -36.88 21.74 -25.80
N ASN A 281 -38.03 22.42 -25.81
CA ASN A 281 -38.49 23.12 -24.62
C ASN A 281 -39.34 22.17 -23.79
N ILE A 282 -39.29 22.33 -22.48
CA ILE A 282 -40.11 21.48 -21.61
C ILE A 282 -40.71 22.29 -20.47
N LYS A 283 -41.87 21.84 -20.01
CA LYS A 283 -42.59 22.48 -18.92
C LYS A 283 -43.58 21.44 -18.43
N SER A 284 -43.52 21.14 -17.14
CA SER A 284 -44.40 20.14 -16.56
C SER A 284 -44.39 20.22 -15.05
N ARG A 285 -45.51 19.83 -14.45
CA ARG A 285 -45.63 19.82 -13.01
C ARG A 285 -45.27 18.42 -12.52
N GLY A 286 -45.06 17.52 -13.48
CA GLY A 286 -44.70 16.15 -13.15
C GLY A 286 -43.26 16.13 -12.70
N LEU A 287 -42.74 14.95 -12.36
CA LEU A 287 -41.37 14.87 -11.90
C LEU A 287 -40.40 14.21 -12.90
N SER A 288 -40.86 14.03 -14.13
CA SER A 288 -40.00 13.46 -15.17
C SER A 288 -40.54 13.79 -16.55
N ASN A 289 -39.61 14.05 -17.47
CA ASN A 289 -39.93 14.38 -18.85
C ASN A 289 -39.13 13.50 -19.79
N PHE A 290 -39.82 12.83 -20.69
CA PHE A 290 -39.16 11.98 -21.68
C PHE A 290 -39.08 12.82 -22.97
N ILE A 291 -37.86 13.08 -23.43
CA ILE A 291 -37.65 13.89 -24.62
C ILE A 291 -37.03 13.09 -25.76
N ALA A 292 -37.73 13.02 -26.88
CA ALA A 292 -37.25 12.30 -28.06
C ALA A 292 -36.89 13.29 -29.16
N PHE A 293 -35.60 13.38 -29.47
CA PHE A 293 -35.14 14.30 -30.50
C PHE A 293 -35.34 13.75 -31.90
N ASP A 294 -35.50 14.65 -32.87
CA ASP A 294 -35.66 14.24 -34.25
C ASP A 294 -34.38 13.54 -34.69
N GLU A 295 -34.53 12.53 -35.53
CA GLU A 295 -33.40 11.78 -36.06
C GLU A 295 -32.60 12.66 -37.00
N LYS A 296 -31.28 12.58 -36.93
CA LYS A 296 -30.40 13.37 -37.79
C LYS A 296 -29.52 12.44 -38.60
N LYS A 297 -28.92 12.96 -39.67
CA LYS A 297 -28.04 12.17 -40.52
C LYS A 297 -26.70 12.86 -40.71
N ILE A 298 -25.66 12.06 -40.91
CA ILE A 298 -24.30 12.57 -41.16
C ILE A 298 -23.79 11.81 -42.38
N ALA A 299 -23.68 12.50 -43.51
CA ALA A 299 -23.17 11.86 -44.72
C ALA A 299 -21.68 11.68 -44.54
N GLU A 300 -21.16 10.55 -45.01
CA GLU A 300 -19.73 10.27 -44.89
C GLU A 300 -19.25 10.45 -43.44
N VAL A 301 -19.98 9.86 -42.50
CA VAL A 301 -19.63 9.96 -41.09
C VAL A 301 -18.33 9.21 -40.78
N LYS A 302 -17.57 9.72 -39.82
CA LYS A 302 -16.32 9.06 -39.42
C LYS A 302 -16.77 7.85 -38.60
N ALA A 303 -16.62 6.66 -39.17
CA ALA A 303 -17.05 5.43 -38.51
C ALA A 303 -16.13 4.98 -37.37
N TRP A 304 -16.72 4.24 -36.44
CA TRP A 304 -16.01 3.70 -35.30
C TRP A 304 -15.86 2.19 -35.46
N ASN A 305 -14.67 1.68 -35.21
CA ASN A 305 -14.39 0.25 -35.25
C ASN A 305 -13.09 0.03 -34.47
N ALA A 306 -12.74 -1.23 -34.21
CA ALA A 306 -11.55 -1.54 -33.42
C ALA A 306 -10.25 -0.98 -33.99
N GLU A 307 -10.15 -0.91 -35.31
CA GLU A 307 -8.94 -0.42 -35.96
C GLU A 307 -8.93 1.11 -36.00
N HIS A 308 -10.11 1.71 -36.16
CA HIS A 308 -10.22 3.16 -36.20
C HIS A 308 -11.34 3.56 -35.26
N PRO A 309 -11.02 3.81 -33.99
CA PRO A 309 -12.03 4.20 -32.99
C PRO A 309 -12.46 5.66 -32.99
N ASN A 310 -12.81 6.18 -34.17
CA ASN A 310 -13.25 7.57 -34.30
C ASN A 310 -14.43 7.83 -33.38
N LEU A 311 -14.28 8.85 -32.53
CA LEU A 311 -15.34 9.21 -31.59
C LEU A 311 -15.77 10.66 -31.70
N TYR A 312 -17.08 10.86 -31.59
CA TYR A 312 -17.68 12.20 -31.59
C TYR A 312 -18.02 12.41 -30.12
N THR A 313 -18.20 13.67 -29.71
CA THR A 313 -18.53 13.95 -28.33
C THR A 313 -19.93 14.54 -28.23
N LEU A 314 -20.76 13.91 -27.41
CA LEU A 314 -22.12 14.37 -27.19
C LEU A 314 -22.15 15.25 -25.94
N VAL A 315 -22.58 16.48 -26.10
CA VAL A 315 -22.66 17.41 -24.98
C VAL A 315 -24.13 17.77 -24.76
N LEU A 316 -24.65 17.40 -23.60
CA LEU A 316 -26.03 17.69 -23.27
C LEU A 316 -26.09 18.87 -22.30
N GLU A 317 -27.07 19.75 -22.47
CA GLU A 317 -27.21 20.90 -21.59
C GLU A 317 -28.65 21.13 -21.19
N LEU A 318 -28.88 21.25 -19.88
CA LEU A 318 -30.21 21.53 -19.35
C LEU A 318 -30.14 23.04 -19.07
N LYS A 319 -31.16 23.78 -19.49
CA LYS A 319 -31.12 25.24 -19.29
C LYS A 319 -32.34 25.87 -18.60
N ASP A 320 -32.13 27.05 -18.02
CA ASP A 320 -33.17 27.83 -17.35
C ASP A 320 -34.16 28.33 -18.38
N ALA A 321 -35.17 29.05 -17.91
CA ALA A 321 -36.18 29.64 -18.78
C ALA A 321 -35.52 30.85 -19.43
N GLN A 322 -34.40 31.29 -18.87
CA GLN A 322 -33.64 32.41 -19.40
C GLN A 322 -32.57 31.85 -20.31
N GLY A 323 -32.54 30.52 -20.43
CA GLY A 323 -31.55 29.88 -21.27
C GLY A 323 -30.19 29.69 -20.62
N LYS A 324 -30.12 29.81 -19.31
CA LYS A 324 -28.85 29.62 -18.61
C LYS A 324 -28.57 28.14 -18.35
N VAL A 325 -27.37 27.69 -18.65
CA VAL A 325 -27.01 26.29 -18.44
C VAL A 325 -26.95 25.96 -16.95
N THR A 326 -27.81 25.06 -16.50
CA THR A 326 -27.85 24.65 -15.09
C THR A 326 -27.14 23.30 -14.90
N GLU A 327 -26.99 22.55 -15.99
CA GLU A 327 -26.31 21.26 -15.94
C GLU A 327 -25.75 20.85 -17.28
N LEU A 328 -24.53 20.32 -17.25
CA LEU A 328 -23.86 19.87 -18.45
C LEU A 328 -23.31 18.45 -18.25
N THR A 329 -23.57 17.57 -19.20
CA THR A 329 -23.08 16.20 -19.12
C THR A 329 -23.03 15.60 -20.54
N GLY A 330 -22.54 14.36 -20.65
CA GLY A 330 -22.46 13.73 -21.96
C GLY A 330 -21.57 12.49 -22.02
N CYS A 331 -21.29 12.03 -23.24
CA CYS A 331 -20.48 10.83 -23.42
C CYS A 331 -19.88 10.80 -24.82
N GLU A 332 -19.05 9.80 -25.09
CA GLU A 332 -18.44 9.65 -26.41
C GLU A 332 -19.41 8.88 -27.28
N VAL A 333 -19.40 9.18 -28.58
CA VAL A 333 -20.31 8.51 -29.50
C VAL A 333 -19.54 7.90 -30.66
N GLY A 334 -19.84 6.64 -30.96
CA GLY A 334 -19.19 5.95 -32.06
C GLY A 334 -20.21 5.44 -33.05
N PHE A 335 -20.08 5.83 -34.31
CA PHE A 335 -21.00 5.40 -35.35
C PHE A 335 -20.57 4.06 -35.94
N ARG A 336 -21.41 3.04 -35.72
CA ARG A 336 -21.14 1.70 -36.23
C ARG A 336 -22.37 0.84 -36.03
N THR A 337 -22.42 -0.28 -36.72
CA THR A 337 -23.54 -1.18 -36.57
C THR A 337 -23.00 -2.55 -36.15
N SER A 338 -23.79 -3.23 -35.33
CA SER A 338 -23.43 -4.56 -34.85
C SER A 338 -24.65 -5.42 -35.15
N GLU A 339 -24.46 -6.48 -35.93
CA GLU A 339 -25.60 -7.31 -36.27
C GLU A 339 -25.23 -8.67 -36.81
N ILE A 340 -26.21 -9.56 -36.83
CA ILE A 340 -26.03 -10.88 -37.39
C ILE A 340 -26.81 -10.81 -38.69
N LYS A 341 -26.06 -10.72 -39.79
CA LYS A 341 -26.63 -10.61 -41.12
C LYS A 341 -26.33 -11.89 -41.91
N ASP A 342 -27.37 -12.51 -42.42
CA ASP A 342 -27.24 -13.74 -43.18
C ASP A 342 -26.42 -14.79 -42.43
N GLY A 343 -26.66 -14.90 -41.13
CA GLY A 343 -25.96 -15.88 -40.31
C GLY A 343 -24.57 -15.50 -39.86
N ARG A 344 -24.11 -14.31 -40.22
CA ARG A 344 -22.77 -13.88 -39.81
C ARG A 344 -22.75 -12.61 -38.98
N PHE A 345 -21.84 -12.58 -38.01
CA PHE A 345 -21.67 -11.41 -37.14
C PHE A 345 -20.95 -10.37 -37.97
N CYS A 346 -21.55 -9.19 -38.08
CA CYS A 346 -20.95 -8.13 -38.88
C CYS A 346 -20.85 -6.80 -38.16
N ILE A 347 -19.74 -6.13 -38.38
CA ILE A 347 -19.50 -4.80 -37.84
C ILE A 347 -19.59 -3.92 -39.08
N ASN A 348 -20.49 -2.94 -39.07
CA ASN A 348 -20.65 -2.04 -40.21
C ASN A 348 -20.80 -2.82 -41.52
N GLY A 349 -21.63 -3.86 -41.48
CA GLY A 349 -21.85 -4.67 -42.68
C GLY A 349 -20.70 -5.55 -43.14
N VAL A 350 -19.62 -5.59 -42.36
CA VAL A 350 -18.46 -6.40 -42.71
C VAL A 350 -18.30 -7.57 -41.72
N PRO A 351 -18.33 -8.81 -42.22
CA PRO A 351 -18.19 -9.93 -41.29
C PRO A 351 -16.80 -9.89 -40.69
N VAL A 352 -16.70 -10.03 -39.36
CA VAL A 352 -15.39 -9.97 -38.72
C VAL A 352 -15.01 -11.19 -37.91
N LEU A 353 -13.72 -11.51 -37.89
CA LEU A 353 -13.24 -12.63 -37.12
C LEU A 353 -13.06 -12.11 -35.70
N VAL A 354 -13.63 -12.83 -34.74
CA VAL A 354 -13.50 -12.43 -33.35
C VAL A 354 -12.22 -12.98 -32.76
N LYS A 355 -11.26 -12.10 -32.53
CA LYS A 355 -9.99 -12.49 -31.94
C LYS A 355 -10.00 -11.91 -30.53
N GLY A 356 -10.64 -12.62 -29.62
CA GLY A 356 -10.75 -12.10 -28.27
C GLY A 356 -10.21 -12.90 -27.11
N THR A 357 -10.55 -12.40 -25.92
CA THR A 357 -10.15 -13.01 -24.67
C THR A 357 -11.17 -12.64 -23.61
N ASN A 358 -11.34 -13.52 -22.64
CA ASN A 358 -12.23 -13.22 -21.53
C ASN A 358 -11.32 -12.46 -20.57
N ARG A 359 -11.91 -11.71 -19.67
CA ARG A 359 -11.12 -10.96 -18.70
C ARG A 359 -11.93 -10.73 -17.44
N HIS A 360 -11.33 -11.09 -16.31
CA HIS A 360 -11.92 -10.90 -15.01
C HIS A 360 -11.26 -9.65 -14.44
N GLU A 361 -11.87 -9.03 -13.46
CA GLU A 361 -11.23 -7.87 -12.83
C GLU A 361 -10.42 -8.48 -11.70
N HIS A 362 -9.10 -8.30 -11.75
CA HIS A 362 -8.20 -8.85 -10.73
C HIS A 362 -6.90 -8.08 -10.53
N SER A 363 -6.53 -7.90 -9.26
CA SER A 363 -5.29 -7.23 -8.87
C SER A 363 -4.98 -7.74 -7.47
N GLN A 364 -3.87 -7.32 -6.89
CA GLN A 364 -3.51 -7.76 -5.55
C GLN A 364 -4.48 -7.23 -4.48
N LEU A 365 -5.28 -6.23 -4.81
CA LEU A 365 -6.25 -5.69 -3.85
C LEU A 365 -7.54 -6.50 -3.90
N GLY A 366 -7.60 -7.42 -4.84
CA GLY A 366 -8.79 -8.24 -5.00
C GLY A 366 -9.51 -7.93 -6.30
N ARG A 367 -10.82 -7.74 -6.22
CA ARG A 367 -11.65 -7.44 -7.38
C ARG A 367 -11.44 -5.99 -7.83
N THR A 368 -10.84 -5.19 -6.96
CA THR A 368 -10.55 -3.77 -7.25
C THR A 368 -9.43 -3.66 -8.27
N VAL A 369 -9.65 -2.91 -9.33
CA VAL A 369 -8.63 -2.75 -10.37
C VAL A 369 -8.37 -1.26 -10.63
N SER A 370 -7.11 -0.85 -10.55
CA SER A 370 -6.70 0.54 -10.77
C SER A 370 -6.69 0.97 -12.25
N LYS A 371 -6.69 2.28 -12.47
CA LYS A 371 -6.68 2.83 -13.83
C LYS A 371 -5.42 2.40 -14.56
N GLU A 372 -4.30 2.34 -13.84
CA GLU A 372 -3.04 1.94 -14.43
C GLU A 372 -3.08 0.49 -14.92
N LEU A 373 -3.69 -0.39 -14.13
CA LEU A 373 -3.80 -1.80 -14.54
C LEU A 373 -4.79 -1.94 -15.69
N MSE A 374 -5.86 -1.16 -15.66
CA MSE A 374 -6.83 -1.23 -16.75
C MSE A 374 -6.20 -0.79 -18.06
O MSE A 374 -6.41 -1.39 -19.12
CB MSE A 374 -8.07 -0.40 -16.43
CG MSE A 374 -8.95 -1.07 -15.42
SE MSE A 374 -10.66 -0.24 -15.27
CE MSE A 374 -10.38 0.73 -13.62
N GLU A 375 -5.37 0.25 -17.99
CA GLU A 375 -4.68 0.76 -19.17
C GLU A 375 -3.65 -0.23 -19.70
N GLN A 376 -2.96 -0.90 -18.79
CA GLN A 376 -1.96 -1.88 -19.18
C GLN A 376 -2.66 -3.08 -19.83
N ASP A 377 -3.80 -3.49 -19.28
CA ASP A 377 -4.53 -4.62 -19.85
C ASP A 377 -4.88 -4.34 -21.31
N ILE A 378 -5.47 -3.19 -21.59
CA ILE A 378 -5.85 -2.88 -22.95
C ILE A 378 -4.65 -2.64 -23.88
N ARG A 379 -3.57 -2.09 -23.34
CA ARG A 379 -2.36 -1.85 -24.13
C ARG A 379 -1.80 -3.19 -24.62
N LEU A 380 -1.66 -4.13 -23.71
CA LEU A 380 -1.14 -5.45 -24.05
C LEU A 380 -2.07 -6.16 -25.01
N MSE A 381 -3.37 -5.98 -24.81
CA MSE A 381 -4.34 -6.60 -25.70
C MSE A 381 -4.16 -6.11 -27.13
O MSE A 381 -4.02 -6.92 -28.05
CB MSE A 381 -5.77 -6.30 -25.19
CG MSE A 381 -6.21 -7.30 -24.17
SE MSE A 381 -7.96 -6.96 -23.47
CE MSE A 381 -7.65 -7.41 -21.62
N LYS A 382 -4.12 -4.80 -27.32
CA LYS A 382 -3.95 -4.23 -28.65
C LYS A 382 -2.61 -4.66 -29.24
N GLN A 383 -1.56 -4.64 -28.42
CA GLN A 383 -0.24 -5.03 -28.91
C GLN A 383 -0.19 -6.48 -29.34
N HIS A 384 -1.04 -7.33 -28.77
CA HIS A 384 -1.04 -8.74 -29.13
C HIS A 384 -2.15 -9.16 -30.09
N ASN A 385 -2.62 -8.17 -30.85
CA ASN A 385 -3.63 -8.37 -31.87
C ASN A 385 -4.98 -8.91 -31.42
N ILE A 386 -5.39 -8.56 -30.22
CA ILE A 386 -6.69 -8.96 -29.69
C ILE A 386 -7.65 -7.82 -30.05
N ASN A 387 -8.85 -8.14 -30.52
CA ASN A 387 -9.80 -7.09 -30.89
C ASN A 387 -11.14 -7.19 -30.15
N MSE A 388 -11.24 -8.18 -29.27
CA MSE A 388 -12.48 -8.36 -28.53
C MSE A 388 -12.25 -8.82 -27.09
O MSE A 388 -11.37 -9.63 -26.82
CB MSE A 388 -13.37 -9.39 -29.25
CG MSE A 388 -14.50 -9.97 -28.41
SE MSE A 388 -16.05 -8.84 -28.38
CE MSE A 388 -16.87 -9.35 -30.04
N VAL A 389 -13.04 -8.27 -26.18
CA VAL A 389 -12.94 -8.67 -24.79
C VAL A 389 -14.33 -9.02 -24.26
N ARG A 390 -14.41 -10.11 -23.52
CA ARG A 390 -15.67 -10.53 -22.91
C ARG A 390 -15.51 -10.23 -21.42
N ASN A 391 -16.42 -9.44 -20.86
CA ASN A 391 -16.35 -9.11 -19.45
C ASN A 391 -16.73 -10.32 -18.61
N SER A 392 -15.77 -11.22 -18.47
CA SER A 392 -15.92 -12.46 -17.73
C SER A 392 -16.88 -12.47 -16.56
N HIS A 393 -18.13 -12.77 -16.90
CA HIS A 393 -19.25 -12.94 -16.01
C HIS A 393 -19.78 -11.85 -15.09
N TYR A 394 -19.64 -10.59 -15.52
CA TYR A 394 -20.18 -9.43 -14.78
C TYR A 394 -19.75 -8.09 -15.37
N PRO A 395 -20.57 -7.05 -15.20
CA PRO A 395 -20.18 -5.75 -15.76
C PRO A 395 -18.90 -5.28 -15.05
N THR A 396 -18.10 -4.46 -15.73
CA THR A 396 -16.85 -3.96 -15.16
C THR A 396 -16.98 -2.52 -14.71
N HIS A 397 -15.91 -2.02 -14.09
CA HIS A 397 -15.87 -0.64 -13.64
C HIS A 397 -16.09 0.20 -14.89
N PRO A 398 -16.85 1.29 -14.77
CA PRO A 398 -17.11 2.14 -15.94
C PRO A 398 -15.88 2.62 -16.72
N TYR A 399 -14.74 2.78 -16.05
CA TYR A 399 -13.52 3.23 -16.71
C TYR A 399 -13.11 2.28 -17.84
N TRP A 400 -13.35 0.99 -17.64
CA TRP A 400 -12.99 -0.02 -18.65
C TRP A 400 -13.72 0.19 -19.98
N TYR A 401 -14.99 0.55 -19.92
CA TYR A 401 -15.79 0.78 -21.13
C TYR A 401 -15.25 2.01 -21.83
N GLN A 402 -14.87 3.01 -21.05
CA GLN A 402 -14.35 4.25 -21.60
C GLN A 402 -13.07 4.00 -22.38
N LEU A 403 -12.20 3.16 -21.82
CA LEU A 403 -10.95 2.84 -22.51
C LEU A 403 -11.20 2.11 -23.82
N CYS A 404 -12.11 1.13 -23.79
CA CYS A 404 -12.41 0.37 -25.00
C CYS A 404 -12.98 1.25 -26.10
N ASP A 405 -13.80 2.25 -25.72
CA ASP A 405 -14.37 3.18 -26.69
C ASP A 405 -13.22 3.97 -27.35
N ARG A 406 -12.33 4.49 -26.50
CA ARG A 406 -11.21 5.30 -26.94
C ARG A 406 -10.11 4.61 -27.75
N TYR A 407 -9.71 3.41 -27.36
CA TYR A 407 -8.64 2.73 -28.07
C TYR A 407 -9.10 1.67 -29.08
N GLY A 408 -10.40 1.44 -29.14
CA GLY A 408 -10.95 0.50 -30.10
C GLY A 408 -10.83 -0.98 -29.76
N LEU A 409 -11.79 -1.47 -29.01
CA LEU A 409 -11.82 -2.88 -28.63
C LEU A 409 -13.28 -3.27 -28.51
N TYR A 410 -13.70 -4.26 -29.30
CA TYR A 410 -15.08 -4.69 -29.21
C TYR A 410 -15.29 -5.28 -27.83
N MSE A 411 -16.54 -5.27 -27.36
CA MSE A 411 -16.86 -5.81 -26.05
C MSE A 411 -18.14 -6.66 -26.01
O MSE A 411 -19.12 -6.37 -26.70
CB MSE A 411 -17.07 -4.68 -25.03
CG MSE A 411 -15.97 -3.66 -24.93
SE MSE A 411 -16.46 -2.32 -23.63
CE MSE A 411 -15.70 -3.12 -22.03
N ILE A 412 -18.09 -7.72 -25.21
CA ILE A 412 -19.25 -8.56 -24.97
C ILE A 412 -19.46 -8.24 -23.48
N ASP A 413 -20.36 -7.32 -23.18
CA ASP A 413 -20.62 -6.98 -21.79
C ASP A 413 -21.49 -8.11 -21.28
N GLU A 414 -21.40 -8.43 -19.99
CA GLU A 414 -22.16 -9.56 -19.45
C GLU A 414 -22.82 -9.31 -18.09
N ALA A 415 -24.05 -9.80 -17.92
CA ALA A 415 -24.76 -9.64 -16.64
C ALA A 415 -24.11 -10.49 -15.54
N ASN A 416 -24.07 -9.93 -14.34
CA ASN A 416 -23.48 -10.60 -13.18
C ASN A 416 -24.41 -11.73 -12.72
N ILE A 417 -24.48 -12.80 -13.52
CA ILE A 417 -25.35 -13.93 -13.19
C ILE A 417 -24.70 -15.28 -13.48
N GLU A 418 -24.34 -15.99 -12.40
CA GLU A 418 -23.78 -17.32 -12.51
C GLU A 418 -24.18 -18.13 -11.26
N SER A 419 -25.01 -19.14 -11.48
CA SER A 419 -25.48 -20.00 -10.40
C SER A 419 -24.98 -21.42 -10.67
N HIS A 420 -23.71 -21.52 -11.02
CA HIS A 420 -23.08 -22.80 -11.33
C HIS A 420 -23.31 -23.87 -10.26
N GLY A 421 -23.21 -23.46 -8.99
CA GLY A 421 -23.38 -24.40 -7.89
C GLY A 421 -24.71 -25.13 -7.81
N MSE A 422 -25.77 -24.51 -8.31
CA MSE A 422 -27.09 -25.13 -8.26
C MSE A 422 -27.29 -26.13 -9.40
O MSE A 422 -28.27 -26.86 -9.43
CB MSE A 422 -28.21 -24.09 -8.27
CG MSE A 422 -28.26 -23.20 -7.02
SE MSE A 422 -28.20 -24.28 -5.41
CE MSE A 422 -29.71 -25.44 -5.73
N GLY A 423 -26.36 -26.14 -10.35
CA GLY A 423 -26.47 -27.05 -11.47
C GLY A 423 -27.42 -26.61 -12.56
N TYR A 424 -27.56 -27.43 -13.59
CA TYR A 424 -28.42 -27.10 -14.70
C TYR A 424 -29.65 -27.99 -14.74
N GLY A 425 -29.80 -28.83 -13.72
CA GLY A 425 -30.96 -29.71 -13.64
C GLY A 425 -32.21 -28.98 -13.22
N PRO A 426 -33.25 -29.69 -12.77
CA PRO A 426 -34.51 -29.05 -12.35
C PRO A 426 -34.37 -28.06 -11.18
N ALA A 427 -33.28 -28.15 -10.44
CA ALA A 427 -33.06 -27.24 -9.31
C ALA A 427 -32.36 -25.95 -9.75
N SER A 428 -32.07 -25.84 -11.04
CA SER A 428 -31.41 -24.65 -11.58
C SER A 428 -32.21 -23.38 -11.30
N LEU A 429 -31.54 -22.34 -10.83
CA LEU A 429 -32.23 -21.08 -10.52
C LEU A 429 -32.76 -20.39 -11.78
N ALA A 430 -32.42 -20.95 -12.94
CA ALA A 430 -32.88 -20.42 -14.21
C ALA A 430 -34.33 -20.85 -14.40
N LYS A 431 -34.69 -21.94 -13.73
CA LYS A 431 -36.04 -22.50 -13.82
C LYS A 431 -36.94 -22.12 -12.63
N ASP A 432 -36.36 -21.48 -11.62
CA ASP A 432 -37.12 -21.09 -10.43
C ASP A 432 -37.63 -19.66 -10.58
N SER A 433 -38.94 -19.54 -10.82
CA SER A 433 -39.56 -18.23 -11.00
C SER A 433 -39.40 -17.25 -9.84
N THR A 434 -39.21 -17.74 -8.62
CA THR A 434 -39.04 -16.84 -7.49
C THR A 434 -37.74 -16.05 -7.63
N TRP A 435 -36.88 -16.46 -8.56
CA TRP A 435 -35.62 -15.78 -8.80
C TRP A 435 -35.60 -14.83 -9.99
N LEU A 436 -36.75 -14.64 -10.62
CA LEU A 436 -36.86 -13.76 -11.79
C LEU A 436 -36.51 -12.32 -11.41
N THR A 437 -36.95 -11.87 -10.24
CA THR A 437 -36.66 -10.52 -9.79
C THR A 437 -35.15 -10.30 -9.81
N ALA A 438 -34.41 -11.24 -9.22
CA ALA A 438 -32.95 -11.15 -9.17
C ALA A 438 -32.32 -11.19 -10.56
N HIS A 439 -32.79 -12.09 -11.42
CA HIS A 439 -32.22 -12.17 -12.76
C HIS A 439 -32.48 -10.87 -13.54
N MSE A 440 -33.72 -10.40 -13.55
CA MSE A 440 -34.07 -9.18 -14.27
C MSE A 440 -33.33 -7.95 -13.72
O MSE A 440 -32.87 -7.11 -14.49
CB MSE A 440 -35.60 -8.95 -14.22
CG MSE A 440 -36.12 -7.86 -15.18
SE MSE A 440 -35.88 -8.29 -17.05
CE MSE A 440 -37.03 -9.88 -17.16
N ASP A 441 -33.22 -7.86 -12.40
CA ASP A 441 -32.55 -6.72 -11.78
C ASP A 441 -31.10 -6.58 -12.31
N ARG A 442 -30.35 -7.67 -12.24
CA ARG A 442 -28.97 -7.67 -12.70
C ARG A 442 -28.87 -7.35 -14.19
N THR A 443 -29.85 -7.82 -14.96
CA THR A 443 -29.85 -7.58 -16.41
C THR A 443 -30.14 -6.11 -16.74
N HIS A 444 -31.10 -5.52 -16.02
CA HIS A 444 -31.46 -4.11 -16.21
C HIS A 444 -30.28 -3.21 -15.86
N ARG A 445 -29.63 -3.51 -14.75
CA ARG A 445 -28.49 -2.71 -14.32
C ARG A 445 -27.34 -2.78 -15.31
N MSE A 446 -27.06 -3.98 -15.82
CA MSE A 446 -25.99 -4.14 -16.80
C MSE A 446 -26.29 -3.24 -18.03
O MSE A 446 -25.44 -2.48 -18.49
CB MSE A 446 -25.92 -5.59 -17.28
CG MSE A 446 -25.00 -5.78 -18.48
SE MSE A 446 -25.53 -7.30 -19.58
CE MSE A 446 -27.18 -6.62 -20.28
N TYR A 447 -27.50 -3.37 -18.53
CA TYR A 447 -27.95 -2.65 -19.71
C TYR A 447 -27.97 -1.13 -19.62
N GLU A 448 -28.79 -0.59 -18.72
CA GLU A 448 -28.93 0.86 -18.58
C GLU A 448 -27.62 1.63 -18.37
N ARG A 449 -26.74 1.11 -17.53
CA ARG A 449 -25.47 1.79 -17.21
C ARG A 449 -24.47 1.89 -18.37
N SER A 450 -24.57 0.99 -19.35
CA SER A 450 -23.60 1.00 -20.46
C SER A 450 -24.18 0.96 -21.87
N LYS A 451 -25.50 1.08 -22.00
CA LYS A 451 -26.17 1.04 -23.31
C LYS A 451 -25.61 1.96 -24.41
N ASN A 452 -25.00 3.07 -24.02
CA ASN A 452 -24.49 4.02 -25.02
C ASN A 452 -23.05 3.84 -25.47
N HIS A 453 -22.35 2.86 -24.92
CA HIS A 453 -20.96 2.63 -25.30
C HIS A 453 -20.82 1.95 -26.67
N PRO A 454 -20.20 2.63 -27.64
CA PRO A 454 -20.02 2.03 -28.96
C PRO A 454 -19.15 0.78 -28.95
N ALA A 455 -18.26 0.66 -27.97
CA ALA A 455 -17.38 -0.51 -27.90
C ALA A 455 -18.16 -1.79 -27.66
N ILE A 456 -19.25 -1.69 -26.90
CA ILE A 456 -20.07 -2.85 -26.61
C ILE A 456 -20.81 -3.24 -27.90
N VAL A 457 -20.56 -4.45 -28.40
CA VAL A 457 -21.21 -4.90 -29.62
C VAL A 457 -22.15 -6.08 -29.37
N ILE A 458 -21.97 -6.75 -28.24
CA ILE A 458 -22.80 -7.89 -27.88
C ILE A 458 -23.15 -7.88 -26.40
N TRP A 459 -24.41 -8.19 -26.10
CA TRP A 459 -24.84 -8.29 -24.72
C TRP A 459 -24.85 -9.78 -24.40
N SER A 460 -24.31 -10.16 -23.24
CA SER A 460 -24.34 -11.55 -22.79
C SER A 460 -25.18 -11.58 -21.52
N GLN A 461 -26.16 -12.48 -21.47
CA GLN A 461 -27.07 -12.57 -20.33
C GLN A 461 -26.50 -13.15 -19.05
N GLY A 462 -25.33 -13.76 -19.12
CA GLY A 462 -24.74 -14.32 -17.92
C GLY A 462 -23.87 -15.51 -18.26
N ASN A 463 -23.59 -16.35 -17.26
CA ASN A 463 -22.75 -17.51 -17.49
C ASN A 463 -23.14 -18.74 -16.66
N GLU A 464 -23.13 -19.88 -17.36
CA GLU A 464 -23.46 -21.19 -16.80
C GLU A 464 -24.31 -21.09 -15.54
N ALA A 465 -25.51 -20.59 -15.75
CA ALA A 465 -26.52 -20.38 -14.73
C ALA A 465 -27.75 -21.19 -15.14
N GLY A 466 -27.55 -22.13 -16.08
CA GLY A 466 -28.65 -22.94 -16.55
C GLY A 466 -29.51 -22.23 -17.57
N ASN A 467 -30.51 -22.94 -18.10
CA ASN A 467 -31.42 -22.35 -19.07
C ASN A 467 -32.85 -22.64 -18.69
N GLY A 468 -33.74 -21.72 -19.03
CA GLY A 468 -35.14 -21.89 -18.68
C GLY A 468 -35.91 -20.58 -18.74
N ILE A 469 -37.07 -20.56 -18.11
CA ILE A 469 -37.93 -19.39 -18.10
C ILE A 469 -37.29 -18.03 -17.74
N ASN A 470 -36.44 -18.00 -16.72
CA ASN A 470 -35.82 -16.74 -16.32
C ASN A 470 -34.95 -16.11 -17.42
N PHE A 471 -34.21 -16.94 -18.15
CA PHE A 471 -33.36 -16.43 -19.22
C PHE A 471 -34.15 -16.19 -20.49
N GLU A 472 -35.32 -16.81 -20.58
CA GLU A 472 -36.19 -16.59 -21.73
C GLU A 472 -36.79 -15.19 -21.53
N ARG A 473 -37.15 -14.88 -20.28
CA ARG A 473 -37.73 -13.58 -19.97
C ARG A 473 -36.71 -12.42 -20.04
N THR A 474 -35.50 -12.62 -19.51
CA THR A 474 -34.51 -11.55 -19.59
C THR A 474 -34.05 -11.37 -21.03
N TYR A 475 -34.13 -12.44 -21.83
CA TYR A 475 -33.73 -12.37 -23.23
C TYR A 475 -34.78 -11.53 -23.95
N ASP A 476 -36.05 -11.85 -23.71
CA ASP A 476 -37.15 -11.13 -24.34
C ASP A 476 -37.06 -9.64 -23.99
N TRP A 477 -36.79 -9.33 -22.73
CA TRP A 477 -36.69 -7.93 -22.33
C TRP A 477 -35.59 -7.22 -23.10
N LEU A 478 -34.41 -7.83 -23.15
CA LEU A 478 -33.28 -7.26 -23.87
C LEU A 478 -33.60 -7.01 -25.34
N LYS A 479 -34.27 -7.97 -25.98
CA LYS A 479 -34.63 -7.79 -27.38
C LYS A 479 -35.61 -6.63 -27.55
N SER A 480 -36.42 -6.37 -26.53
CA SER A 480 -37.41 -5.30 -26.62
C SER A 480 -36.77 -3.91 -26.51
N VAL A 481 -35.67 -3.78 -25.78
CA VAL A 481 -35.02 -2.47 -25.65
C VAL A 481 -33.82 -2.27 -26.57
N GLU A 482 -33.20 -3.36 -27.00
CA GLU A 482 -32.02 -3.29 -27.84
C GLU A 482 -32.25 -3.76 -29.28
N LYS A 483 -32.21 -2.82 -30.23
CA LYS A 483 -32.41 -3.15 -31.65
C LYS A 483 -31.12 -2.98 -32.44
N GLY A 484 -30.01 -2.73 -31.75
CA GLY A 484 -28.74 -2.54 -32.43
C GLY A 484 -27.58 -3.38 -31.95
N ARG A 485 -27.89 -4.45 -31.21
CA ARG A 485 -26.85 -5.35 -30.68
C ARG A 485 -27.38 -6.77 -30.49
N PRO A 486 -26.62 -7.77 -30.94
CA PRO A 486 -27.07 -9.16 -30.75
C PRO A 486 -27.02 -9.48 -29.25
N VAL A 487 -27.84 -10.44 -28.82
CA VAL A 487 -27.91 -10.86 -27.42
C VAL A 487 -27.64 -12.36 -27.39
N GLN A 488 -26.61 -12.78 -26.63
CA GLN A 488 -26.23 -14.19 -26.55
C GLN A 488 -26.19 -14.75 -25.14
N TYR A 489 -26.20 -16.08 -25.06
CA TYR A 489 -26.13 -16.80 -23.79
C TYR A 489 -25.72 -18.24 -24.08
N GLU A 490 -24.57 -18.63 -23.55
CA GLU A 490 -24.00 -19.96 -23.77
C GLU A 490 -24.89 -21.14 -23.35
N ARG A 491 -25.56 -21.06 -22.20
CA ARG A 491 -26.40 -22.19 -21.76
C ARG A 491 -27.71 -22.34 -22.53
N ALA A 492 -28.03 -21.38 -23.39
CA ALA A 492 -29.25 -21.48 -24.18
C ALA A 492 -28.94 -22.37 -25.39
N GLU A 493 -27.66 -22.65 -25.56
CA GLU A 493 -27.14 -23.45 -26.67
C GLU A 493 -27.92 -23.17 -27.95
N LEU A 494 -28.65 -24.13 -28.51
CA LEU A 494 -29.34 -23.74 -29.74
C LEU A 494 -30.80 -23.34 -29.67
N ASN A 495 -31.32 -23.13 -28.46
CA ASN A 495 -32.69 -22.69 -28.30
C ASN A 495 -32.80 -21.25 -28.82
N TYR A 496 -34.02 -20.77 -28.99
CA TYR A 496 -34.23 -19.43 -29.54
C TYR A 496 -33.56 -18.27 -28.81
N ASN A 497 -33.48 -18.35 -27.48
CA ASN A 497 -32.93 -17.26 -26.69
C ASN A 497 -31.43 -16.98 -26.66
N THR A 498 -30.88 -16.78 -27.85
CA THR A 498 -29.46 -16.43 -28.07
C THR A 498 -29.31 -16.15 -29.57
N ASP A 499 -28.64 -15.06 -29.91
CA ASP A 499 -28.46 -14.69 -31.32
C ASP A 499 -27.17 -15.21 -31.94
N ILE A 500 -26.30 -15.72 -31.09
CA ILE A 500 -25.00 -16.27 -31.51
C ILE A 500 -24.86 -17.63 -30.84
N TYR A 501 -24.36 -18.62 -31.56
CA TYR A 501 -24.12 -19.94 -30.97
C TYR A 501 -22.72 -19.81 -30.37
N CYS A 502 -22.62 -19.83 -29.04
CA CYS A 502 -21.31 -19.65 -28.42
C CYS A 502 -20.79 -20.78 -27.53
N ARG A 503 -21.33 -21.98 -27.71
CA ARG A 503 -20.96 -23.18 -26.95
C ARG A 503 -19.46 -23.23 -26.66
N MSE A 504 -19.11 -23.13 -25.38
CA MSE A 504 -17.70 -23.11 -24.94
C MSE A 504 -16.88 -24.38 -25.05
O MSE A 504 -17.39 -25.49 -24.91
CB MSE A 504 -17.65 -22.62 -23.48
CG MSE A 504 -18.50 -23.45 -22.51
SE MSE A 504 -18.29 -22.95 -20.61
CE MSE A 504 -19.02 -21.15 -20.63
N TYR A 505 -15.58 -24.19 -25.29
CA TYR A 505 -14.59 -25.26 -25.39
C TYR A 505 -14.81 -26.42 -26.39
N ARG A 506 -15.60 -26.19 -27.43
CA ARG A 506 -15.81 -27.24 -28.41
C ARG A 506 -14.54 -27.48 -29.24
N SER A 507 -14.35 -28.71 -29.70
CA SER A 507 -13.18 -29.06 -30.50
C SER A 507 -13.34 -28.56 -31.94
N VAL A 508 -12.29 -28.71 -32.73
CA VAL A 508 -12.31 -28.30 -34.12
C VAL A 508 -13.37 -29.10 -34.87
N ASP A 509 -13.41 -30.41 -34.61
CA ASP A 509 -14.39 -31.26 -35.26
C ASP A 509 -15.81 -30.86 -34.94
N GLU A 510 -16.06 -30.48 -33.69
CA GLU A 510 -17.41 -30.07 -33.30
C GLU A 510 -17.79 -28.75 -33.97
N ILE A 511 -16.81 -27.87 -34.18
CA ILE A 511 -17.06 -26.59 -34.85
C ILE A 511 -17.49 -26.89 -36.29
N LYS A 512 -16.79 -27.82 -36.92
CA LYS A 512 -17.06 -28.19 -38.30
C LYS A 512 -18.44 -28.82 -38.41
N ALA A 513 -18.77 -29.65 -37.42
CA ALA A 513 -20.06 -30.32 -37.40
C ALA A 513 -21.18 -29.29 -37.37
N TYR A 514 -20.99 -28.22 -36.60
CA TYR A 514 -22.03 -27.20 -36.51
C TYR A 514 -22.25 -26.44 -37.80
N VAL A 515 -21.18 -25.83 -38.30
CA VAL A 515 -21.26 -25.03 -39.52
C VAL A 515 -21.71 -25.87 -40.70
N GLY A 516 -21.60 -27.19 -40.59
CA GLY A 516 -22.01 -28.06 -41.67
C GLY A 516 -23.42 -28.59 -41.49
N LYS A 517 -24.14 -28.02 -40.52
CA LYS A 517 -25.52 -28.43 -40.23
C LYS A 517 -26.50 -27.61 -41.06
N LYS A 518 -27.59 -28.24 -41.48
CA LYS A 518 -28.61 -27.57 -42.30
C LYS A 518 -29.49 -26.59 -41.54
N ASP A 519 -29.84 -25.50 -42.21
CA ASP A 519 -30.72 -24.47 -41.67
C ASP A 519 -30.23 -23.66 -40.46
N ILE A 520 -28.93 -23.72 -40.15
CA ILE A 520 -28.42 -22.92 -39.04
C ILE A 520 -28.53 -21.46 -39.48
N TYR A 521 -28.84 -20.57 -38.54
CA TYR A 521 -28.99 -19.16 -38.87
C TYR A 521 -28.16 -18.24 -38.00
N ARG A 522 -27.30 -18.83 -37.18
CA ARG A 522 -26.44 -18.06 -36.28
C ARG A 522 -24.98 -18.50 -36.39
N PRO A 523 -24.06 -17.54 -36.28
CA PRO A 523 -22.64 -17.87 -36.37
C PRO A 523 -22.13 -18.53 -35.09
N PHE A 524 -21.07 -19.31 -35.23
CA PHE A 524 -20.46 -19.99 -34.09
C PHE A 524 -19.25 -19.16 -33.63
N ILE A 525 -19.38 -18.55 -32.47
CA ILE A 525 -18.31 -17.73 -31.89
C ILE A 525 -18.17 -18.21 -30.45
N LEU A 526 -17.10 -18.97 -30.19
CA LEU A 526 -16.84 -19.56 -28.87
C LEU A 526 -16.76 -18.54 -27.72
N CYS A 527 -17.65 -18.69 -26.75
CA CYS A 527 -17.70 -17.81 -25.58
C CYS A 527 -16.36 -17.96 -24.85
N GLU A 528 -15.88 -19.20 -24.78
CA GLU A 528 -14.61 -19.52 -24.13
C GLU A 528 -13.98 -20.66 -24.90
N TYR A 529 -12.67 -20.59 -25.13
CA TYR A 529 -11.94 -21.64 -25.83
C TYR A 529 -10.45 -21.48 -25.53
N LEU A 530 -9.67 -22.49 -25.87
CA LEU A 530 -8.21 -22.46 -25.64
C LEU A 530 -7.81 -22.15 -24.18
N HIS A 531 -8.26 -22.98 -23.24
CA HIS A 531 -7.96 -22.77 -21.83
C HIS A 531 -6.45 -22.56 -21.58
N ALA A 532 -6.10 -21.34 -21.18
CA ALA A 532 -4.70 -20.98 -20.96
C ALA A 532 -4.15 -21.21 -19.56
N MSE A 533 -4.42 -22.37 -18.99
CA MSE A 533 -3.91 -22.67 -17.67
C MSE A 533 -2.50 -23.25 -17.75
O MSE A 533 -2.28 -24.24 -18.46
CB MSE A 533 -4.83 -23.64 -16.94
CG MSE A 533 -4.35 -23.95 -15.56
SE MSE A 533 -5.79 -24.76 -14.63
CE MSE A 533 -4.86 -25.89 -13.34
N GLY A 534 -1.57 -22.63 -17.02
CA GLY A 534 -0.18 -23.07 -17.02
C GLY A 534 0.50 -23.00 -18.38
N ASN A 535 1.26 -24.04 -18.71
CA ASN A 535 1.96 -24.11 -20.00
C ASN A 535 0.88 -24.65 -20.93
N SER A 536 0.17 -23.77 -21.63
CA SER A 536 -0.93 -24.22 -22.45
C SER A 536 -1.08 -23.56 -23.83
N CYS A 537 -2.32 -23.56 -24.31
CA CYS A 537 -2.72 -22.98 -25.59
C CYS A 537 -2.23 -23.73 -26.83
N GLY A 538 -2.04 -25.04 -26.69
CA GLY A 538 -1.62 -25.83 -27.83
C GLY A 538 -2.82 -26.10 -28.72
N GLY A 539 -2.59 -26.29 -30.01
CA GLY A 539 -3.70 -26.56 -30.92
C GLY A 539 -4.43 -25.33 -31.42
N MSE A 540 -3.87 -24.14 -31.18
CA MSE A 540 -4.50 -22.91 -31.62
C MSE A 540 -4.58 -22.85 -33.14
O MSE A 540 -5.59 -22.41 -33.70
CB MSE A 540 -3.72 -21.69 -31.11
CG MSE A 540 -4.52 -20.42 -31.13
SE MSE A 540 -3.68 -18.85 -30.42
CE MSE A 540 -5.13 -17.61 -30.77
N LYS A 541 -3.53 -23.29 -33.81
CA LYS A 541 -3.49 -23.27 -35.26
C LYS A 541 -4.69 -23.98 -35.88
N GLU A 542 -5.01 -25.17 -35.39
CA GLU A 542 -6.13 -25.93 -35.91
C GLU A 542 -7.44 -25.16 -35.79
N TYR A 543 -7.61 -24.45 -34.68
CA TYR A 543 -8.81 -23.66 -34.46
C TYR A 543 -8.95 -22.56 -35.52
N TRP A 544 -7.89 -21.80 -35.73
CA TRP A 544 -7.97 -20.71 -36.68
C TRP A 544 -7.96 -21.04 -38.17
N GLU A 545 -7.56 -22.26 -38.53
CA GLU A 545 -7.59 -22.66 -39.93
C GLU A 545 -9.07 -22.83 -40.28
N VAL A 546 -9.87 -23.15 -39.26
CA VAL A 546 -11.30 -23.34 -39.46
C VAL A 546 -11.99 -21.98 -39.46
N PHE A 547 -11.64 -21.13 -38.49
CA PHE A 547 -12.24 -19.81 -38.40
C PHE A 547 -11.99 -18.99 -39.67
N GLU A 548 -10.81 -19.13 -40.24
CA GLU A 548 -10.45 -18.40 -41.44
C GLU A 548 -11.04 -18.99 -42.72
N ASN A 549 -11.50 -20.24 -42.66
CA ASN A 549 -12.06 -20.90 -43.82
C ASN A 549 -13.59 -20.99 -43.81
N GLU A 550 -14.19 -21.00 -42.62
CA GLU A 550 -15.66 -21.10 -42.51
C GLU A 550 -16.31 -19.76 -42.19
N PRO A 551 -17.16 -19.27 -43.11
CA PRO A 551 -17.84 -17.99 -42.90
C PRO A 551 -18.73 -17.89 -41.66
N MSE A 552 -19.25 -19.02 -41.20
CA MSE A 552 -20.10 -19.03 -40.01
C MSE A 552 -19.47 -19.59 -38.74
O MSE A 552 -20.15 -19.96 -37.79
CB MSE A 552 -21.42 -19.70 -40.34
CG MSE A 552 -22.27 -18.74 -41.14
SE MSE A 552 -23.92 -19.45 -41.70
CE MSE A 552 -24.92 -19.44 -40.01
N ALA A 553 -18.15 -19.62 -38.76
CA ALA A 553 -17.35 -20.06 -37.62
C ALA A 553 -16.41 -18.85 -37.53
N GLN A 554 -16.80 -17.87 -36.74
CA GLN A 554 -16.02 -16.64 -36.65
C GLN A 554 -15.04 -16.37 -35.50
N GLY A 555 -14.61 -17.43 -34.81
CA GLY A 555 -13.65 -17.24 -33.74
C GLY A 555 -14.19 -17.37 -32.33
N GLY A 556 -13.61 -16.61 -31.40
CA GLY A 556 -14.07 -16.66 -30.03
C GLY A 556 -13.15 -15.95 -29.06
N CYS A 557 -13.42 -16.13 -27.76
CA CYS A 557 -12.62 -15.50 -26.71
C CYS A 557 -11.85 -16.55 -25.91
N ILE A 558 -10.54 -16.38 -25.83
CA ILE A 558 -9.66 -17.29 -25.09
C ILE A 558 -10.03 -17.23 -23.62
N TRP A 559 -10.11 -18.37 -22.94
CA TRP A 559 -10.46 -18.27 -21.53
C TRP A 559 -9.33 -17.75 -20.66
N ASP A 560 -9.64 -16.55 -20.17
CA ASP A 560 -8.91 -15.67 -19.27
C ASP A 560 -7.63 -14.95 -19.67
N TRP A 561 -7.74 -13.64 -19.52
CA TRP A 561 -6.68 -12.71 -19.82
C TRP A 561 -5.57 -12.74 -18.77
N VAL A 562 -5.96 -12.64 -17.49
CA VAL A 562 -4.99 -12.58 -16.40
C VAL A 562 -5.23 -13.58 -15.27
N ASP A 563 -4.14 -14.20 -14.80
CA ASP A 563 -4.21 -15.19 -13.71
C ASP A 563 -4.76 -14.56 -12.44
N GLN A 564 -5.59 -15.30 -11.72
CA GLN A 564 -6.13 -14.80 -10.47
C GLN A 564 -5.29 -15.35 -9.32
N ASN A 565 -4.05 -14.89 -9.25
CA ASN A 565 -3.15 -15.31 -8.19
C ASN A 565 -2.75 -14.10 -7.36
N PHE A 566 -2.37 -14.35 -6.11
CA PHE A 566 -1.90 -13.30 -5.22
C PHE A 566 -0.44 -13.66 -4.97
N ARG A 567 0.39 -12.64 -4.77
CA ARG A 567 1.79 -12.88 -4.53
C ARG A 567 2.07 -12.78 -3.04
N GLU A 568 2.75 -13.78 -2.50
CA GLU A 568 3.11 -13.79 -1.08
C GLU A 568 4.61 -14.05 -0.99
N ILE A 569 5.18 -13.74 0.19
CA ILE A 569 6.60 -13.96 0.46
C ILE A 569 6.72 -14.90 1.67
N ASP A 570 7.53 -15.96 1.55
CA ASP A 570 7.68 -16.86 2.70
C ASP A 570 8.75 -16.39 3.69
N LYS A 571 8.92 -17.16 4.75
CA LYS A 571 9.88 -16.84 5.81
C LYS A 571 11.32 -16.65 5.33
N ASP A 572 11.65 -17.19 4.17
CA ASP A 572 13.01 -17.04 3.66
C ASP A 572 13.10 -15.94 2.61
N GLY A 573 12.02 -15.17 2.47
CA GLY A 573 12.00 -14.09 1.51
C GLY A 573 11.81 -14.56 0.07
N LYS A 574 11.27 -15.75 -0.11
CA LYS A 574 11.04 -16.29 -1.44
C LYS A 574 9.58 -16.08 -1.81
N TRP A 575 9.32 -15.45 -2.96
CA TRP A 575 7.95 -15.19 -3.37
C TRP A 575 7.35 -16.36 -4.10
N TYR A 576 6.02 -16.37 -4.20
CA TYR A 576 5.29 -17.42 -4.91
C TYR A 576 3.89 -16.94 -5.22
N TRP A 577 3.25 -17.55 -6.21
CA TRP A 577 1.88 -17.21 -6.58
C TRP A 577 0.98 -18.12 -5.75
N THR A 578 -0.15 -17.62 -5.30
CA THR A 578 -1.08 -18.42 -4.52
C THR A 578 -2.36 -18.75 -5.27
N TYR A 579 -2.99 -19.86 -4.88
CA TYR A 579 -4.23 -20.28 -5.48
C TYR A 579 -5.09 -20.98 -4.44
N GLY A 580 -6.14 -21.67 -4.87
CA GLY A 580 -7.03 -22.33 -3.94
C GLY A 580 -6.39 -23.09 -2.79
N GLY A 581 -6.94 -22.91 -1.58
CA GLY A 581 -6.43 -23.59 -0.40
C GLY A 581 -5.23 -22.96 0.27
N ASP A 582 -4.68 -21.89 -0.30
CA ASP A 582 -3.51 -21.26 0.28
C ASP A 582 -3.78 -20.31 1.45
N TYR A 583 -5.05 -20.13 1.80
CA TYR A 583 -5.40 -19.27 2.94
C TYR A 583 -6.41 -19.99 3.84
N GLY A 584 -6.28 -19.76 5.14
CA GLY A 584 -7.20 -20.37 6.08
C GLY A 584 -6.75 -21.72 6.60
N PRO A 585 -7.52 -22.33 7.52
CA PRO A 585 -7.15 -23.63 8.08
C PRO A 585 -7.37 -24.78 7.11
N GLU A 586 -6.89 -25.96 7.50
CA GLU A 586 -7.06 -27.16 6.67
C GLU A 586 -8.55 -27.42 6.52
N GLY A 587 -8.96 -27.90 5.35
CA GLY A 587 -10.37 -28.18 5.13
C GLY A 587 -11.10 -27.02 4.45
N ILE A 588 -10.47 -25.86 4.37
CA ILE A 588 -11.11 -24.72 3.72
C ILE A 588 -11.52 -25.07 2.29
N PRO A 589 -12.73 -24.67 1.87
CA PRO A 589 -13.15 -24.98 0.50
C PRO A 589 -12.08 -24.56 -0.51
N SER A 590 -11.82 -25.41 -1.49
CA SER A 590 -10.77 -25.11 -2.47
C SER A 590 -10.85 -25.88 -3.78
N PHE A 591 -10.38 -25.25 -4.85
CA PHE A 591 -10.31 -25.89 -6.15
C PHE A 591 -8.92 -25.67 -6.72
N GLY A 592 -7.95 -25.57 -5.82
CA GLY A 592 -6.56 -25.40 -6.21
C GLY A 592 -6.12 -24.33 -7.19
N ASN A 593 -5.17 -24.69 -8.05
CA ASN A 593 -4.57 -23.80 -9.04
C ASN A 593 -5.40 -23.49 -10.29
N PHE A 594 -6.68 -23.83 -10.27
CA PHE A 594 -7.52 -23.58 -11.44
C PHE A 594 -7.98 -22.12 -11.60
N CYS A 595 -7.54 -21.25 -10.71
CA CYS A 595 -7.90 -19.83 -10.77
C CYS A 595 -6.90 -19.07 -11.64
N GLY A 596 -5.80 -19.72 -12.01
CA GLY A 596 -4.81 -19.07 -12.86
C GLY A 596 -4.92 -19.63 -14.26
N ASN A 597 -5.61 -18.92 -15.14
CA ASN A 597 -5.78 -19.39 -16.52
C ASN A 597 -5.46 -18.30 -17.53
N GLY A 598 -4.69 -17.31 -17.10
CA GLY A 598 -4.41 -16.19 -17.98
C GLY A 598 -3.37 -16.29 -19.08
N LEU A 599 -3.42 -15.30 -19.97
CA LEU A 599 -2.48 -15.17 -21.07
C LEU A 599 -1.28 -14.43 -20.47
N VAL A 600 -1.51 -13.75 -19.34
CA VAL A 600 -0.45 -13.04 -18.62
C VAL A 600 -0.64 -13.36 -17.14
N ASN A 601 0.39 -13.13 -16.33
CA ASN A 601 0.29 -13.41 -14.90
C ASN A 601 -0.44 -12.26 -14.20
N ALA A 602 -0.64 -12.38 -12.90
CA ALA A 602 -1.36 -11.36 -12.15
C ALA A 602 -0.81 -9.95 -12.28
N VAL A 603 0.50 -9.81 -12.47
CA VAL A 603 1.08 -8.48 -12.59
C VAL A 603 1.30 -8.11 -14.05
N ARG A 604 0.50 -8.75 -14.90
CA ARG A 604 0.50 -8.50 -16.33
C ARG A 604 1.78 -8.80 -17.12
N GLU A 605 2.54 -9.79 -16.67
CA GLU A 605 3.73 -10.20 -17.39
C GLU A 605 3.24 -11.34 -18.26
N PRO A 606 3.41 -11.22 -19.58
CA PRO A 606 2.93 -12.27 -20.48
C PRO A 606 3.60 -13.65 -20.34
N HIS A 607 2.79 -14.69 -20.49
CA HIS A 607 3.29 -16.07 -20.44
C HIS A 607 3.71 -16.35 -21.89
N PRO A 608 4.56 -17.35 -22.11
CA PRO A 608 4.99 -17.63 -23.49
C PRO A 608 3.84 -17.86 -24.49
N HIS A 609 2.77 -18.52 -24.06
CA HIS A 609 1.70 -18.77 -25.00
C HIS A 609 1.00 -17.52 -25.52
N LEU A 610 1.13 -16.39 -24.83
CA LEU A 610 0.49 -15.18 -25.34
C LEU A 610 1.14 -14.80 -26.67
N LEU A 611 2.43 -15.06 -26.79
CA LEU A 611 3.14 -14.75 -28.02
C LEU A 611 2.64 -15.61 -29.18
N GLU A 612 2.14 -16.81 -28.88
CA GLU A 612 1.61 -17.67 -29.94
C GLU A 612 0.31 -17.02 -30.38
N VAL A 613 -0.44 -16.50 -29.40
CA VAL A 613 -1.70 -15.82 -29.66
C VAL A 613 -1.49 -14.58 -30.55
N LYS A 614 -0.41 -13.85 -30.30
CA LYS A 614 -0.10 -12.66 -31.10
C LYS A 614 0.10 -13.06 -32.56
N LYS A 615 0.82 -14.15 -32.78
CA LYS A 615 1.08 -14.64 -34.14
C LYS A 615 -0.17 -15.14 -34.83
N ILE A 616 -0.97 -15.95 -34.14
CA ILE A 616 -2.19 -16.48 -34.74
C ILE A 616 -3.25 -15.40 -34.95
N TYR A 617 -3.28 -14.41 -34.07
CA TYR A 617 -4.26 -13.34 -34.19
C TYR A 617 -3.84 -12.20 -35.13
N GLN A 618 -2.58 -12.20 -35.60
CA GLN A 618 -2.14 -11.11 -36.47
C GLN A 618 -3.03 -10.97 -37.69
N ASN A 619 -3.15 -9.74 -38.17
CA ASN A 619 -4.01 -9.45 -39.30
C ASN A 619 -3.36 -9.35 -40.68
N ILE A 620 -2.08 -9.71 -40.75
CA ILE A 620 -1.36 -9.70 -42.02
C ILE A 620 -0.68 -11.05 -42.16
N LYS A 621 -1.28 -11.95 -42.93
CA LYS A 621 -0.73 -13.28 -43.11
C LYS A 621 -0.28 -13.61 -44.53
N ALA A 622 0.96 -14.08 -44.64
CA ALA A 622 1.54 -14.42 -45.94
C ALA A 622 1.95 -15.87 -46.06
N THR A 623 2.07 -16.31 -47.31
CA THR A 623 2.51 -17.67 -47.64
C THR A 623 3.45 -17.50 -48.83
N LEU A 624 4.46 -18.37 -48.94
CA LEU A 624 5.43 -18.29 -50.03
C LEU A 624 4.91 -19.02 -51.28
N SER A 625 4.56 -18.24 -52.30
CA SER A 625 4.03 -18.80 -53.55
C SER A 625 5.11 -19.33 -54.52
N ASP A 626 6.15 -18.54 -54.72
CA ASP A 626 7.25 -18.93 -55.61
C ASP A 626 8.57 -18.79 -54.86
N ARG A 627 9.14 -19.93 -54.47
CA ARG A 627 10.38 -19.97 -53.70
C ARG A 627 11.63 -19.42 -54.38
N LYS A 628 11.75 -19.59 -55.69
CA LYS A 628 12.93 -19.11 -56.40
C LYS A 628 12.99 -17.60 -56.54
N ASN A 629 11.87 -16.99 -56.94
CA ASN A 629 11.83 -15.53 -57.10
C ASN A 629 11.23 -14.83 -55.89
N LEU A 630 10.97 -15.60 -54.84
CA LEU A 630 10.40 -15.07 -53.60
C LEU A 630 9.11 -14.27 -53.81
N LYS A 631 8.09 -14.92 -54.36
CA LYS A 631 6.82 -14.27 -54.58
C LYS A 631 5.88 -14.72 -53.45
N VAL A 632 5.43 -13.77 -52.64
CA VAL A 632 4.54 -14.09 -51.53
C VAL A 632 3.11 -13.62 -51.74
N CYS A 633 2.15 -14.38 -51.22
CA CYS A 633 0.74 -14.03 -51.33
C CYS A 633 0.28 -13.51 -49.98
N ILE A 634 0.11 -12.19 -49.89
CA ILE A 634 -0.32 -11.53 -48.66
C ILE A 634 -1.84 -11.43 -48.54
N LYS A 635 -2.37 -11.85 -47.40
CA LYS A 635 -3.80 -11.78 -47.14
C LYS A 635 -4.00 -10.70 -46.08
N ASN A 636 -4.83 -9.71 -46.37
CA ASN A 636 -5.10 -8.65 -45.42
C ASN A 636 -6.29 -9.07 -44.56
N TRP A 637 -6.03 -9.34 -43.28
CA TRP A 637 -7.09 -9.77 -42.37
C TRP A 637 -7.70 -8.64 -41.57
N TYR A 638 -7.26 -7.41 -41.81
CA TYR A 638 -7.85 -6.27 -41.13
C TYR A 638 -9.23 -6.14 -41.75
N ASP A 639 -10.17 -5.59 -40.98
CA ASP A 639 -11.53 -5.43 -41.44
C ASP A 639 -11.84 -4.05 -42.04
N PHE A 640 -11.13 -3.03 -41.58
CA PHE A 640 -11.39 -1.68 -42.06
C PHE A 640 -10.13 -0.91 -42.44
N SER A 641 -9.02 -1.63 -42.59
CA SER A 641 -7.76 -0.97 -42.92
C SER A 641 -7.06 -1.57 -44.14
N ASN A 642 -6.50 -0.69 -44.97
CA ASN A 642 -5.78 -1.13 -46.16
C ASN A 642 -4.36 -1.43 -45.70
N LEU A 643 -3.70 -2.37 -46.38
CA LEU A 643 -2.35 -2.72 -46.02
C LEU A 643 -1.40 -1.54 -46.12
N ASN A 644 -1.72 -0.57 -46.98
CA ASN A 644 -0.84 0.59 -47.14
C ASN A 644 -0.75 1.47 -45.89
N GLU A 645 -1.43 1.07 -44.83
CA GLU A 645 -1.36 1.81 -43.58
C GLU A 645 -0.22 1.21 -42.75
N TYR A 646 0.38 0.16 -43.30
CA TYR A 646 1.48 -0.53 -42.63
C TYR A 646 2.72 -0.61 -43.53
N ILE A 647 3.86 -0.91 -42.92
CA ILE A 647 5.12 -1.02 -43.65
C ILE A 647 5.71 -2.42 -43.57
N LEU A 648 6.08 -2.98 -44.72
CA LEU A 648 6.70 -4.30 -44.77
C LEU A 648 8.21 -4.14 -44.78
N ARG A 649 8.88 -4.77 -43.81
CA ARG A 649 10.32 -4.70 -43.69
C ARG A 649 10.87 -6.14 -43.75
N TRP A 650 11.34 -6.56 -44.92
CA TRP A 650 11.84 -7.92 -45.11
C TRP A 650 13.36 -8.08 -45.26
N ASN A 651 13.78 -9.35 -45.24
CA ASN A 651 15.18 -9.72 -45.42
C ASN A 651 15.33 -11.22 -45.57
N VAL A 652 16.52 -11.64 -45.95
CA VAL A 652 16.84 -13.05 -46.10
C VAL A 652 18.17 -13.22 -45.38
N LYS A 653 18.23 -14.18 -44.46
CA LYS A 653 19.46 -14.40 -43.70
C LYS A 653 19.91 -15.85 -43.75
N GLY A 654 21.22 -16.05 -43.81
CA GLY A 654 21.78 -17.39 -43.85
C GLY A 654 21.74 -17.98 -42.46
N GLU A 655 22.00 -19.28 -42.34
CA GLU A 655 21.98 -19.93 -41.03
C GLU A 655 22.99 -19.30 -40.10
N ASP A 656 23.99 -18.62 -40.67
CA ASP A 656 25.01 -17.98 -39.87
C ASP A 656 24.57 -16.62 -39.35
N GLY A 657 23.38 -16.18 -39.79
CA GLY A 657 22.87 -14.90 -39.32
C GLY A 657 23.22 -13.67 -40.13
N THR A 658 23.79 -13.85 -41.30
CA THR A 658 24.16 -12.70 -42.14
C THR A 658 23.03 -12.34 -43.10
N VAL A 659 22.78 -11.04 -43.24
CA VAL A 659 21.73 -10.56 -44.13
C VAL A 659 22.17 -10.71 -45.59
N LEU A 660 21.56 -11.65 -46.30
CA LEU A 660 21.89 -11.89 -47.71
C LEU A 660 21.12 -10.97 -48.64
N ALA A 661 20.07 -10.35 -48.11
CA ALA A 661 19.24 -9.44 -48.89
C ALA A 661 18.19 -8.82 -47.98
N GLU A 662 17.73 -7.61 -48.31
CA GLU A 662 16.72 -6.94 -47.51
C GLU A 662 15.97 -5.88 -48.30
N GLY A 663 14.87 -5.39 -47.72
CA GLY A 663 14.09 -4.38 -48.40
C GLY A 663 12.90 -3.86 -47.60
N THR A 664 12.25 -2.84 -48.14
CA THR A 664 11.08 -2.24 -47.49
C THR A 664 10.01 -1.95 -48.53
N LYS A 665 8.77 -2.38 -48.26
CA LYS A 665 7.67 -2.17 -49.19
C LYS A 665 6.41 -1.61 -48.56
N GLU A 666 5.59 -1.00 -49.42
CA GLU A 666 4.31 -0.47 -49.02
C GLU A 666 3.37 -1.16 -49.98
N VAL A 667 2.57 -2.07 -49.46
CA VAL A 667 1.64 -2.83 -50.27
C VAL A 667 0.23 -2.29 -50.13
N ASP A 668 -0.48 -2.18 -51.24
CA ASP A 668 -1.86 -1.72 -51.23
C ASP A 668 -2.71 -2.99 -51.27
N CYS A 669 -3.70 -3.07 -50.40
CA CYS A 669 -4.56 -4.25 -50.36
C CYS A 669 -5.85 -3.95 -49.59
N GLU A 670 -6.99 -4.29 -50.18
CA GLU A 670 -8.27 -4.07 -49.54
C GLU A 670 -8.49 -5.08 -48.41
N PRO A 671 -9.26 -4.69 -47.39
CA PRO A 671 -9.51 -5.61 -46.28
C PRO A 671 -10.11 -6.92 -46.81
N HIS A 672 -9.62 -8.04 -46.30
CA HIS A 672 -10.08 -9.36 -46.70
C HIS A 672 -9.63 -9.78 -48.10
N ALA A 673 -8.80 -8.95 -48.72
CA ALA A 673 -8.29 -9.25 -50.05
C ALA A 673 -6.85 -9.77 -49.98
N THR A 674 -6.40 -10.44 -51.03
CA THR A 674 -5.03 -10.94 -51.07
C THR A 674 -4.28 -10.20 -52.17
N VAL A 675 -2.96 -10.20 -52.09
CA VAL A 675 -2.12 -9.51 -53.06
C VAL A 675 -0.74 -10.16 -53.15
N ASP A 676 -0.18 -10.22 -54.36
CA ASP A 676 1.13 -10.82 -54.56
C ASP A 676 2.24 -9.76 -54.60
N VAL A 677 3.34 -10.05 -53.91
CA VAL A 677 4.49 -9.15 -53.87
C VAL A 677 5.73 -9.98 -54.13
N THR A 678 6.37 -9.75 -55.27
CA THR A 678 7.59 -10.47 -55.63
C THR A 678 8.77 -9.77 -54.98
N LEU A 679 9.57 -10.54 -54.24
CA LEU A 679 10.74 -9.98 -53.57
C LEU A 679 12.01 -10.18 -54.41
N GLY A 680 12.01 -11.25 -55.21
CA GLY A 680 13.16 -11.52 -56.07
C GLY A 680 14.15 -12.55 -55.55
N ALA A 681 14.67 -13.36 -56.47
CA ALA A 681 15.65 -14.40 -56.12
C ALA A 681 16.81 -13.83 -55.32
N VAL A 682 17.42 -14.68 -54.50
CA VAL A 682 18.55 -14.27 -53.68
C VAL A 682 19.69 -15.29 -53.75
N LYS A 683 20.91 -14.78 -53.88
CA LYS A 683 22.09 -15.63 -53.95
C LYS A 683 22.44 -16.21 -52.60
N LEU A 684 22.33 -17.54 -52.49
CA LEU A 684 22.65 -18.22 -51.24
C LEU A 684 24.04 -18.87 -51.35
N PRO A 685 24.95 -18.51 -50.44
CA PRO A 685 26.30 -19.08 -50.47
C PRO A 685 26.28 -20.58 -50.20
N ASN A 686 27.38 -21.26 -50.51
CA ASN A 686 27.47 -22.69 -50.30
C ASN A 686 27.93 -22.96 -48.87
N THR A 687 28.06 -21.88 -48.10
CA THR A 687 28.50 -21.96 -46.71
C THR A 687 27.34 -22.10 -45.74
N VAL A 688 26.12 -22.04 -46.25
CA VAL A 688 24.93 -22.17 -45.40
C VAL A 688 24.04 -23.28 -45.92
N ARG A 689 23.48 -24.06 -44.99
CA ARG A 689 22.61 -25.18 -45.35
C ARG A 689 21.20 -24.69 -45.66
N GLU A 690 20.89 -23.47 -45.23
CA GLU A 690 19.57 -22.90 -45.44
C GLU A 690 19.59 -21.42 -45.14
N ALA A 691 18.57 -20.72 -45.62
CA ALA A 691 18.42 -19.29 -45.38
C ALA A 691 16.97 -19.11 -44.98
N TYR A 692 16.62 -17.94 -44.45
CA TYR A 692 15.25 -17.71 -44.02
C TYR A 692 14.71 -16.38 -44.52
N LEU A 693 13.55 -16.43 -45.20
CA LEU A 693 12.92 -15.22 -45.68
C LEU A 693 12.06 -14.68 -44.54
N ASN A 694 12.47 -13.54 -43.99
CA ASN A 694 11.76 -12.92 -42.88
C ASN A 694 10.91 -11.73 -43.32
N LEU A 695 9.67 -11.68 -42.82
CA LEU A 695 8.77 -10.59 -43.15
C LEU A 695 8.26 -9.99 -41.84
N SER A 696 8.40 -8.69 -41.68
CA SER A 696 7.96 -8.01 -40.46
C SER A 696 7.18 -6.75 -40.80
N TRP A 697 6.01 -6.61 -40.17
CA TRP A 697 5.17 -5.46 -40.43
C TRP A 697 5.01 -4.58 -39.20
N SER A 698 4.87 -3.28 -39.44
CA SER A 698 4.67 -2.30 -38.38
C SER A 698 3.76 -1.20 -38.96
N ARG A 699 3.20 -0.35 -38.10
CA ARG A 699 2.29 0.69 -38.57
C ARG A 699 2.95 2.04 -38.86
N LYS A 700 2.50 2.70 -39.92
CA LYS A 700 3.05 3.99 -40.30
C LYS A 700 2.73 5.03 -39.24
N GLU A 701 1.49 5.04 -38.77
CA GLU A 701 1.04 5.98 -37.75
C GLU A 701 0.87 5.32 -36.39
N ALA A 702 1.48 5.93 -35.37
CA ALA A 702 1.40 5.40 -34.03
C ALA A 702 0.08 5.72 -33.35
N THR A 703 -0.28 4.88 -32.38
CA THR A 703 -1.49 5.06 -31.58
C THR A 703 -0.91 5.28 -30.18
N PRO A 704 -1.71 5.81 -29.23
CA PRO A 704 -1.15 6.02 -27.89
C PRO A 704 -0.71 4.76 -27.16
N LEU A 705 -1.06 3.59 -27.69
CA LEU A 705 -0.72 2.31 -27.06
C LEU A 705 0.33 1.51 -27.83
N VAL A 706 0.43 1.75 -29.12
CA VAL A 706 1.36 1.04 -30.00
C VAL A 706 2.13 2.02 -30.90
N ASP A 707 3.44 2.18 -30.68
CA ASP A 707 4.23 3.09 -31.51
C ASP A 707 4.62 2.46 -32.84
N THR A 708 5.35 3.21 -33.66
CA THR A 708 5.77 2.74 -34.98
C THR A 708 6.85 1.68 -35.00
N ASP A 709 7.40 1.35 -33.82
CA ASP A 709 8.43 0.33 -33.72
C ASP A 709 7.87 -1.07 -33.47
N TRP A 710 6.66 -1.12 -32.93
CA TRP A 710 6.01 -2.39 -32.61
C TRP A 710 5.72 -3.25 -33.83
N GLU A 711 6.09 -4.52 -33.76
CA GLU A 711 5.84 -5.46 -34.85
C GLU A 711 4.41 -5.96 -34.68
N VAL A 712 3.54 -5.63 -35.63
CA VAL A 712 2.14 -6.04 -35.55
C VAL A 712 1.87 -7.42 -36.15
N ALA A 713 2.76 -7.84 -37.05
CA ALA A 713 2.61 -9.14 -37.71
C ALA A 713 3.95 -9.53 -38.31
N TYR A 714 4.17 -10.82 -38.47
CA TYR A 714 5.43 -11.31 -39.05
C TYR A 714 5.28 -12.72 -39.60
N ASP A 715 6.23 -13.11 -40.43
CA ASP A 715 6.22 -14.43 -41.04
C ASP A 715 7.64 -14.86 -41.39
N GLN A 716 7.81 -16.15 -41.61
CA GLN A 716 9.12 -16.70 -41.99
C GLN A 716 8.95 -17.91 -42.90
N PHE A 717 9.83 -18.03 -43.87
CA PHE A 717 9.83 -19.13 -44.82
C PHE A 717 11.28 -19.64 -44.92
N VAL A 718 11.44 -20.96 -44.89
CA VAL A 718 12.76 -21.57 -44.94
C VAL A 718 13.21 -21.89 -46.37
N LEU A 719 14.31 -21.29 -46.78
CA LEU A 719 14.86 -21.49 -48.13
C LEU A 719 16.03 -22.48 -48.10
N ALA A 720 15.94 -23.53 -48.92
CA ALA A 720 16.98 -24.56 -48.98
C ALA A 720 18.32 -24.08 -49.51
N GLY A 721 19.40 -24.51 -48.87
CA GLY A 721 20.74 -24.12 -49.29
C GLY A 721 21.64 -25.30 -49.62
N ASN A 722 22.87 -25.29 -49.10
CA ASN A 722 23.83 -26.36 -49.33
C ASN A 722 23.77 -27.39 -48.20
N LYS A 723 23.02 -28.46 -48.41
CA LYS A 723 22.88 -29.50 -47.39
C LYS A 723 24.19 -30.15 -46.97
N ASN A 724 25.24 -30.03 -47.77
CA ASN A 724 26.53 -30.66 -47.48
C ASN A 724 27.55 -29.83 -46.70
N THR A 725 27.40 -28.51 -46.68
CA THR A 725 28.35 -27.67 -45.96
C THR A 725 28.38 -27.97 -44.47
N THR A 726 29.53 -27.73 -43.85
CA THR A 726 29.72 -27.97 -42.43
C THR A 726 30.50 -26.80 -41.84
N ALA A 727 30.41 -25.65 -42.50
CA ALA A 727 31.11 -24.46 -42.04
C ALA A 727 30.55 -23.94 -40.72
N TYR A 728 29.46 -24.54 -40.26
CA TYR A 728 28.85 -24.13 -39.00
C TYR A 728 29.50 -24.85 -37.82
N ARG A 729 29.77 -26.15 -38.00
CA ARG A 729 30.40 -26.97 -36.97
C ARG A 729 31.65 -26.30 -36.38
N PRO A 730 31.86 -26.45 -35.06
CA PRO A 730 33.04 -25.85 -34.43
C PRO A 730 34.27 -26.72 -34.65
N GLN A 731 35.45 -26.13 -34.51
CA GLN A 731 36.71 -26.85 -34.69
C GLN A 731 37.04 -27.71 -33.47
N LYS A 732 37.90 -28.71 -33.66
CA LYS A 732 38.30 -29.59 -32.57
C LYS A 732 38.95 -28.79 -31.45
N ALA A 733 38.50 -29.00 -30.22
CA ALA A 733 39.03 -28.27 -29.07
C ALA A 733 40.18 -28.97 -28.37
N GLY A 734 40.29 -30.28 -28.59
CA GLY A 734 41.35 -31.05 -27.96
C GLY A 734 41.00 -32.52 -27.93
N GLU A 735 41.52 -33.24 -26.93
CA GLU A 735 41.25 -34.66 -26.80
C GLU A 735 39.96 -34.97 -26.05
N THR A 736 39.07 -35.69 -26.70
CA THR A 736 37.79 -36.07 -26.09
C THR A 736 37.80 -37.54 -25.69
N ALA A 737 37.27 -37.84 -24.52
CA ALA A 737 37.20 -39.22 -24.04
C ALA A 737 35.84 -39.43 -23.36
N PHE A 738 35.39 -40.67 -23.32
CA PHE A 738 34.11 -40.99 -22.70
C PHE A 738 34.16 -42.32 -21.97
N VAL A 739 33.39 -42.42 -20.90
CA VAL A 739 33.33 -43.65 -20.11
C VAL A 739 31.88 -44.12 -20.12
N VAL A 740 31.69 -45.42 -20.24
CA VAL A 740 30.35 -46.00 -20.24
C VAL A 740 30.13 -46.76 -18.94
N ASP A 741 28.99 -46.53 -18.29
CA ASP A 741 28.70 -47.23 -17.04
C ASP A 741 28.45 -48.69 -17.37
N LYS A 742 29.20 -49.58 -16.73
CA LYS A 742 29.05 -51.00 -16.99
C LYS A 742 27.73 -51.58 -16.49
N ASN A 743 27.08 -50.90 -15.56
CA ASN A 743 25.83 -51.39 -15.02
C ASN A 743 24.56 -50.80 -15.63
N THR A 744 24.60 -49.52 -15.97
CA THR A 744 23.44 -48.85 -16.57
C THR A 744 23.61 -48.67 -18.07
N GLY A 745 24.84 -48.70 -18.54
CA GLY A 745 25.10 -48.54 -19.96
C GLY A 745 24.98 -47.10 -20.39
N ALA A 746 24.72 -46.21 -19.43
CA ALA A 746 24.58 -44.80 -19.73
C ALA A 746 25.95 -44.16 -19.84
N LEU A 747 26.04 -43.06 -20.59
CA LEU A 747 27.30 -42.36 -20.77
C LEU A 747 27.55 -41.62 -19.45
N SER A 748 28.43 -42.18 -18.63
CA SER A 748 28.73 -41.62 -17.32
C SER A 748 29.83 -40.55 -17.31
N SER A 749 30.63 -40.52 -18.36
CA SER A 749 31.70 -39.52 -18.41
C SER A 749 32.06 -39.06 -19.82
N LEU A 750 32.36 -37.77 -19.92
CA LEU A 750 32.75 -37.13 -21.17
C LEU A 750 33.75 -36.07 -20.78
N THR A 751 35.01 -36.24 -21.20
CA THR A 751 36.07 -35.31 -20.85
C THR A 751 36.72 -34.64 -22.06
N LEU A 752 37.36 -33.50 -21.79
CA LEU A 752 38.07 -32.75 -22.82
C LEU A 752 39.44 -32.46 -22.21
N ASP A 753 40.44 -33.23 -22.64
CA ASP A 753 41.79 -33.06 -22.12
C ASP A 753 41.74 -33.35 -20.62
N GLY A 754 40.93 -34.33 -20.23
CA GLY A 754 40.82 -34.71 -18.84
C GLY A 754 39.73 -34.07 -17.99
N LYS A 755 39.29 -32.87 -18.36
CA LYS A 755 38.26 -32.19 -17.58
C LYS A 755 36.89 -32.83 -17.80
N GLU A 756 36.22 -33.15 -16.71
CA GLU A 756 34.90 -33.76 -16.78
C GLU A 756 33.87 -32.71 -17.14
N LEU A 757 32.97 -33.04 -18.07
CA LEU A 757 31.94 -32.10 -18.49
C LEU A 757 30.55 -32.43 -17.93
N LEU A 758 30.35 -33.68 -17.53
CA LEU A 758 29.06 -34.11 -16.99
C LEU A 758 28.98 -34.05 -15.47
N ALA A 759 27.79 -33.70 -14.97
CA ALA A 759 27.53 -33.62 -13.54
C ALA A 759 26.58 -34.75 -13.23
N ALA A 760 26.04 -35.34 -14.29
CA ALA A 760 25.12 -36.46 -14.22
C ALA A 760 25.24 -37.20 -15.55
N PRO A 761 25.08 -38.52 -15.55
CA PRO A 761 25.18 -39.33 -16.77
C PRO A 761 24.06 -39.14 -17.80
N ILE A 762 24.40 -39.39 -19.07
CA ILE A 762 23.45 -39.27 -20.16
C ILE A 762 22.59 -40.50 -20.15
N THR A 763 21.28 -40.30 -20.05
CA THR A 763 20.33 -41.41 -20.01
C THR A 763 19.15 -41.18 -20.93
N LEU A 764 18.36 -42.24 -21.11
CA LEU A 764 17.18 -42.18 -21.94
C LEU A 764 16.10 -41.50 -21.11
N SER A 765 15.43 -40.51 -21.70
CA SER A 765 14.38 -39.77 -21.01
C SER A 765 13.04 -39.90 -21.75
N LEU A 766 11.99 -40.25 -21.02
CA LEU A 766 10.66 -40.43 -21.61
C LEU A 766 9.59 -39.63 -20.89
N PHE A 767 9.96 -39.01 -19.77
CA PHE A 767 9.03 -38.25 -18.96
C PHE A 767 9.33 -36.75 -18.97
N ARG A 768 8.35 -35.96 -18.54
CA ARG A 768 8.51 -34.53 -18.42
C ARG A 768 7.67 -34.06 -17.25
N PRO A 769 8.27 -33.25 -16.35
CA PRO A 769 7.50 -32.75 -15.20
C PRO A 769 6.18 -32.20 -15.75
N ALA A 770 5.09 -32.87 -15.38
CA ALA A 770 3.75 -32.55 -15.86
C ALA A 770 3.29 -31.10 -15.85
N THR A 771 2.84 -30.64 -17.01
CA THR A 771 2.29 -29.28 -17.14
C THR A 771 0.91 -29.47 -16.53
N ASP A 772 0.16 -28.40 -16.31
CA ASP A 772 -1.17 -28.59 -15.75
C ASP A 772 -2.04 -29.38 -16.69
N ASN A 773 -1.87 -29.16 -17.99
CA ASN A 773 -2.65 -29.91 -18.98
C ASN A 773 -2.27 -31.39 -18.95
N ASP A 774 -0.99 -31.68 -18.76
CA ASP A 774 -0.54 -33.07 -18.71
C ASP A 774 -1.25 -33.84 -17.62
N ASN A 775 -1.54 -33.15 -16.51
CA ASN A 775 -2.21 -33.75 -15.37
C ASN A 775 -3.68 -34.11 -15.62
N ARG A 776 -4.24 -33.59 -16.71
CA ARG A 776 -5.62 -33.89 -17.03
C ARG A 776 -5.80 -34.48 -18.43
N ASP A 777 -4.74 -34.46 -19.23
CA ASP A 777 -4.83 -34.98 -20.59
C ASP A 777 -5.01 -36.50 -20.60
N ARG A 778 -5.99 -36.99 -21.37
CA ARG A 778 -6.26 -38.42 -21.43
C ARG A 778 -5.01 -39.21 -21.83
N ASN A 779 -4.12 -38.57 -22.59
CA ASN A 779 -2.88 -39.21 -23.03
C ASN A 779 -1.68 -38.53 -22.37
N GLY A 780 -1.88 -37.98 -21.17
CA GLY A 780 -0.82 -37.29 -20.47
C GLY A 780 -0.13 -37.99 -19.30
N ALA A 781 0.21 -37.21 -18.28
CA ALA A 781 0.91 -37.69 -17.09
C ALA A 781 0.31 -38.87 -16.33
N ARG A 782 -1.01 -39.01 -16.35
CA ARG A 782 -1.63 -40.14 -15.65
C ARG A 782 -1.06 -41.45 -16.20
N LEU A 783 -0.90 -41.52 -17.51
CA LEU A 783 -0.37 -42.71 -18.17
C LEU A 783 1.15 -42.80 -18.03
N TRP A 784 1.84 -41.66 -18.02
CA TRP A 784 3.29 -41.67 -17.89
C TRP A 784 3.68 -42.13 -16.48
N ARG A 785 2.94 -41.69 -15.47
CA ARG A 785 3.23 -42.05 -14.09
C ARG A 785 2.79 -43.50 -13.80
N LYS A 786 1.76 -43.97 -14.50
CA LYS A 786 1.29 -45.33 -14.31
C LYS A 786 2.34 -46.28 -14.86
N ALA A 787 2.97 -45.89 -15.96
CA ALA A 787 4.01 -46.70 -16.58
C ALA A 787 5.31 -46.55 -15.78
N GLY A 788 5.35 -45.57 -14.90
CA GLY A 788 6.54 -45.34 -14.10
C GLY A 788 7.66 -44.69 -14.91
N LEU A 789 7.27 -43.95 -15.94
CA LEU A 789 8.26 -43.28 -16.80
C LEU A 789 9.07 -42.20 -16.09
N ASN A 790 8.68 -41.84 -14.86
CA ASN A 790 9.40 -40.81 -14.13
C ASN A 790 10.40 -41.42 -13.14
N ASN A 791 10.39 -42.74 -13.02
CA ASN A 791 11.30 -43.45 -12.14
C ASN A 791 12.00 -44.53 -12.98
N LEU A 792 12.75 -44.09 -13.98
CA LEU A 792 13.45 -45.01 -14.88
C LEU A 792 14.82 -45.45 -14.39
N THR A 793 15.22 -46.64 -14.79
CA THR A 793 16.52 -47.20 -14.46
C THR A 793 16.97 -48.03 -15.64
N GLN A 794 18.26 -47.98 -15.94
CA GLN A 794 18.82 -48.74 -17.06
C GLN A 794 19.65 -49.92 -16.56
N LYS A 795 19.41 -51.10 -17.15
CA LYS A 795 20.12 -52.32 -16.77
C LYS A 795 20.72 -52.98 -18.02
N VAL A 796 22.04 -52.99 -18.08
CA VAL A 796 22.74 -53.57 -19.23
C VAL A 796 22.58 -55.08 -19.33
N VAL A 797 22.47 -55.57 -20.57
CA VAL A 797 22.33 -56.99 -20.83
C VAL A 797 23.36 -57.34 -21.89
N SER A 798 23.98 -56.31 -22.45
CA SER A 798 24.99 -56.46 -23.47
C SER A 798 25.83 -55.19 -23.59
N LEU A 799 27.16 -55.36 -23.55
CA LEU A 799 28.09 -54.24 -23.66
C LEU A 799 29.34 -54.64 -24.41
N LYS A 800 29.50 -54.09 -25.61
CA LYS A 800 30.66 -54.36 -26.44
C LYS A 800 31.43 -53.04 -26.54
N GLU A 801 32.64 -53.02 -25.98
CA GLU A 801 33.47 -51.81 -26.00
C GLU A 801 34.49 -51.86 -27.14
N GLU A 802 35.06 -50.70 -27.47
CA GLU A 802 36.06 -50.58 -28.52
C GLU A 802 37.04 -49.47 -28.14
N LYS A 803 37.99 -49.20 -29.04
CA LYS A 803 39.00 -48.17 -28.78
C LYS A 803 38.38 -46.77 -28.75
N THR A 804 37.45 -46.53 -29.67
CA THR A 804 36.79 -45.23 -29.77
C THR A 804 35.27 -45.29 -29.82
N SER A 805 34.69 -46.48 -29.65
CA SER A 805 33.24 -46.63 -29.67
C SER A 805 32.77 -47.68 -28.69
N ALA A 806 31.45 -47.81 -28.56
CA ALA A 806 30.88 -48.77 -27.65
C ALA A 806 29.42 -49.02 -28.00
N THR A 807 29.03 -50.28 -28.04
CA THR A 807 27.66 -50.67 -28.34
C THR A 807 27.08 -51.29 -27.06
N VAL A 808 25.81 -50.99 -26.79
CA VAL A 808 25.19 -51.51 -25.58
C VAL A 808 23.69 -51.69 -25.68
N ARG A 809 23.20 -52.78 -25.10
CA ARG A 809 21.77 -53.07 -25.09
C ARG A 809 21.39 -53.16 -23.62
N ALA A 810 20.45 -52.31 -23.21
CA ALA A 810 20.02 -52.31 -21.81
C ALA A 810 18.52 -52.29 -21.69
N GLU A 811 18.03 -52.81 -20.57
CA GLU A 811 16.61 -52.83 -20.31
C GLU A 811 16.27 -51.53 -19.61
N ILE A 812 15.12 -50.95 -19.94
CA ILE A 812 14.69 -49.72 -19.28
C ILE A 812 13.60 -50.17 -18.32
N LEU A 813 13.87 -50.02 -17.02
CA LEU A 813 12.93 -50.42 -15.98
C LEU A 813 12.37 -49.26 -15.16
N ASN A 814 11.11 -49.42 -14.74
CA ASN A 814 10.47 -48.40 -13.92
C ASN A 814 10.75 -48.80 -12.48
N GLY A 815 10.28 -48.01 -11.52
CA GLY A 815 10.51 -48.31 -10.12
C GLY A 815 9.83 -49.57 -9.61
N LYS A 816 8.99 -50.17 -10.44
CA LYS A 816 8.26 -51.39 -10.07
C LYS A 816 9.03 -52.63 -10.51
N GLY A 817 10.06 -52.42 -11.33
CA GLY A 817 10.83 -53.54 -11.84
C GLY A 817 10.35 -53.96 -13.21
N GLN A 818 9.14 -53.54 -13.58
CA GLN A 818 8.57 -53.88 -14.88
C GLN A 818 9.49 -53.40 -15.98
N LYS A 819 9.43 -54.06 -17.14
CA LYS A 819 10.25 -53.68 -18.27
C LYS A 819 9.49 -52.65 -19.08
N VAL A 820 9.91 -51.39 -18.98
CA VAL A 820 9.26 -50.30 -19.71
C VAL A 820 9.55 -50.47 -21.19
N GLY A 821 10.79 -50.87 -21.51
CA GLY A 821 11.19 -51.06 -22.89
C GLY A 821 12.61 -51.58 -23.00
N MSE A 822 13.13 -51.59 -24.23
CA MSE A 822 14.47 -52.08 -24.51
C MSE A 822 15.21 -51.05 -25.38
O MSE A 822 14.68 -50.61 -26.39
CB MSE A 822 14.40 -53.43 -25.23
CG MSE A 822 15.68 -54.24 -25.20
SE MSE A 822 16.18 -54.75 -23.36
CE MSE A 822 14.67 -55.94 -23.01
N ALA A 823 16.43 -50.68 -24.98
CA ALA A 823 17.18 -49.70 -25.74
C ALA A 823 18.58 -50.12 -26.17
N ASP A 824 19.02 -49.58 -27.31
CA ASP A 824 20.35 -49.84 -27.84
C ASP A 824 21.08 -48.51 -28.03
N PHE A 825 22.26 -48.40 -27.43
CA PHE A 825 23.06 -47.18 -27.54
C PHE A 825 24.36 -47.50 -28.26
N VAL A 826 24.78 -46.59 -29.13
CA VAL A 826 26.03 -46.75 -29.84
C VAL A 826 26.77 -45.43 -29.74
N TYR A 827 27.75 -45.40 -28.85
CA TYR A 827 28.58 -44.23 -28.59
C TYR A 827 29.86 -44.34 -29.41
N ALA A 828 30.05 -43.45 -30.38
CA ALA A 828 31.25 -43.48 -31.22
C ALA A 828 31.94 -42.12 -31.19
N LEU A 829 33.27 -42.14 -31.10
CA LEU A 829 34.06 -40.92 -31.06
C LEU A 829 34.66 -40.58 -32.41
N ASP A 830 34.20 -39.47 -32.98
CA ASP A 830 34.66 -38.99 -34.29
C ASP A 830 36.09 -38.45 -34.24
N LYS A 831 36.71 -38.35 -35.42
CA LYS A 831 38.07 -37.85 -35.53
C LYS A 831 38.15 -36.41 -35.03
N ASN A 832 37.06 -35.67 -35.23
CA ASN A 832 36.99 -34.28 -34.80
C ASN A 832 36.84 -34.14 -33.29
N GLY A 833 36.77 -35.27 -32.60
CA GLY A 833 36.61 -35.24 -31.16
C GLY A 833 35.15 -35.19 -30.76
N ALA A 834 34.26 -35.24 -31.75
CA ALA A 834 32.82 -35.21 -31.50
C ALA A 834 32.31 -36.59 -31.14
N LEU A 835 31.36 -36.63 -30.21
CA LEU A 835 30.77 -37.89 -29.75
C LEU A 835 29.39 -38.12 -30.33
N LYS A 836 29.24 -39.12 -31.19
CA LYS A 836 27.92 -39.41 -31.75
C LYS A 836 27.23 -40.46 -30.88
N VAL A 837 25.97 -40.21 -30.57
CA VAL A 837 25.21 -41.13 -29.73
C VAL A 837 23.91 -41.54 -30.43
N ARG A 838 23.86 -42.78 -30.89
CA ARG A 838 22.68 -43.31 -31.56
C ARG A 838 21.89 -44.12 -30.55
N THR A 839 20.57 -43.94 -30.56
CA THR A 839 19.70 -44.66 -29.65
C THR A 839 18.55 -45.31 -30.39
N THR A 840 18.20 -46.52 -29.96
CA THR A 840 17.09 -47.24 -30.56
C THR A 840 16.23 -47.76 -29.43
N PHE A 841 15.03 -47.19 -29.28
CA PHE A 841 14.14 -47.60 -28.21
C PHE A 841 12.90 -48.34 -28.70
N GLN A 842 12.59 -49.45 -28.03
CA GLN A 842 11.45 -50.28 -28.34
C GLN A 842 10.65 -50.38 -27.06
N PRO A 843 9.52 -49.67 -26.97
CA PRO A 843 8.73 -49.75 -25.74
C PRO A 843 7.84 -50.98 -25.70
N ASP A 844 7.44 -51.38 -24.50
CA ASP A 844 6.55 -52.50 -24.33
C ASP A 844 5.17 -51.87 -24.31
N THR A 845 4.48 -51.91 -25.44
CA THR A 845 3.15 -51.31 -25.58
C THR A 845 2.12 -51.83 -24.57
N ALA A 846 2.43 -52.92 -23.89
CA ALA A 846 1.49 -53.48 -22.91
C ALA A 846 1.55 -52.68 -21.60
N ILE A 847 2.65 -51.96 -21.41
CA ILE A 847 2.83 -51.15 -20.20
C ILE A 847 2.88 -49.65 -20.54
N VAL A 848 3.54 -49.31 -21.64
CA VAL A 848 3.66 -47.92 -22.05
C VAL A 848 2.59 -47.50 -23.05
N LYS A 849 1.58 -46.80 -22.55
CA LYS A 849 0.46 -46.35 -23.39
C LYS A 849 0.68 -44.94 -23.97
N SER A 850 1.65 -44.23 -23.41
CA SER A 850 1.95 -42.87 -23.87
C SER A 850 3.31 -42.46 -23.31
N MSE A 851 3.98 -41.56 -24.02
CA MSE A 851 5.27 -41.04 -23.59
C MSE A 851 5.24 -39.52 -23.69
O MSE A 851 4.49 -38.97 -24.51
CB MSE A 851 6.39 -41.59 -24.48
CG MSE A 851 6.11 -42.98 -24.94
SE MSE A 851 7.71 -43.93 -25.39
CE MSE A 851 8.39 -42.89 -26.87
N ALA A 852 6.00 -38.83 -22.86
CA ALA A 852 6.04 -37.38 -22.87
C ALA A 852 7.05 -36.90 -23.89
N ARG A 853 8.11 -37.68 -24.06
CA ARG A 853 9.18 -37.35 -24.99
C ARG A 853 10.01 -38.59 -25.29
N LEU A 854 10.96 -38.42 -26.19
CA LEU A 854 11.90 -39.47 -26.57
C LEU A 854 13.20 -38.74 -26.85
N GLY A 855 14.17 -38.93 -25.96
CA GLY A 855 15.44 -38.26 -26.12
C GLY A 855 16.43 -38.59 -25.02
N LEU A 856 17.46 -37.78 -24.89
CA LEU A 856 18.49 -38.00 -23.88
C LEU A 856 18.47 -36.88 -22.86
N THR A 857 18.95 -37.19 -21.66
CA THR A 857 19.02 -36.19 -20.61
C THR A 857 20.24 -36.40 -19.73
N PHE A 858 20.77 -35.30 -19.20
CA PHE A 858 21.93 -35.34 -18.34
C PHE A 858 22.02 -33.98 -17.65
N ARG A 859 23.04 -33.79 -16.82
CA ARG A 859 23.18 -32.53 -16.12
C ARG A 859 24.62 -32.03 -16.17
N MSE A 860 24.79 -30.72 -16.00
CA MSE A 860 26.10 -30.11 -15.99
C MSE A 860 26.11 -29.11 -14.84
O MSE A 860 25.06 -28.81 -14.27
CB MSE A 860 26.37 -29.39 -17.30
CG MSE A 860 26.48 -30.31 -18.49
SE MSE A 860 26.89 -29.31 -20.12
CE MSE A 860 25.23 -29.50 -21.07
N ALA A 861 27.30 -28.62 -14.48
CA ALA A 861 27.40 -27.65 -13.39
C ALA A 861 26.61 -26.41 -13.82
N ASP A 862 26.06 -25.69 -12.84
CA ASP A 862 25.28 -24.50 -13.18
C ASP A 862 26.15 -23.36 -13.69
N ALA A 863 27.47 -23.57 -13.69
CA ALA A 863 28.40 -22.56 -14.19
C ALA A 863 28.23 -22.44 -15.70
N TYR A 864 27.83 -23.54 -16.34
CA TYR A 864 27.58 -23.54 -17.78
C TYR A 864 26.21 -22.90 -17.94
N ASN A 865 26.17 -21.57 -17.91
CA ASN A 865 24.91 -20.86 -17.99
C ASN A 865 24.68 -20.09 -19.30
N GLN A 866 25.70 -20.03 -20.15
CA GLN A 866 25.58 -19.32 -21.42
C GLN A 866 24.96 -20.22 -22.47
N VAL A 867 23.81 -19.83 -23.00
CA VAL A 867 23.13 -20.62 -24.01
C VAL A 867 23.02 -19.89 -25.34
N SER A 868 23.30 -20.63 -26.40
CA SER A 868 23.23 -20.09 -27.75
C SER A 868 22.60 -21.18 -28.61
N TYR A 869 21.78 -20.78 -29.59
CA TYR A 869 21.15 -21.79 -30.43
C TYR A 869 20.59 -21.28 -31.75
N LEU A 870 20.53 -22.18 -32.73
CA LEU A 870 19.98 -21.88 -34.03
C LEU A 870 18.70 -22.69 -34.10
N GLY A 871 17.57 -21.98 -34.03
CA GLY A 871 16.29 -22.66 -34.06
C GLY A 871 15.19 -21.67 -33.80
N ARG A 872 13.99 -22.17 -33.54
CA ARG A 872 12.87 -21.28 -33.32
C ARG A 872 12.92 -20.37 -32.10
N GLY A 873 12.67 -19.09 -32.44
CA GLY A 873 12.53 -17.92 -31.58
C GLY A 873 13.20 -17.56 -30.27
N ASP A 874 12.81 -16.39 -29.78
CA ASP A 874 13.33 -15.84 -28.55
C ASP A 874 12.60 -16.38 -27.34
N HIS A 875 11.54 -17.16 -27.57
CA HIS A 875 10.72 -17.69 -26.47
C HIS A 875 10.33 -19.17 -26.57
N GLU A 876 9.72 -19.64 -25.50
CA GLU A 876 9.25 -21.01 -25.36
C GLU A 876 8.14 -21.40 -26.36
N THR A 877 8.33 -22.52 -27.04
CA THR A 877 7.34 -23.04 -27.99
C THR A 877 7.30 -24.57 -27.89
N TYR A 878 6.24 -25.16 -28.43
CA TYR A 878 6.04 -26.60 -28.43
C TYR A 878 5.54 -26.94 -29.82
N ILE A 879 5.51 -28.21 -30.18
CA ILE A 879 5.08 -28.58 -31.53
C ILE A 879 3.67 -28.15 -31.89
N ASP A 880 2.76 -28.10 -30.92
CA ASP A 880 1.39 -27.68 -31.21
C ASP A 880 1.19 -26.21 -30.84
N ARG A 881 2.29 -25.50 -30.64
CA ARG A 881 2.25 -24.08 -30.30
C ARG A 881 3.58 -23.45 -30.70
N ASN A 882 3.87 -23.46 -32.00
CA ASN A 882 5.12 -22.86 -32.44
C ASN A 882 5.03 -22.11 -33.76
N GLN A 883 3.85 -21.56 -34.05
CA GLN A 883 3.71 -20.76 -35.28
C GLN A 883 4.45 -19.46 -35.02
N SER A 884 4.51 -19.10 -33.73
CA SER A 884 5.17 -17.88 -33.30
C SER A 884 6.67 -18.06 -33.26
N GLY A 885 7.38 -16.96 -33.11
CA GLY A 885 8.82 -17.01 -33.05
C GLY A 885 9.44 -17.06 -34.45
N ARG A 886 10.77 -17.17 -34.47
CA ARG A 886 11.53 -17.21 -35.70
C ARG A 886 12.78 -18.03 -35.57
N ILE A 887 13.11 -18.76 -36.63
CA ILE A 887 14.33 -19.55 -36.65
C ILE A 887 15.44 -18.52 -36.85
N GLY A 888 16.50 -18.64 -36.07
CA GLY A 888 17.61 -17.70 -36.18
C GLY A 888 18.57 -17.98 -35.05
N LEU A 889 19.65 -17.21 -34.96
CA LEU A 889 20.63 -17.39 -33.91
C LEU A 889 20.18 -16.60 -32.69
N TYR A 890 20.22 -17.26 -31.53
CA TYR A 890 19.81 -16.60 -30.30
C TYR A 890 20.79 -16.87 -29.16
N ASP A 891 21.01 -15.84 -28.34
CA ASP A 891 21.90 -15.92 -27.19
C ASP A 891 21.08 -15.58 -25.95
N THR A 892 21.27 -16.35 -24.89
CA THR A 892 20.55 -16.14 -23.65
C THR A 892 21.21 -16.97 -22.54
N THR A 893 20.54 -17.07 -21.39
CA THR A 893 21.09 -17.85 -20.28
C THR A 893 20.04 -18.82 -19.75
N VAL A 894 20.48 -19.80 -18.97
CA VAL A 894 19.57 -20.78 -18.42
C VAL A 894 18.50 -20.13 -17.54
N GLU A 895 18.91 -19.21 -16.67
CA GLU A 895 17.95 -18.53 -15.80
C GLU A 895 16.91 -17.77 -16.59
N ARG A 896 17.31 -17.20 -17.73
CA ARG A 896 16.41 -16.44 -18.60
C ARG A 896 15.34 -17.27 -19.31
N MSE A 897 15.64 -18.54 -19.57
CA MSE A 897 14.71 -19.39 -20.27
C MSE A 897 13.64 -20.02 -19.38
O MSE A 897 12.66 -20.56 -19.88
CB MSE A 897 15.47 -20.50 -20.99
CG MSE A 897 16.52 -19.92 -21.88
SE MSE A 897 17.50 -21.28 -22.77
CE MSE A 897 18.51 -22.05 -21.33
N PHE A 898 13.83 -19.92 -18.07
CA PHE A 898 12.87 -20.53 -17.15
C PHE A 898 11.65 -19.65 -16.89
N HIS A 899 10.46 -20.13 -17.24
CA HIS A 899 9.27 -19.33 -16.98
C HIS A 899 8.61 -19.83 -15.71
N TYR A 900 8.29 -18.87 -14.84
CA TYR A 900 7.68 -19.19 -13.56
C TYR A 900 6.17 -19.33 -13.54
N TYR A 901 5.68 -20.46 -14.04
CA TYR A 901 4.26 -20.73 -14.02
C TYR A 901 3.85 -20.88 -12.54
N ALA A 902 2.64 -20.42 -12.19
CA ALA A 902 2.17 -20.50 -10.81
C ALA A 902 2.49 -21.87 -10.18
N THR A 903 2.23 -22.94 -10.95
CA THR A 903 2.52 -24.29 -10.48
C THR A 903 3.78 -24.71 -11.26
N PRO A 904 4.92 -24.87 -10.56
CA PRO A 904 6.14 -25.27 -11.29
C PRO A 904 5.87 -26.48 -12.17
N GLN A 905 6.26 -26.37 -13.45
CA GLN A 905 6.02 -27.43 -14.42
C GLN A 905 7.01 -27.31 -15.57
N SER A 906 6.95 -28.22 -16.55
CA SER A 906 7.88 -28.16 -17.69
C SER A 906 7.85 -26.79 -18.34
N THR A 907 9.01 -26.33 -18.78
CA THR A 907 9.14 -25.02 -19.41
C THR A 907 10.49 -24.91 -20.12
N ALA A 908 10.72 -23.78 -20.78
CA ALA A 908 11.99 -23.51 -21.49
C ALA A 908 12.26 -24.30 -22.77
N ASN A 909 11.23 -24.90 -23.35
CA ASN A 909 11.43 -25.66 -24.57
C ASN A 909 11.64 -24.77 -25.81
N ARG A 910 12.41 -25.30 -26.75
CA ARG A 910 12.68 -24.62 -28.01
C ARG A 910 12.48 -25.67 -29.12
N THR A 911 11.76 -25.28 -30.18
CA THR A 911 11.50 -26.22 -31.27
C THR A 911 12.24 -25.83 -32.54
N ASP A 912 12.20 -26.71 -33.54
CA ASP A 912 12.87 -26.49 -34.82
C ASP A 912 14.35 -26.13 -34.61
N VAL A 913 14.98 -26.78 -33.65
CA VAL A 913 16.37 -26.51 -33.34
C VAL A 913 17.36 -27.26 -34.23
N ARG A 914 18.32 -26.55 -34.77
CA ARG A 914 19.34 -27.15 -35.62
C ARG A 914 20.50 -27.52 -34.72
N TRP A 915 20.89 -26.60 -33.85
CA TRP A 915 21.97 -26.84 -32.90
C TRP A 915 21.85 -25.94 -31.69
N ALA A 916 22.35 -26.43 -30.55
CA ALA A 916 22.33 -25.70 -29.30
C ALA A 916 23.73 -25.79 -28.70
N LYS A 917 24.11 -24.79 -27.92
CA LYS A 917 25.43 -24.75 -27.32
C LYS A 917 25.36 -24.11 -25.93
N LEU A 918 26.09 -24.70 -24.99
CA LEU A 918 26.12 -24.23 -23.61
C LEU A 918 27.58 -24.08 -23.17
N THR A 919 27.91 -22.91 -22.62
CA THR A 919 29.27 -22.65 -22.17
C THR A 919 29.33 -21.87 -20.87
N ASP A 920 30.48 -21.89 -20.21
CA ASP A 920 30.66 -21.15 -18.98
C ASP A 920 31.34 -19.83 -19.30
N GLN A 921 31.62 -19.05 -18.26
CA GLN A 921 32.26 -17.75 -18.41
C GLN A 921 33.59 -17.85 -19.17
N ALA A 922 34.30 -18.96 -18.94
CA ALA A 922 35.59 -19.20 -19.57
C ALA A 922 35.49 -19.64 -21.04
N GLY A 923 34.27 -19.81 -21.54
CA GLY A 923 34.11 -20.20 -22.92
C GLY A 923 34.11 -21.70 -23.17
N GLU A 924 34.22 -22.49 -22.12
CA GLU A 924 34.21 -23.95 -22.24
C GLU A 924 32.78 -24.48 -22.18
N GLY A 925 32.53 -25.57 -22.89
CA GLY A 925 31.19 -26.14 -22.89
C GLY A 925 30.97 -27.24 -23.91
N VAL A 926 29.82 -27.20 -24.58
CA VAL A 926 29.52 -28.22 -25.58
C VAL A 926 28.52 -27.79 -26.66
N PHE A 927 28.80 -28.22 -27.88
CA PHE A 927 27.98 -27.94 -29.05
C PHE A 927 27.13 -29.20 -29.26
N MSE A 928 25.82 -29.03 -29.35
CA MSE A 928 24.92 -30.17 -29.53
C MSE A 928 24.03 -30.06 -30.74
O MSE A 928 23.35 -29.05 -30.94
CB MSE A 928 24.07 -30.31 -28.28
CG MSE A 928 24.89 -30.38 -27.02
SE MSE A 928 23.74 -30.17 -25.51
CE MSE A 928 23.80 -28.23 -25.29
N GLU A 929 24.02 -31.11 -31.56
CA GLU A 929 23.18 -31.13 -32.75
C GLU A 929 22.69 -32.54 -33.02
N SER A 930 21.78 -32.67 -33.97
CA SER A 930 21.22 -33.96 -34.35
C SER A 930 21.40 -34.10 -35.87
N ASN A 931 20.59 -34.95 -36.49
CA ASN A 931 20.67 -35.14 -37.95
C ASN A 931 19.38 -34.66 -38.60
N ARG A 932 18.61 -33.90 -37.82
CA ARG A 932 17.35 -33.31 -38.26
C ARG A 932 16.92 -32.35 -37.15
N PRO A 933 15.98 -31.44 -37.44
CA PRO A 933 15.53 -30.47 -36.43
C PRO A 933 15.02 -31.17 -35.16
N PHE A 934 15.41 -30.66 -34.00
CA PHE A 934 14.98 -31.27 -32.75
C PHE A 934 14.50 -30.23 -31.73
N GLN A 935 14.22 -30.70 -30.52
CA GLN A 935 13.75 -29.82 -29.45
C GLN A 935 14.72 -29.94 -28.28
N PHE A 936 14.79 -28.90 -27.46
CA PHE A 936 15.67 -28.97 -26.30
C PHE A 936 15.22 -28.01 -25.22
N SER A 937 15.62 -28.28 -23.99
CA SER A 937 15.26 -27.44 -22.86
C SER A 937 16.35 -27.55 -21.80
N ILE A 938 16.73 -26.40 -21.24
CA ILE A 938 17.75 -26.34 -20.21
C ILE A 938 17.17 -25.54 -19.06
N ILE A 939 17.04 -26.18 -17.90
CA ILE A 939 16.49 -25.50 -16.72
C ILE A 939 17.45 -25.57 -15.55
N PRO A 940 17.29 -24.64 -14.59
CA PRO A 940 18.17 -24.60 -13.41
C PRO A 940 17.74 -25.49 -12.24
N PHE A 941 16.83 -26.43 -12.50
CA PHE A 941 16.33 -27.32 -11.45
C PHE A 941 16.39 -28.76 -11.94
N SER A 942 16.21 -29.71 -11.01
CA SER A 942 16.19 -31.12 -11.39
C SER A 942 14.74 -31.47 -11.76
N ASP A 943 14.55 -32.41 -12.69
CA ASP A 943 13.22 -32.81 -13.07
C ASP A 943 12.45 -33.32 -11.86
N VAL A 944 13.16 -33.99 -10.95
CA VAL A 944 12.55 -34.53 -9.74
C VAL A 944 11.85 -33.41 -8.95
N LEU A 945 12.63 -32.40 -8.58
CA LEU A 945 12.12 -31.27 -7.82
C LEU A 945 11.06 -30.48 -8.57
N LEU A 946 11.27 -30.26 -9.87
CA LEU A 946 10.31 -29.50 -10.68
C LEU A 946 8.94 -30.18 -10.69
N GLU A 947 8.93 -31.50 -10.85
CA GLU A 947 7.70 -32.28 -10.86
C GLU A 947 7.00 -32.25 -9.50
N LYS A 948 7.79 -32.39 -8.45
CA LYS A 948 7.28 -32.41 -7.08
C LYS A 948 6.72 -31.06 -6.60
N ALA A 949 7.34 -29.96 -6.99
CA ALA A 949 6.90 -28.64 -6.56
C ALA A 949 5.52 -28.20 -7.08
N HIS A 950 4.72 -27.63 -6.18
CA HIS A 950 3.39 -27.14 -6.56
C HIS A 950 3.34 -25.61 -6.40
N HIS A 951 4.38 -25.07 -5.76
CA HIS A 951 4.49 -23.62 -5.58
C HIS A 951 5.90 -23.15 -5.92
N ILE A 952 5.99 -21.96 -6.50
CA ILE A 952 7.27 -21.38 -6.89
C ILE A 952 8.35 -21.43 -5.82
N ASN A 953 7.99 -21.08 -4.59
CA ASN A 953 8.97 -21.04 -3.51
C ASN A 953 9.61 -22.37 -3.10
N GLU A 954 9.06 -23.48 -3.58
CA GLU A 954 9.60 -24.80 -3.27
C GLU A 954 10.78 -25.10 -4.17
N LEU A 955 10.88 -24.37 -5.27
CA LEU A 955 11.98 -24.58 -6.20
C LEU A 955 13.31 -24.19 -5.54
N GLU A 956 14.28 -25.08 -5.60
CA GLU A 956 15.60 -24.83 -5.04
C GLU A 956 16.67 -25.42 -5.94
N ARG A 957 17.71 -24.65 -6.19
CA ARG A 957 18.81 -25.08 -7.04
C ARG A 957 19.74 -26.00 -6.26
N ASP A 958 20.43 -26.88 -6.96
CA ASP A 958 21.34 -27.81 -6.31
C ASP A 958 22.74 -27.70 -6.90
N GLY A 959 22.96 -26.70 -7.74
CA GLY A 959 24.26 -26.52 -8.35
C GLY A 959 24.41 -27.07 -9.74
N MSE A 960 23.39 -27.79 -10.22
CA MSE A 960 23.43 -28.37 -11.56
C MSE A 960 22.27 -27.92 -12.44
O MSE A 960 21.21 -27.56 -11.94
CB MSE A 960 23.41 -29.90 -11.46
CG MSE A 960 24.56 -30.48 -10.68
SE MSE A 960 24.38 -32.41 -10.53
CE MSE A 960 23.40 -32.51 -8.85
N ILE A 961 22.47 -27.91 -13.75
CA ILE A 961 21.41 -27.55 -14.68
C ILE A 961 20.98 -28.86 -15.34
N THR A 962 19.76 -28.92 -15.83
CA THR A 962 19.26 -30.14 -16.46
C THR A 962 19.06 -29.98 -17.96
N ILE A 963 19.70 -30.84 -18.74
CA ILE A 963 19.60 -30.81 -20.20
C ILE A 963 18.74 -31.93 -20.78
N HIS A 964 17.87 -31.57 -21.72
CA HIS A 964 17.03 -32.55 -22.42
C HIS A 964 17.20 -32.32 -23.91
N LEU A 965 17.60 -33.36 -24.62
CA LEU A 965 17.73 -33.29 -26.07
C LEU A 965 16.64 -34.21 -26.57
N ASP A 966 15.61 -33.63 -27.18
CA ASP A 966 14.47 -34.41 -27.65
C ASP A 966 14.34 -34.59 -29.16
N ALA A 967 14.15 -35.84 -29.57
CA ALA A 967 13.95 -36.16 -30.97
C ALA A 967 12.44 -36.09 -31.13
N GLU A 968 11.76 -36.24 -30.01
CA GLU A 968 10.29 -36.17 -29.94
C GLU A 968 9.88 -35.65 -28.57
N GLN A 969 8.82 -34.83 -28.56
CA GLN A 969 8.23 -34.31 -27.34
C GLN A 969 6.83 -33.84 -27.67
N ALA A 970 5.87 -34.29 -26.86
CA ALA A 970 4.48 -33.96 -27.06
C ALA A 970 4.19 -32.47 -27.06
N GLY A 971 3.04 -32.11 -27.61
CA GLY A 971 2.61 -30.72 -27.63
C GLY A 971 1.97 -30.51 -26.26
N VAL A 972 1.39 -29.34 -25.99
CA VAL A 972 0.80 -29.11 -24.69
C VAL A 972 -0.72 -29.14 -24.58
N GLY A 973 -1.40 -28.94 -25.71
CA GLY A 973 -2.86 -28.96 -25.71
C GLY A 973 -3.50 -27.96 -24.76
N THR A 974 -4.71 -28.26 -24.31
CA THR A 974 -5.48 -27.41 -23.39
C THR A 974 -6.42 -28.30 -22.57
N ALA A 975 -5.93 -29.46 -22.14
CA ALA A 975 -6.74 -30.42 -21.40
C ALA A 975 -7.28 -29.99 -20.04
N THR A 976 -6.70 -28.95 -19.45
CA THR A 976 -7.19 -28.49 -18.14
C THR A 976 -8.69 -28.17 -18.25
N CYS A 977 -9.11 -27.84 -19.47
CA CYS A 977 -10.52 -27.55 -19.76
C CYS A 977 -10.65 -27.40 -21.28
N GLY A 978 -11.03 -28.50 -21.92
CA GLY A 978 -11.16 -28.49 -23.37
C GLY A 978 -10.32 -29.60 -23.94
N PRO A 979 -10.07 -29.61 -25.26
CA PRO A 979 -9.26 -30.69 -25.86
C PRO A 979 -7.82 -30.82 -25.42
N GLY A 980 -7.38 -32.08 -25.35
CA GLY A 980 -6.01 -32.39 -24.98
C GLY A 980 -5.19 -32.31 -26.26
N VAL A 981 -3.94 -32.76 -26.19
CA VAL A 981 -3.07 -32.73 -27.36
C VAL A 981 -3.66 -33.56 -28.50
N LEU A 982 -3.68 -32.96 -29.69
CA LEU A 982 -4.20 -33.60 -30.88
C LEU A 982 -3.32 -34.78 -31.28
N PRO A 983 -3.91 -35.81 -31.91
CA PRO A 983 -3.19 -37.01 -32.35
C PRO A 983 -1.82 -36.77 -32.98
N GLN A 984 -1.76 -35.89 -33.98
CA GLN A 984 -0.53 -35.60 -34.68
C GLN A 984 0.57 -34.94 -33.86
N TYR A 985 0.28 -34.62 -32.59
CA TYR A 985 1.28 -34.02 -31.72
C TYR A 985 1.61 -34.90 -30.51
N LEU A 986 1.11 -36.13 -30.53
CA LEU A 986 1.39 -37.08 -29.46
C LEU A 986 2.68 -37.80 -29.81
N VAL A 987 3.47 -38.14 -28.80
CA VAL A 987 4.71 -38.86 -29.05
C VAL A 987 4.39 -40.30 -29.48
N PRO A 988 4.94 -40.75 -30.61
CA PRO A 988 4.67 -42.12 -31.09
C PRO A 988 5.23 -43.17 -30.13
N VAL A 989 4.40 -44.16 -29.81
CA VAL A 989 4.84 -45.24 -28.93
C VAL A 989 5.12 -46.45 -29.81
N LYS A 990 6.31 -46.47 -30.40
CA LYS A 990 6.73 -47.54 -31.28
C LYS A 990 8.26 -47.48 -31.43
N LYS A 991 8.85 -48.53 -32.00
CA LYS A 991 10.29 -48.56 -32.16
C LYS A 991 10.77 -47.32 -32.92
N GLN A 992 11.71 -46.58 -32.32
CA GLN A 992 12.26 -45.38 -32.93
C GLN A 992 13.76 -45.30 -32.73
N SER A 993 14.44 -44.63 -33.66
CA SER A 993 15.88 -44.46 -33.57
C SER A 993 16.18 -42.97 -33.72
N PHE A 994 17.20 -42.50 -33.02
CA PHE A 994 17.56 -41.08 -33.08
C PHE A 994 18.98 -40.86 -32.59
N GLU A 995 19.60 -39.79 -33.07
CA GLU A 995 20.96 -39.49 -32.65
C GLU A 995 21.22 -38.01 -32.36
N PHE A 996 22.27 -37.80 -31.56
CA PHE A 996 22.71 -36.48 -31.16
C PHE A 996 24.22 -36.56 -31.07
N THR A 997 24.91 -35.53 -31.55
CA THR A 997 26.36 -35.51 -31.48
C THR A 997 26.79 -34.34 -30.60
N LEU A 998 27.69 -34.62 -29.67
CA LEU A 998 28.17 -33.60 -28.75
C LEU A 998 29.60 -33.22 -29.15
N TYR A 999 29.86 -31.92 -29.20
CA TYR A 999 31.19 -31.42 -29.56
C TYR A 999 31.75 -30.61 -28.41
N PRO A 1000 32.84 -31.06 -27.78
CA PRO A 1000 33.36 -30.24 -26.68
C PRO A 1000 33.88 -28.96 -27.34
N VAL A 1001 33.84 -27.84 -26.61
CA VAL A 1001 34.33 -26.59 -27.19
C VAL A 1001 35.08 -25.72 -26.19
N LYS A 1002 36.02 -24.94 -26.71
CA LYS A 1002 36.81 -24.02 -25.89
C LYS A 1002 36.91 -22.72 -26.68
N GLU A 1003 35.96 -21.80 -26.41
CA GLU A 1003 35.90 -20.52 -27.09
C GLU A 1003 36.64 -19.39 -26.38
N GLY A 1004 37.18 -19.67 -25.20
CA GLY A 1004 37.91 -18.66 -24.46
C GLY A 1004 37.07 -17.64 -23.72
N HIS A 1005 37.73 -16.86 -22.87
CA HIS A 1005 37.06 -15.84 -22.07
C HIS A 1005 37.15 -14.46 -22.72
N HIS A 1006 36.02 -13.99 -23.25
CA HIS A 1006 35.95 -12.69 -23.90
C HIS A 1006 35.53 -11.59 -22.93
N HIS A 1007 36.41 -10.61 -22.76
CA HIS A 1007 36.11 -9.49 -21.88
C HIS A 1007 35.50 -8.37 -22.71
N HIS A 1008 34.47 -7.74 -22.16
CA HIS A 1008 33.77 -6.65 -22.84
C HIS A 1008 32.77 -6.02 -21.89
N HIS A 1009 32.24 -4.86 -22.28
CA HIS A 1009 31.26 -4.16 -21.45
C HIS A 1009 29.91 -4.84 -21.44
N LEU B 3 44.20 -13.80 8.31
CA LEU B 3 43.37 -13.50 7.10
C LEU B 3 44.22 -13.22 5.87
N LYS B 4 44.01 -13.99 4.80
CA LYS B 4 44.76 -13.80 3.57
C LYS B 4 44.21 -12.58 2.85
N GLN B 5 42.90 -12.36 3.02
CA GLN B 5 42.22 -11.24 2.40
C GLN B 5 41.56 -10.37 3.46
N PRO B 6 41.53 -9.06 3.24
CA PRO B 6 40.93 -8.13 4.18
C PRO B 6 39.42 -8.37 4.27
N LEU B 7 38.81 -8.01 5.40
CA LEU B 7 37.37 -8.15 5.55
C LEU B 7 36.74 -7.08 4.64
N PRO B 8 35.47 -7.27 4.22
CA PRO B 8 34.85 -6.27 3.35
C PRO B 8 34.65 -4.92 4.03
N GLU B 9 34.45 -3.89 3.23
CA GLU B 9 34.26 -2.52 3.71
C GLU B 9 33.27 -2.34 4.85
N TRP B 10 32.18 -3.09 4.83
CA TRP B 10 31.17 -2.96 5.87
C TRP B 10 31.60 -3.46 7.24
N GLN B 11 32.83 -3.95 7.34
CA GLN B 11 33.36 -4.43 8.62
C GLN B 11 34.43 -3.46 9.16
N SER B 12 34.55 -2.30 8.53
CA SER B 12 35.54 -1.30 8.93
C SER B 12 34.93 0.07 9.28
N GLN B 13 35.31 0.62 10.43
CA GLN B 13 34.80 1.92 10.84
C GLN B 13 35.39 3.04 10.00
N TYR B 14 36.36 2.71 9.15
CA TYR B 14 36.99 3.73 8.32
C TYR B 14 36.32 3.87 6.94
N ALA B 15 35.77 2.78 6.43
CA ALA B 15 35.11 2.77 5.12
C ALA B 15 33.73 3.41 5.17
N VAL B 16 33.71 4.71 5.46
CA VAL B 16 32.46 5.47 5.56
C VAL B 16 31.90 5.91 4.21
N GLY B 17 32.76 6.05 3.21
CA GLY B 17 32.31 6.47 1.91
C GLY B 17 33.39 6.43 0.86
N LEU B 18 32.98 6.37 -0.40
CA LEU B 18 33.95 6.34 -1.49
C LEU B 18 33.39 7.02 -2.73
N ASN B 19 34.19 7.91 -3.31
CA ASN B 19 33.82 8.65 -4.51
C ASN B 19 32.55 9.48 -4.41
N LYS B 20 32.14 9.84 -3.20
CA LYS B 20 30.94 10.64 -3.00
C LYS B 20 31.22 12.13 -3.06
N LEU B 21 30.17 12.91 -3.27
CA LEU B 21 30.28 14.37 -3.30
C LEU B 21 30.55 14.84 -1.87
N ALA B 22 31.35 15.89 -1.72
CA ALA B 22 31.64 16.42 -0.40
C ALA B 22 30.32 16.92 0.21
N PRO B 23 30.16 16.81 1.53
CA PRO B 23 28.90 17.30 2.13
C PRO B 23 28.66 18.76 1.74
N HIS B 24 27.44 19.06 1.34
CA HIS B 24 27.09 20.40 0.88
C HIS B 24 25.61 20.65 1.15
N THR B 25 25.21 21.91 1.10
CA THR B 25 23.81 22.23 1.30
C THR B 25 23.10 21.83 0.01
N TYR B 26 21.83 21.46 0.10
CA TYR B 26 21.11 21.06 -1.09
C TYR B 26 21.14 22.19 -2.12
N VAL B 27 21.49 21.84 -3.35
CA VAL B 27 21.58 22.80 -4.43
C VAL B 27 20.80 22.29 -5.64
N TRP B 28 19.56 21.90 -5.39
CA TRP B 28 18.71 21.38 -6.45
C TRP B 28 18.53 22.48 -7.51
N PRO B 29 18.73 22.14 -8.78
CA PRO B 29 18.56 23.18 -9.80
C PRO B 29 17.07 23.38 -10.12
N TYR B 30 16.64 24.64 -10.21
CA TYR B 30 15.25 24.96 -10.50
C TYR B 30 15.10 25.57 -11.89
N ALA B 31 13.86 25.66 -12.36
CA ALA B 31 13.56 26.26 -13.65
C ALA B 31 12.60 27.40 -13.31
N ASP B 32 11.82 27.20 -12.25
CA ASP B 32 10.86 28.19 -11.78
C ASP B 32 11.19 28.62 -10.34
N ALA B 33 11.84 29.77 -10.21
CA ALA B 33 12.25 30.31 -8.92
C ALA B 33 11.09 30.38 -7.94
N SER B 34 9.87 30.43 -8.48
CA SER B 34 8.67 30.50 -7.65
C SER B 34 8.54 29.29 -6.73
N ASP B 35 9.18 28.18 -7.11
CA ASP B 35 9.12 26.95 -6.33
C ASP B 35 10.11 26.88 -5.15
N ILE B 36 11.04 27.82 -5.07
CA ILE B 36 12.02 27.81 -3.99
C ILE B 36 11.35 27.90 -2.61
N GLY B 37 10.43 28.84 -2.46
CA GLY B 37 9.75 28.99 -1.18
C GLY B 37 8.69 27.94 -0.87
N LYS B 38 8.61 26.90 -1.70
CA LYS B 38 7.62 25.84 -1.48
C LYS B 38 8.26 24.55 -0.99
N PRO B 39 7.83 24.05 0.19
CA PRO B 39 8.39 22.81 0.72
C PRO B 39 8.31 21.71 -0.35
N GLY B 40 9.42 21.02 -0.60
CA GLY B 40 9.44 19.96 -1.59
C GLY B 40 9.31 20.45 -3.03
N GLY B 41 9.27 21.77 -3.22
CA GLY B 41 9.14 22.35 -4.54
C GLY B 41 10.13 21.84 -5.56
N TYR B 42 11.37 21.64 -5.12
CA TYR B 42 12.42 21.16 -6.00
C TYR B 42 12.08 19.86 -6.74
N GLU B 43 11.14 19.08 -6.24
CA GLU B 43 10.76 17.83 -6.89
C GLU B 43 9.99 18.07 -8.19
N GLN B 44 9.46 19.28 -8.38
CA GLN B 44 8.71 19.61 -9.59
C GLN B 44 9.60 20.19 -10.69
N SER B 45 10.90 20.26 -10.43
CA SER B 45 11.83 20.80 -11.40
C SER B 45 12.12 19.85 -12.57
N PRO B 46 12.28 20.39 -13.78
CA PRO B 46 12.57 19.52 -14.92
C PRO B 46 14.00 18.96 -14.81
N TYR B 47 14.75 19.46 -13.83
CA TYR B 47 16.12 19.03 -13.60
C TYR B 47 16.19 18.03 -12.43
N TYR B 48 15.03 17.51 -12.05
CA TYR B 48 14.89 16.53 -10.97
C TYR B 48 14.09 15.35 -11.52
N MSE B 49 14.54 14.14 -11.21
CA MSE B 49 13.82 12.95 -11.64
C MSE B 49 13.89 11.90 -10.55
O MSE B 49 14.95 11.32 -10.28
CB MSE B 49 14.39 12.36 -12.93
CG MSE B 49 13.57 11.17 -13.42
SE MSE B 49 14.33 10.19 -14.92
CE MSE B 49 15.53 9.00 -13.99
N SER B 50 12.75 11.64 -9.91
CA SER B 50 12.70 10.67 -8.84
C SER B 50 12.92 9.25 -9.37
N LEU B 51 13.49 8.40 -8.52
CA LEU B 51 13.71 7.00 -8.86
C LEU B 51 12.98 6.12 -7.85
N ASN B 52 12.07 6.72 -7.09
CA ASN B 52 11.28 5.96 -6.11
C ASN B 52 10.33 5.06 -6.91
N GLY B 53 9.69 4.12 -6.24
CA GLY B 53 8.75 3.26 -6.92
C GLY B 53 9.08 1.79 -6.78
N LYS B 54 8.76 1.03 -7.82
CA LYS B 54 9.01 -0.40 -7.82
C LYS B 54 10.42 -0.75 -8.29
N TRP B 55 11.15 -1.46 -7.44
CA TRP B 55 12.50 -1.91 -7.75
C TRP B 55 12.53 -3.44 -7.65
N LYS B 56 13.36 -4.08 -8.45
CA LYS B 56 13.50 -5.52 -8.39
C LYS B 56 14.23 -5.74 -7.06
N PHE B 57 13.84 -6.77 -6.32
CA PHE B 57 14.41 -7.01 -5.00
C PHE B 57 14.72 -8.48 -4.71
N ASN B 58 15.80 -8.68 -3.95
CA ASN B 58 16.22 -10.01 -3.52
C ASN B 58 16.80 -9.92 -2.11
N TRP B 59 16.34 -10.80 -1.24
CA TRP B 59 16.79 -10.82 0.14
C TRP B 59 17.37 -12.17 0.52
N VAL B 60 18.47 -12.14 1.27
CA VAL B 60 19.07 -13.37 1.75
C VAL B 60 19.73 -13.17 3.10
N LYS B 61 19.80 -14.24 3.89
CA LYS B 61 20.49 -14.15 5.16
C LYS B 61 21.79 -14.79 4.70
N ASN B 62 22.91 -14.19 5.08
CA ASN B 62 24.26 -14.65 4.73
C ASN B 62 24.76 -14.11 3.37
N PRO B 63 25.67 -13.13 3.37
CA PRO B 63 26.26 -12.51 2.19
C PRO B 63 26.80 -13.53 1.18
N ASP B 64 27.36 -14.63 1.66
CA ASP B 64 27.88 -15.64 0.74
C ASP B 64 26.77 -16.18 -0.16
N ASN B 65 25.52 -16.03 0.27
CA ASN B 65 24.36 -16.51 -0.48
C ASN B 65 23.73 -15.50 -1.42
N ARG B 66 24.23 -14.27 -1.43
CA ARG B 66 23.68 -13.21 -2.26
C ARG B 66 24.02 -13.38 -3.75
N PRO B 67 23.23 -12.73 -4.64
CA PRO B 67 23.47 -12.81 -6.08
C PRO B 67 24.52 -11.76 -6.42
N LYS B 68 25.78 -12.17 -6.39
CA LYS B 68 26.93 -11.29 -6.62
C LYS B 68 26.93 -10.39 -7.86
N ASP B 69 26.63 -10.96 -9.03
CA ASP B 69 26.67 -10.19 -10.27
C ASP B 69 25.40 -9.42 -10.63
N PHE B 70 24.42 -9.41 -9.73
CA PHE B 70 23.14 -8.75 -9.97
C PHE B 70 23.26 -7.31 -10.47
N TYR B 71 24.32 -6.60 -10.09
CA TYR B 71 24.51 -5.22 -10.52
C TYR B 71 24.84 -5.06 -12.01
N GLN B 72 25.29 -6.14 -12.64
CA GLN B 72 25.61 -6.09 -14.08
C GLN B 72 24.32 -6.05 -14.89
N PRO B 73 24.18 -5.08 -15.80
CA PRO B 73 22.97 -4.96 -16.62
C PRO B 73 22.51 -6.24 -17.31
N SER B 74 23.46 -7.07 -17.72
CA SER B 74 23.11 -8.31 -18.40
C SER B 74 22.54 -9.36 -17.44
N TYR B 75 22.72 -9.14 -16.14
CA TYR B 75 22.20 -10.08 -15.15
C TYR B 75 20.66 -10.07 -15.21
N TYR B 76 20.06 -11.24 -15.19
CA TYR B 76 18.60 -11.37 -15.28
C TYR B 76 17.83 -11.31 -13.95
N THR B 77 16.98 -10.30 -13.80
CA THR B 77 16.19 -10.17 -12.57
C THR B 77 14.68 -10.40 -12.78
N GLY B 78 14.31 -10.81 -13.99
CA GLY B 78 12.90 -11.04 -14.28
C GLY B 78 12.20 -11.99 -13.32
N GLY B 79 12.97 -12.89 -12.70
CA GLY B 79 12.40 -13.84 -11.77
C GLY B 79 12.29 -13.32 -10.34
N TRP B 80 12.77 -12.09 -10.13
CA TRP B 80 12.74 -11.46 -8.81
C TRP B 80 11.41 -10.76 -8.58
N ALA B 81 11.10 -10.51 -7.30
CA ALA B 81 9.89 -9.81 -6.94
C ALA B 81 10.19 -8.32 -6.99
N ASP B 82 9.19 -7.51 -6.64
CA ASP B 82 9.36 -6.07 -6.61
C ASP B 82 9.20 -5.60 -5.17
N ILE B 83 9.80 -4.47 -4.84
CA ILE B 83 9.69 -3.89 -3.50
C ILE B 83 9.49 -2.38 -3.70
N ASN B 84 8.81 -1.75 -2.74
CA ASN B 84 8.61 -0.31 -2.84
C ASN B 84 9.81 0.43 -2.29
N VAL B 85 10.22 1.47 -3.00
CA VAL B 85 11.32 2.32 -2.59
C VAL B 85 10.75 3.74 -2.51
N PRO B 86 10.93 4.44 -1.38
CA PRO B 86 11.62 4.01 -0.16
C PRO B 86 10.73 3.20 0.78
N GLY B 87 11.33 2.65 1.83
CA GLY B 87 10.59 1.86 2.80
C GLY B 87 11.40 0.69 3.33
N ASN B 88 11.60 0.61 4.66
CA ASN B 88 12.35 -0.48 5.24
C ASN B 88 11.77 -1.83 4.80
N TRP B 89 12.64 -2.78 4.45
CA TRP B 89 12.12 -4.05 3.96
C TRP B 89 11.35 -4.90 4.96
N GLU B 90 11.57 -4.68 6.27
CA GLU B 90 10.86 -5.44 7.30
C GLU B 90 9.36 -5.13 7.29
N ARG B 91 8.99 -3.96 6.76
CA ARG B 91 7.58 -3.58 6.68
C ARG B 91 7.00 -3.93 5.32
N GLN B 92 7.73 -4.75 4.57
CA GLN B 92 7.31 -5.20 3.25
C GLN B 92 7.47 -6.71 3.11
N GLY B 93 7.33 -7.40 4.24
CA GLY B 93 7.40 -8.85 4.28
C GLY B 93 8.75 -9.55 4.26
N TYR B 94 9.82 -8.83 4.56
CA TYR B 94 11.16 -9.42 4.55
C TYR B 94 11.89 -9.30 5.90
N GLY B 95 12.67 -10.33 6.23
CA GLY B 95 13.43 -10.32 7.47
C GLY B 95 12.63 -10.28 8.76
N THR B 96 13.16 -9.56 9.74
CA THR B 96 12.51 -9.44 11.04
C THR B 96 12.76 -8.07 11.68
N ALA B 97 11.68 -7.35 11.94
CA ALA B 97 11.79 -6.05 12.59
C ALA B 97 12.17 -6.33 14.05
N ILE B 98 13.16 -5.61 14.57
CA ILE B 98 13.60 -5.84 15.93
C ILE B 98 13.66 -4.55 16.74
N TYR B 99 13.16 -4.59 17.98
CA TYR B 99 13.22 -3.44 18.85
C TYR B 99 13.97 -3.73 20.14
N VAL B 100 15.11 -3.04 20.31
CA VAL B 100 15.92 -3.13 21.51
C VAL B 100 16.25 -1.70 21.87
N ASN B 101 16.63 -1.46 23.11
CA ASN B 101 16.91 -0.11 23.56
C ASN B 101 18.39 0.26 23.63
N GLU B 102 19.03 -0.01 24.75
CA GLU B 102 20.44 0.36 24.96
C GLU B 102 21.44 -0.68 24.47
N THR B 103 20.97 -1.66 23.70
CA THR B 103 21.87 -2.70 23.21
C THR B 103 21.84 -2.83 21.69
N TYR B 104 22.80 -3.59 21.17
CA TYR B 104 22.90 -3.85 19.74
C TYR B 104 22.16 -5.17 19.54
N GLU B 105 21.19 -5.18 18.62
CA GLU B 105 20.42 -6.40 18.39
C GLU B 105 21.28 -7.57 17.90
N PHE B 106 22.39 -7.27 17.21
CA PHE B 106 23.26 -8.32 16.72
C PHE B 106 24.17 -8.89 17.81
N ASP B 107 24.19 -8.23 18.97
CA ASP B 107 24.97 -8.68 20.11
C ASP B 107 24.04 -9.61 20.89
N ASP B 108 23.82 -10.81 20.35
CA ASP B 108 22.92 -11.78 20.97
C ASP B 108 23.29 -13.18 20.53
N LYS B 109 23.01 -14.16 21.40
CA LYS B 109 23.32 -15.55 21.10
C LYS B 109 22.57 -16.04 19.87
N MSE B 110 21.42 -15.43 19.59
CA MSE B 110 20.65 -15.84 18.44
C MSE B 110 21.41 -15.67 17.13
O MSE B 110 21.17 -16.40 16.16
CB MSE B 110 19.36 -15.05 18.34
CG MSE B 110 18.64 -15.38 17.07
SE MSE B 110 16.96 -14.54 16.96
CE MSE B 110 15.91 -15.70 18.15
N PHE B 111 22.33 -14.71 17.10
CA PHE B 111 23.11 -14.46 15.91
C PHE B 111 24.54 -14.95 16.06
N ASN B 112 24.79 -15.70 17.13
CA ASN B 112 26.11 -16.25 17.40
C ASN B 112 27.18 -15.17 17.42
N PHE B 113 26.86 -14.02 18.00
CA PHE B 113 27.82 -12.92 18.01
C PHE B 113 27.79 -12.09 19.28
N LYS B 114 28.93 -11.50 19.61
CA LYS B 114 29.08 -10.66 20.78
C LYS B 114 29.69 -9.35 20.30
N LYS B 115 29.16 -8.22 20.76
CA LYS B 115 29.68 -6.94 20.31
C LYS B 115 31.20 -6.89 20.36
N ASN B 116 31.80 -6.27 19.35
CA ASN B 116 33.24 -6.17 19.25
C ASN B 116 33.58 -5.21 18.11
N PRO B 117 33.37 -3.90 18.33
CA PRO B 117 33.64 -2.86 17.35
C PRO B 117 34.96 -3.11 16.63
N PRO B 118 34.98 -2.97 15.29
CA PRO B 118 33.90 -2.48 14.42
C PRO B 118 33.11 -3.62 13.73
N LEU B 119 33.40 -4.85 14.14
CA LEU B 119 32.78 -6.03 13.54
C LEU B 119 31.31 -6.27 13.87
N VAL B 120 30.61 -6.81 12.88
CA VAL B 120 29.20 -7.16 13.00
C VAL B 120 29.15 -8.61 12.49
N PRO B 121 28.06 -9.35 12.76
CA PRO B 121 27.97 -10.74 12.28
C PRO B 121 28.16 -10.87 10.76
N PHE B 122 28.65 -12.01 10.30
CA PHE B 122 28.84 -12.22 8.87
C PHE B 122 27.73 -13.12 8.32
N ALA B 123 27.73 -14.37 8.75
CA ALA B 123 26.76 -15.37 8.30
C ALA B 123 25.32 -15.03 8.66
N GLU B 124 25.13 -14.23 9.71
CA GLU B 124 23.79 -13.86 10.13
C GLU B 124 23.35 -12.51 9.55
N ASN B 125 24.26 -11.81 8.90
CA ASN B 125 23.94 -10.50 8.31
C ASN B 125 22.98 -10.70 7.13
N GLU B 126 22.16 -9.69 6.86
CA GLU B 126 21.19 -9.75 5.77
C GLU B 126 21.60 -8.86 4.61
N VAL B 127 21.33 -9.34 3.39
CA VAL B 127 21.66 -8.59 2.20
C VAL B 127 20.42 -8.35 1.34
N GLY B 128 20.09 -7.07 1.16
CA GLY B 128 18.96 -6.69 0.33
C GLY B 128 19.48 -6.16 -0.99
N SER B 129 19.25 -6.92 -2.06
CA SER B 129 19.71 -6.53 -3.38
C SER B 129 18.62 -5.78 -4.19
N TYR B 130 18.83 -4.48 -4.40
CA TYR B 130 17.91 -3.62 -5.13
C TYR B 130 18.42 -3.28 -6.53
N ARG B 131 17.53 -3.28 -7.52
CA ARG B 131 17.90 -2.91 -8.88
C ARG B 131 16.70 -2.48 -9.71
N ARG B 132 16.89 -1.41 -10.48
CA ARG B 132 15.83 -0.91 -11.36
C ARG B 132 16.43 -0.26 -12.58
N THR B 133 15.60 -0.16 -13.62
CA THR B 133 15.95 0.43 -14.89
C THR B 133 15.42 1.85 -14.95
N PHE B 134 16.02 2.69 -15.79
CA PHE B 134 15.57 4.06 -15.93
C PHE B 134 16.13 4.72 -17.17
N LYS B 135 15.44 5.75 -17.65
CA LYS B 135 15.88 6.48 -18.82
C LYS B 135 16.19 7.92 -18.43
N VAL B 136 17.16 8.51 -19.11
CA VAL B 136 17.55 9.88 -18.82
C VAL B 136 16.76 10.83 -19.73
N PRO B 137 16.24 11.91 -19.16
CA PRO B 137 15.47 12.89 -19.94
C PRO B 137 16.34 13.41 -21.10
N ALA B 138 15.77 13.46 -22.30
CA ALA B 138 16.49 13.93 -23.47
C ALA B 138 17.13 15.31 -23.25
N ASP B 139 16.44 16.18 -22.53
CA ASP B 139 16.97 17.53 -22.28
C ASP B 139 18.16 17.55 -21.32
N TRP B 140 18.60 16.37 -20.86
CA TRP B 140 19.73 16.29 -19.94
C TRP B 140 21.02 15.95 -20.68
N LYS B 141 20.93 15.83 -22.01
CA LYS B 141 22.11 15.53 -22.82
C LYS B 141 23.15 16.63 -22.61
N GLY B 142 24.37 16.22 -22.27
CA GLY B 142 25.45 17.18 -22.07
C GLY B 142 25.59 17.76 -20.67
N ARG B 143 24.57 17.60 -19.84
CA ARG B 143 24.61 18.13 -18.48
C ARG B 143 25.23 17.16 -17.48
N ARG B 144 25.58 17.68 -16.32
CA ARG B 144 26.14 16.88 -15.23
C ARG B 144 24.94 16.23 -14.56
N VAL B 145 25.05 14.93 -14.26
CA VAL B 145 23.95 14.23 -13.59
C VAL B 145 24.43 13.62 -12.28
N VAL B 146 23.62 13.75 -11.24
CA VAL B 146 23.99 13.23 -9.93
C VAL B 146 22.97 12.27 -9.33
N LEU B 147 23.46 11.17 -8.75
CA LEU B 147 22.60 10.19 -8.09
C LEU B 147 22.57 10.55 -6.61
N CYS B 148 21.37 10.74 -6.06
CA CYS B 148 21.24 11.08 -4.65
C CYS B 148 20.37 10.09 -3.90
N CYS B 149 20.94 9.50 -2.85
CA CYS B 149 20.21 8.57 -2.00
C CYS B 149 20.13 9.30 -0.66
N GLU B 150 18.93 9.78 -0.34
CA GLU B 150 18.72 10.53 0.90
C GLU B 150 18.99 9.72 2.17
N GLY B 151 18.75 8.42 2.12
CA GLY B 151 18.97 7.59 3.29
C GLY B 151 18.75 6.11 3.08
N VAL B 152 19.79 5.35 3.38
CA VAL B 152 19.80 3.90 3.29
C VAL B 152 20.46 3.44 4.58
N ILE B 153 19.88 2.43 5.23
CA ILE B 153 20.47 1.98 6.48
C ILE B 153 21.36 0.78 6.51
N SER B 154 22.35 1.09 7.35
CA SER B 154 23.60 0.45 7.71
C SER B 154 24.55 0.68 6.56
N PHE B 155 24.77 -0.27 5.67
CA PHE B 155 25.77 -0.06 4.58
C PHE B 155 25.30 -0.45 3.18
N TYR B 156 25.90 0.10 2.10
CA TYR B 156 25.47 -0.30 0.76
C TYR B 156 26.49 0.07 -0.30
N TYR B 157 26.57 -0.76 -1.33
CA TYR B 157 27.45 -0.52 -2.47
C TYR B 157 26.47 0.00 -3.52
N VAL B 158 26.91 0.89 -4.40
CA VAL B 158 26.01 1.39 -5.43
C VAL B 158 26.70 1.34 -6.81
N TRP B 159 25.97 0.84 -7.79
CA TRP B 159 26.46 0.69 -9.17
C TRP B 159 25.46 1.27 -10.16
N VAL B 160 25.97 1.80 -11.26
CA VAL B 160 25.14 2.33 -12.32
C VAL B 160 25.76 1.71 -13.57
N ASN B 161 24.94 1.05 -14.38
CA ASN B 161 25.39 0.38 -15.59
C ASN B 161 26.57 -0.56 -15.33
N GLY B 162 26.53 -1.25 -14.19
CA GLY B 162 27.57 -2.20 -13.85
C GLY B 162 28.86 -1.63 -13.30
N LYS B 163 28.96 -0.31 -13.23
CA LYS B 163 30.15 0.33 -12.71
C LYS B 163 30.00 0.77 -11.25
N LEU B 164 30.85 0.23 -10.39
CA LEU B 164 30.84 0.56 -8.97
C LEU B 164 31.12 2.04 -8.72
N LEU B 165 30.12 2.74 -8.20
CA LEU B 165 30.26 4.16 -7.90
C LEU B 165 31.00 4.33 -6.57
N GLY B 166 30.66 3.49 -5.61
CA GLY B 166 31.29 3.56 -4.31
C GLY B 166 30.42 2.92 -3.25
N TYR B 167 30.52 3.39 -2.01
CA TYR B 167 29.73 2.85 -0.92
C TYR B 167 29.50 3.91 0.15
N ASN B 168 28.72 3.57 1.16
CA ASN B 168 28.40 4.52 2.22
C ASN B 168 28.01 3.92 3.57
N GLN B 169 28.33 4.67 4.63
CA GLN B 169 27.96 4.35 6.00
C GLN B 169 27.37 5.68 6.48
N GLY B 170 26.34 5.62 7.34
CA GLY B 170 25.68 6.83 7.78
C GLY B 170 24.34 6.77 7.07
N SER B 171 23.31 6.35 7.80
CA SER B 171 21.98 6.16 7.23
C SER B 171 21.00 7.31 7.24
N LYS B 172 21.35 8.41 7.88
CA LYS B 172 20.42 9.53 8.00
C LYS B 172 20.76 10.84 7.29
N THR B 173 21.71 10.79 6.37
CA THR B 173 22.07 11.96 5.57
C THR B 173 22.31 11.43 4.16
N ALA B 174 22.11 12.28 3.15
CA ALA B 174 22.28 11.86 1.77
C ALA B 174 23.71 11.52 1.33
N ALA B 175 23.81 10.54 0.42
CA ALA B 175 25.08 10.12 -0.15
C ALA B 175 24.86 10.38 -1.64
N GLU B 176 25.76 11.14 -2.25
CA GLU B 176 25.62 11.47 -3.67
C GLU B 176 26.85 11.14 -4.52
N TRP B 177 26.61 10.83 -5.79
CA TRP B 177 27.67 10.50 -6.74
C TRP B 177 27.42 11.15 -8.09
N ASP B 178 28.50 11.61 -8.72
CA ASP B 178 28.41 12.22 -10.04
C ASP B 178 28.46 11.01 -10.98
N ILE B 179 27.37 10.75 -11.69
CA ILE B 179 27.33 9.59 -12.58
C ILE B 179 27.33 9.96 -14.06
N THR B 180 27.58 11.24 -14.32
CA THR B 180 27.61 11.76 -15.68
C THR B 180 28.33 10.85 -16.67
N ASP B 181 29.56 10.47 -16.31
CA ASP B 181 30.39 9.66 -17.18
C ASP B 181 30.01 8.20 -17.38
N VAL B 182 29.15 7.65 -16.52
CA VAL B 182 28.78 6.25 -16.67
C VAL B 182 27.41 6.07 -17.32
N LEU B 183 26.68 7.17 -17.47
CA LEU B 183 25.37 7.12 -18.10
C LEU B 183 25.55 6.81 -19.58
N SER B 184 24.55 6.15 -20.16
CA SER B 184 24.59 5.80 -21.57
C SER B 184 23.21 6.08 -22.13
N GLU B 185 23.12 6.24 -23.44
CA GLU B 185 21.84 6.50 -24.07
C GLU B 185 20.94 5.29 -23.84
N GLY B 186 19.64 5.49 -23.96
CA GLY B 186 18.72 4.38 -23.76
C GLY B 186 18.56 3.95 -22.31
N GLU B 187 18.42 2.64 -22.13
CA GLU B 187 18.21 2.06 -20.82
C GLU B 187 19.43 2.04 -19.90
N ASN B 188 19.27 2.62 -18.71
CA ASN B 188 20.31 2.67 -17.69
C ASN B 188 19.90 1.78 -16.52
N VAL B 189 20.86 1.29 -15.77
CA VAL B 189 20.58 0.42 -14.63
C VAL B 189 21.29 0.87 -13.36
N VAL B 190 20.54 1.04 -12.28
CA VAL B 190 21.11 1.45 -10.99
C VAL B 190 20.85 0.33 -9.96
N ALA B 191 21.90 -0.03 -9.23
CA ALA B 191 21.79 -1.10 -8.24
C ALA B 191 22.39 -0.75 -6.89
N LEU B 192 21.78 -1.30 -5.84
CA LEU B 192 22.21 -1.10 -4.46
C LEU B 192 22.23 -2.43 -3.72
N GLU B 193 23.35 -2.73 -3.08
CA GLU B 193 23.48 -3.97 -2.32
C GLU B 193 23.58 -3.49 -0.88
N VAL B 194 22.44 -3.54 -0.18
CA VAL B 194 22.33 -3.07 1.20
C VAL B 194 22.46 -4.16 2.26
N TYR B 195 23.24 -3.84 3.29
CA TYR B 195 23.52 -4.74 4.40
C TYR B 195 22.81 -4.26 5.66
N ARG B 196 22.15 -5.18 6.35
CA ARG B 196 21.43 -4.81 7.57
C ARG B 196 22.37 -4.23 8.60
N TRP B 197 23.54 -4.85 8.74
CA TRP B 197 24.53 -4.41 9.72
C TRP B 197 25.89 -4.08 9.09
N SER B 198 26.55 -3.10 9.69
CA SER B 198 27.87 -2.69 9.25
C SER B 198 28.47 -1.98 10.45
N SER B 199 29.77 -1.67 10.37
CA SER B 199 30.45 -1.00 11.45
C SER B 199 29.70 0.27 11.87
N GLY B 200 29.11 0.94 10.89
CA GLY B 200 28.37 2.16 11.18
C GLY B 200 27.24 1.94 12.16
N ALA B 201 26.70 0.72 12.22
CA ALA B 201 25.60 0.42 13.13
C ALA B 201 26.02 0.67 14.58
N TYR B 202 27.31 0.65 14.86
CA TYR B 202 27.77 0.90 16.22
C TYR B 202 27.45 2.32 16.66
N LEU B 203 27.23 3.21 15.69
CA LEU B 203 26.90 4.60 16.01
C LEU B 203 25.43 4.87 15.73
N GLU B 204 24.67 3.80 15.53
CA GLU B 204 23.26 3.93 15.27
C GLU B 204 22.49 3.04 16.24
N CYS B 205 22.77 3.22 17.53
CA CYS B 205 22.14 2.42 18.59
C CYS B 205 21.04 3.19 19.32
N GLN B 206 20.26 3.96 18.57
CA GLN B 206 19.16 4.72 19.16
C GLN B 206 18.06 3.80 19.71
N ASP B 207 17.33 4.29 20.70
CA ASP B 207 16.23 3.53 21.29
C ASP B 207 15.09 3.62 20.27
N MSE B 208 15.11 2.71 19.30
CA MSE B 208 14.10 2.71 18.24
C MSE B 208 14.15 1.40 17.49
O MSE B 208 15.08 0.62 17.67
CB MSE B 208 14.42 3.82 17.25
CG MSE B 208 15.72 3.59 16.51
SE MSE B 208 16.11 5.02 15.28
CE MSE B 208 17.63 4.33 14.35
N TRP B 209 13.16 1.17 16.63
CA TRP B 209 13.13 -0.03 15.83
C TRP B 209 14.40 -0.13 14.98
N ARG B 210 15.01 -1.30 14.96
CA ARG B 210 16.22 -1.53 14.19
C ARG B 210 15.76 -2.18 12.90
N LEU B 211 15.81 -1.41 11.81
CA LEU B 211 15.33 -1.86 10.50
C LEU B 211 16.37 -1.72 9.39
N SER B 212 16.03 -2.18 8.19
CA SER B 212 16.98 -2.14 7.07
C SER B 212 16.39 -1.63 5.74
N GLY B 213 17.27 -1.43 4.77
CA GLY B 213 16.85 -1.00 3.44
C GLY B 213 16.93 0.49 3.11
N ILE B 214 16.40 0.85 1.95
CA ILE B 214 16.38 2.23 1.50
C ILE B 214 15.24 2.93 2.23
N GLU B 215 15.59 3.79 3.18
CA GLU B 215 14.60 4.49 3.99
C GLU B 215 14.07 5.79 3.43
N ARG B 216 14.86 6.47 2.59
CA ARG B 216 14.42 7.74 2.04
C ARG B 216 14.54 7.79 0.50
N ASP B 217 13.95 8.83 -0.07
CA ASP B 217 13.93 9.03 -1.50
C ASP B 217 15.27 8.85 -2.20
N VAL B 218 15.20 8.31 -3.41
CA VAL B 218 16.37 8.12 -4.26
C VAL B 218 15.99 8.91 -5.51
N TYR B 219 16.91 9.74 -5.98
CA TYR B 219 16.62 10.55 -7.16
C TYR B 219 17.84 11.04 -7.91
N LEU B 220 17.58 11.59 -9.09
CA LEU B 220 18.62 12.13 -9.95
C LEU B 220 18.35 13.61 -10.16
N TYR B 221 19.41 14.39 -10.29
CA TYR B 221 19.27 15.81 -10.59
C TYR B 221 20.43 16.20 -11.49
N SER B 222 20.20 17.16 -12.38
CA SER B 222 21.24 17.57 -13.31
C SER B 222 21.49 19.07 -13.29
N THR B 223 22.76 19.41 -13.42
CA THR B 223 23.21 20.78 -13.41
C THR B 223 24.13 20.92 -14.62
N PRO B 224 24.57 22.15 -14.94
CA PRO B 224 25.47 22.25 -16.09
C PRO B 224 26.85 21.84 -15.57
N LYS B 225 27.83 21.74 -16.46
CA LYS B 225 29.18 21.34 -16.08
C LYS B 225 29.74 22.22 -14.96
N GLN B 226 29.51 23.52 -15.07
CA GLN B 226 29.95 24.46 -14.04
C GLN B 226 28.68 24.65 -13.23
N TYR B 227 28.73 24.29 -11.95
CA TYR B 227 27.54 24.38 -11.11
C TYR B 227 27.74 25.02 -9.74
N ILE B 228 26.63 25.27 -9.06
CA ILE B 228 26.67 25.84 -7.71
C ILE B 228 26.74 24.61 -6.83
N ALA B 229 27.89 24.36 -6.23
CA ALA B 229 28.09 23.20 -5.39
C ALA B 229 27.59 23.36 -3.96
N ASP B 230 27.81 24.52 -3.37
CA ASP B 230 27.40 24.76 -2.00
C ASP B 230 27.41 26.25 -1.70
N TYR B 231 26.68 26.66 -0.67
CA TYR B 231 26.65 28.06 -0.28
C TYR B 231 26.23 28.20 1.17
N LYS B 232 26.80 29.20 1.83
CA LYS B 232 26.53 29.44 3.24
C LYS B 232 25.87 30.79 3.44
N VAL B 233 24.70 30.76 4.07
CA VAL B 233 23.93 31.97 4.33
C VAL B 233 24.03 32.38 5.78
N SER B 234 23.98 33.69 6.02
CA SER B 234 24.02 34.22 7.37
C SER B 234 23.07 35.40 7.43
N ALA B 235 21.89 35.15 7.98
CA ALA B 235 20.86 36.17 8.10
C ALA B 235 20.72 36.47 9.58
N SER B 236 21.48 37.47 10.04
CA SER B 236 21.49 37.84 11.44
C SER B 236 20.88 39.23 11.71
N LEU B 237 20.97 39.66 12.95
CA LEU B 237 20.46 40.96 13.41
C LEU B 237 21.57 41.64 14.22
N ASP B 238 21.57 42.96 14.28
CA ASP B 238 22.59 43.66 15.07
C ASP B 238 22.40 43.25 16.54
N LYS B 239 23.51 43.12 17.26
CA LYS B 239 23.46 42.69 18.65
C LYS B 239 23.09 43.73 19.70
N GLU B 240 22.86 44.97 19.28
CA GLU B 240 22.50 46.01 20.24
C GLU B 240 21.00 46.28 20.27
N LYS B 241 20.37 46.23 19.10
CA LYS B 241 18.95 46.49 18.99
C LYS B 241 18.12 45.32 18.43
N TYR B 242 18.78 44.41 17.72
CA TYR B 242 18.11 43.25 17.11
C TYR B 242 16.98 43.69 16.18
N LYS B 243 17.23 44.75 15.40
CA LYS B 243 16.25 45.27 14.46
C LYS B 243 16.79 45.29 13.04
N GLU B 244 18.07 45.62 12.93
CA GLU B 244 18.73 45.70 11.64
C GLU B 244 19.23 44.33 11.23
N GLY B 245 18.80 43.86 10.07
CA GLY B 245 19.24 42.56 9.59
C GLY B 245 20.60 42.65 8.92
N ILE B 246 21.44 41.64 9.16
CA ILE B 246 22.77 41.60 8.56
C ILE B 246 22.85 40.38 7.66
N PHE B 247 23.05 40.63 6.37
CA PHE B 247 23.12 39.57 5.39
C PHE B 247 24.52 39.28 4.87
N ASN B 248 24.90 38.01 4.89
CA ASN B 248 26.20 37.57 4.41
C ASN B 248 25.95 36.32 3.59
N LEU B 249 26.77 36.10 2.58
CA LEU B 249 26.59 34.95 1.73
C LEU B 249 27.89 34.57 1.03
N GLU B 250 28.22 33.28 1.10
CA GLU B 250 29.41 32.73 0.46
C GLU B 250 28.89 31.66 -0.47
N VAL B 251 29.50 31.52 -1.64
CA VAL B 251 29.09 30.52 -2.60
C VAL B 251 30.30 29.80 -3.18
N THR B 252 30.16 28.51 -3.40
CA THR B 252 31.23 27.73 -3.99
C THR B 252 30.75 27.21 -5.34
N VAL B 253 31.51 27.50 -6.38
CA VAL B 253 31.16 27.05 -7.72
C VAL B 253 32.22 26.07 -8.18
N GLU B 254 31.78 24.89 -8.59
CA GLU B 254 32.69 23.84 -9.04
C GLU B 254 32.48 23.50 -10.51
N GLY B 255 33.48 22.86 -11.11
CA GLY B 255 33.38 22.49 -12.51
C GLY B 255 34.16 23.44 -13.40
N PRO B 256 34.44 23.04 -14.65
CA PRO B 256 35.20 23.89 -15.58
C PRO B 256 34.35 24.88 -16.37
N SER B 257 35.03 25.73 -17.12
CA SER B 257 34.39 26.73 -17.95
C SER B 257 35.49 27.51 -18.68
N ALA B 258 35.48 27.46 -20.00
CA ALA B 258 36.48 28.14 -20.80
C ALA B 258 36.25 29.65 -20.81
N THR B 259 35.00 30.06 -20.94
CA THR B 259 34.65 31.47 -20.98
C THR B 259 34.40 32.04 -19.60
N ALA B 260 34.13 33.34 -19.55
CA ALA B 260 33.87 34.04 -18.31
C ALA B 260 32.44 33.76 -17.83
N SER B 261 32.25 33.83 -16.52
CA SER B 261 30.94 33.61 -15.91
C SER B 261 30.81 34.43 -14.64
N SER B 262 29.62 34.47 -14.08
CA SER B 262 29.40 35.23 -12.85
C SER B 262 28.30 34.62 -11.99
N ILE B 263 28.36 34.95 -10.70
CA ILE B 263 27.38 34.47 -9.74
C ILE B 263 26.62 35.67 -9.21
N ALA B 264 25.30 35.58 -9.20
CA ALA B 264 24.47 36.68 -8.72
C ALA B 264 23.43 36.14 -7.76
N TYR B 265 22.88 37.03 -6.94
CA TYR B 265 21.85 36.63 -5.99
C TYR B 265 20.85 37.77 -5.84
N THR B 266 19.61 37.39 -5.56
CA THR B 266 18.54 38.35 -5.35
C THR B 266 17.75 37.83 -4.16
N LEU B 267 17.72 38.60 -3.09
CA LEU B 267 16.97 38.21 -1.92
C LEU B 267 15.65 38.94 -2.08
N LYS B 268 14.56 38.19 -2.11
CA LYS B 268 13.23 38.77 -2.30
C LYS B 268 12.35 38.59 -1.06
N ASP B 269 11.45 39.55 -0.83
CA ASP B 269 10.52 39.44 0.29
C ASP B 269 9.35 38.58 -0.15
N ALA B 270 8.43 38.32 0.78
CA ALA B 270 7.27 37.49 0.50
C ALA B 270 6.44 37.94 -0.71
N SER B 271 6.38 39.25 -0.95
CA SER B 271 5.60 39.77 -2.07
C SER B 271 6.34 39.60 -3.40
N GLY B 272 7.62 39.25 -3.33
CA GLY B 272 8.40 39.06 -4.55
C GLY B 272 9.34 40.20 -4.86
N LYS B 273 9.27 41.27 -4.07
CA LYS B 273 10.12 42.44 -4.28
C LYS B 273 11.56 42.21 -3.82
N ALA B 274 12.52 42.67 -4.61
CA ALA B 274 13.92 42.53 -4.27
C ALA B 274 14.31 43.55 -3.20
N VAL B 275 15.06 43.12 -2.20
CA VAL B 275 15.51 44.00 -1.13
C VAL B 275 17.02 44.11 -1.16
N LEU B 276 17.68 43.08 -1.67
CA LEU B 276 19.14 43.06 -1.79
C LEU B 276 19.49 42.39 -3.10
N GLN B 277 20.68 42.68 -3.61
CA GLN B 277 21.13 42.12 -4.87
C GLN B 277 22.58 42.49 -5.11
N ASP B 278 23.33 41.59 -5.74
CA ASP B 278 24.73 41.82 -6.02
C ASP B 278 25.15 40.79 -7.04
N ALA B 279 26.34 40.94 -7.58
CA ALA B 279 26.85 40.01 -8.56
C ALA B 279 28.37 40.08 -8.61
N ILE B 280 29.01 38.93 -8.75
CA ILE B 280 30.47 38.88 -8.81
C ILE B 280 30.90 38.12 -10.06
N ASN B 281 31.96 38.60 -10.70
CA ASN B 281 32.49 37.96 -11.89
C ASN B 281 33.47 36.87 -11.45
N ILE B 282 33.59 35.83 -12.28
CA ILE B 282 34.51 34.73 -12.00
C ILE B 282 34.98 34.02 -13.27
N LYS B 283 36.22 33.55 -13.23
CA LYS B 283 36.84 32.82 -14.34
C LYS B 283 38.19 32.31 -13.87
N SER B 284 38.29 30.99 -13.71
CA SER B 284 39.54 30.38 -13.26
C SER B 284 39.86 29.07 -13.98
N ARG B 285 41.13 28.68 -13.92
CA ARG B 285 41.59 27.43 -14.52
C ARG B 285 41.34 26.36 -13.46
N GLY B 286 40.96 26.82 -12.27
CA GLY B 286 40.69 25.93 -11.15
C GLY B 286 39.26 25.44 -11.17
N LEU B 287 39.08 24.14 -10.94
CA LEU B 287 37.76 23.52 -10.95
C LEU B 287 36.95 23.83 -9.69
N SER B 288 37.40 24.80 -8.92
CA SER B 288 36.72 25.19 -7.69
C SER B 288 36.91 26.69 -7.43
N ASN B 289 35.81 27.41 -7.27
CA ASN B 289 35.89 28.85 -7.01
C ASN B 289 35.02 29.27 -5.83
N PHE B 290 35.61 30.01 -4.91
CA PHE B 290 34.93 30.49 -3.71
C PHE B 290 34.59 31.97 -3.84
N ILE B 291 33.31 32.29 -3.78
CA ILE B 291 32.86 33.68 -3.90
C ILE B 291 32.14 34.14 -2.64
N ALA B 292 32.76 35.09 -1.93
CA ALA B 292 32.18 35.64 -0.71
C ALA B 292 31.71 37.06 -1.01
N PHE B 293 30.40 37.28 -0.89
CA PHE B 293 29.80 38.59 -1.16
C PHE B 293 30.00 39.61 -0.06
N ASP B 294 29.81 40.88 -0.40
CA ASP B 294 29.94 41.95 0.58
C ASP B 294 28.74 41.93 1.49
N GLU B 295 28.97 42.17 2.77
CA GLU B 295 27.90 42.18 3.75
C GLU B 295 26.90 43.31 3.45
N LYS B 296 25.62 42.97 3.46
CA LYS B 296 24.56 43.94 3.20
C LYS B 296 23.70 44.05 4.46
N LYS B 297 23.00 45.18 4.61
CA LYS B 297 22.14 45.37 5.77
C LYS B 297 20.73 45.78 5.37
N ILE B 298 19.76 45.36 6.19
CA ILE B 298 18.35 45.67 5.93
C ILE B 298 17.77 46.33 7.16
N ALA B 299 17.33 47.57 7.01
CA ALA B 299 16.73 48.29 8.11
C ALA B 299 15.34 47.76 8.42
N GLU B 300 15.02 47.64 9.71
CA GLU B 300 13.71 47.15 10.14
C GLU B 300 13.29 45.87 9.40
N VAL B 301 14.26 45.01 9.11
CA VAL B 301 13.99 43.76 8.40
C VAL B 301 12.94 42.90 9.11
N LYS B 302 12.10 42.24 8.32
CA LYS B 302 11.06 41.37 8.90
C LYS B 302 11.74 40.16 9.55
N ALA B 303 11.67 40.10 10.87
CA ALA B 303 12.31 39.02 11.63
C ALA B 303 11.57 37.70 11.62
N TRP B 304 12.34 36.62 11.75
CA TRP B 304 11.77 35.27 11.78
C TRP B 304 11.81 34.72 13.21
N ASN B 305 10.74 34.03 13.59
CA ASN B 305 10.66 33.36 14.89
C ASN B 305 9.45 32.41 14.82
N ALA B 306 9.33 31.52 15.79
CA ALA B 306 8.24 30.55 15.82
C ALA B 306 6.85 31.16 15.69
N GLU B 307 6.64 32.32 16.30
CA GLU B 307 5.34 32.97 16.26
C GLU B 307 5.06 33.68 14.93
N HIS B 308 6.09 34.27 14.35
CA HIS B 308 5.98 34.97 13.07
C HIS B 308 7.15 34.55 12.21
N PRO B 309 7.04 33.43 11.51
CA PRO B 309 8.13 32.95 10.65
C PRO B 309 8.24 33.70 9.32
N ASN B 310 8.57 34.99 9.37
CA ASN B 310 8.73 35.79 8.15
C ASN B 310 9.92 35.27 7.39
N LEU B 311 9.69 34.89 6.14
CA LEU B 311 10.77 34.35 5.32
C LEU B 311 11.01 35.15 4.04
N TYR B 312 12.29 35.32 3.73
CA TYR B 312 12.71 36.00 2.51
C TYR B 312 13.11 34.86 1.60
N THR B 313 13.30 35.13 0.31
CA THR B 313 13.70 34.07 -0.61
C THR B 313 15.00 34.43 -1.32
N LEU B 314 15.98 33.57 -1.17
CA LEU B 314 17.28 33.76 -1.77
C LEU B 314 17.32 33.08 -3.14
N VAL B 315 17.50 33.87 -4.19
CA VAL B 315 17.56 33.34 -5.54
C VAL B 315 18.96 33.50 -6.10
N LEU B 316 19.62 32.36 -6.35
CA LEU B 316 20.97 32.34 -6.89
C LEU B 316 20.95 31.99 -8.37
N GLU B 317 21.72 32.75 -9.16
CA GLU B 317 21.80 32.53 -10.59
C GLU B 317 23.26 32.50 -11.07
N LEU B 318 23.62 31.45 -11.79
CA LEU B 318 24.95 31.33 -12.35
C LEU B 318 24.76 31.82 -13.80
N LYS B 319 25.61 32.73 -14.25
CA LYS B 319 25.45 33.28 -15.60
C LYS B 319 26.64 33.15 -16.54
N ASP B 320 26.34 33.06 -17.84
CA ASP B 320 27.36 32.95 -18.89
C ASP B 320 28.07 34.27 -19.09
N ALA B 321 28.99 34.28 -20.04
CA ALA B 321 29.74 35.48 -20.38
C ALA B 321 28.75 36.48 -20.96
N GLN B 322 27.67 35.97 -21.53
CA GLN B 322 26.62 36.80 -22.12
C GLN B 322 25.55 37.19 -21.10
N GLY B 323 25.78 36.84 -19.84
CA GLY B 323 24.79 37.16 -18.81
C GLY B 323 23.58 36.25 -18.84
N LYS B 324 23.70 35.14 -19.58
CA LYS B 324 22.61 34.17 -19.69
C LYS B 324 22.66 33.20 -18.52
N VAL B 325 21.54 33.05 -17.82
CA VAL B 325 21.45 32.15 -16.68
C VAL B 325 21.67 30.70 -17.07
N THR B 326 22.62 30.03 -16.41
CA THR B 326 22.91 28.63 -16.68
C THR B 326 22.30 27.75 -15.59
N GLU B 327 22.19 28.30 -14.38
CA GLU B 327 21.61 27.56 -13.27
C GLU B 327 20.91 28.46 -12.28
N LEU B 328 19.76 27.97 -11.82
CA LEU B 328 18.94 28.68 -10.86
C LEU B 328 18.68 27.78 -9.64
N THR B 329 18.81 28.35 -8.44
CA THR B 329 18.57 27.61 -7.21
C THR B 329 18.54 28.59 -6.04
N GLY B 330 18.20 28.10 -4.85
CA GLY B 330 18.14 28.97 -3.70
C GLY B 330 17.47 28.36 -2.50
N CYS B 331 17.08 29.19 -1.55
CA CYS B 331 16.45 28.71 -0.33
C CYS B 331 15.73 29.82 0.41
N GLU B 332 15.01 29.44 1.46
CA GLU B 332 14.29 30.40 2.28
C GLU B 332 15.25 31.02 3.29
N VAL B 333 15.07 32.30 3.57
CA VAL B 333 15.94 32.99 4.51
C VAL B 333 15.12 33.56 5.65
N GLY B 334 15.57 33.33 6.88
CA GLY B 334 14.87 33.85 8.04
C GLY B 334 15.81 34.65 8.91
N PHE B 335 15.55 35.95 9.05
CA PHE B 335 16.41 36.80 9.86
C PHE B 335 16.16 36.66 11.36
N ARG B 336 17.19 36.22 12.08
CA ARG B 336 17.10 36.04 13.51
C ARG B 336 18.44 35.64 14.12
N THR B 337 18.55 35.79 15.43
CA THR B 337 19.77 35.41 16.12
C THR B 337 19.41 34.34 17.13
N SER B 338 20.36 33.44 17.40
CA SER B 338 20.18 32.36 18.36
C SER B 338 21.46 32.34 19.18
N GLU B 339 21.37 32.66 20.46
CA GLU B 339 22.57 32.70 21.27
C GLU B 339 22.31 32.47 22.74
N ILE B 340 23.40 32.27 23.47
CA ILE B 340 23.35 32.10 24.91
C ILE B 340 23.86 33.45 25.39
N LYS B 341 22.96 34.29 25.85
CA LYS B 341 23.33 35.62 26.33
C LYS B 341 23.09 35.73 27.83
N ASP B 342 24.13 36.11 28.56
CA ASP B 342 24.03 36.26 30.01
C ASP B 342 23.53 34.97 30.69
N GLY B 343 23.98 33.84 30.17
CA GLY B 343 23.57 32.55 30.71
C GLY B 343 22.18 32.12 30.31
N ARG B 344 21.57 32.84 29.37
CA ARG B 344 20.20 32.53 28.92
C ARG B 344 20.05 32.33 27.40
N PHE B 345 19.29 31.32 27.01
CA PHE B 345 19.05 31.04 25.59
C PHE B 345 18.12 32.15 25.09
N CYS B 346 18.56 32.86 24.06
CA CYS B 346 17.76 33.96 23.53
C CYS B 346 17.61 33.96 22.03
N ILE B 347 16.37 34.14 21.57
CA ILE B 347 16.08 34.24 20.16
C ILE B 347 15.85 35.74 19.91
N ASN B 348 16.59 36.32 18.98
CA ASN B 348 16.45 37.75 18.66
C ASN B 348 16.53 38.65 19.88
N GLY B 349 17.44 38.34 20.79
CA GLY B 349 17.62 39.15 21.98
C GLY B 349 16.65 38.88 23.11
N VAL B 350 15.66 38.02 22.86
CA VAL B 350 14.66 37.69 23.87
C VAL B 350 14.86 36.32 24.51
N PRO B 351 14.80 36.25 25.85
CA PRO B 351 14.97 34.97 26.56
C PRO B 351 13.69 34.18 26.30
N VAL B 352 13.81 32.99 25.73
CA VAL B 352 12.61 32.21 25.45
C VAL B 352 12.47 30.90 26.21
N LEU B 353 11.23 30.57 26.52
CA LEU B 353 10.92 29.33 27.21
C LEU B 353 10.83 28.26 26.12
N VAL B 354 11.57 27.17 26.29
CA VAL B 354 11.56 26.08 25.32
C VAL B 354 10.45 25.10 25.66
N LYS B 355 9.42 25.08 24.83
CA LYS B 355 8.30 24.18 25.02
C LYS B 355 8.39 23.21 23.86
N GLY B 356 9.30 22.25 23.99
CA GLY B 356 9.50 21.32 22.90
C GLY B 356 9.12 19.87 23.10
N THR B 357 9.44 19.10 22.07
CA THR B 357 9.20 17.68 22.07
C THR B 357 10.30 17.05 21.23
N ASN B 358 10.63 15.80 21.54
CA ASN B 358 11.62 15.06 20.78
C ASN B 358 10.77 14.39 19.70
N ARG B 359 11.35 14.11 18.55
CA ARG B 359 10.60 13.47 17.49
C ARG B 359 11.42 12.55 16.61
N HIS B 360 11.02 11.28 16.57
CA HIS B 360 11.66 10.28 15.72
C HIS B 360 10.85 10.28 14.43
N GLU B 361 11.45 9.82 13.34
CA GLU B 361 10.73 9.71 12.08
C GLU B 361 10.13 8.31 12.13
N HIS B 362 8.81 8.21 12.12
CA HIS B 362 8.14 6.91 12.20
C HIS B 362 6.79 6.89 11.50
N SER B 363 6.47 5.76 10.87
CA SER B 363 5.20 5.54 10.19
C SER B 363 5.06 4.03 10.05
N GLN B 364 3.94 3.58 9.48
CA GLN B 364 3.75 2.14 9.32
C GLN B 364 4.73 1.52 8.34
N LEU B 365 5.46 2.34 7.59
CA LEU B 365 6.44 1.82 6.63
C LEU B 365 7.84 1.80 7.25
N GLY B 366 7.95 2.27 8.49
CA GLY B 366 9.21 2.29 9.19
C GLY B 366 9.76 3.70 9.40
N ARG B 367 11.03 3.88 9.09
CA ARG B 367 11.70 5.17 9.24
C ARG B 367 11.19 6.18 8.19
N THR B 368 10.65 5.64 7.09
CA THR B 368 10.12 6.47 6.01
C THR B 368 8.89 7.25 6.47
N VAL B 369 8.89 8.57 6.23
CA VAL B 369 7.76 9.41 6.60
C VAL B 369 7.30 10.22 5.41
N SER B 370 5.99 10.18 5.15
CA SER B 370 5.39 10.90 4.03
C SER B 370 5.21 12.40 4.35
N LYS B 371 5.06 13.21 3.29
CA LYS B 371 4.86 14.65 3.47
C LYS B 371 3.57 14.85 4.26
N GLU B 372 2.59 14.00 3.99
CA GLU B 372 1.30 14.08 4.68
C GLU B 372 1.46 13.91 6.20
N LEU B 373 2.29 12.96 6.62
CA LEU B 373 2.51 12.73 8.05
C LEU B 373 3.35 13.86 8.65
N MSE B 374 4.38 14.32 7.92
CA MSE B 374 5.20 15.41 8.43
C MSE B 374 4.34 16.65 8.62
O MSE B 374 4.48 17.36 9.61
CB MSE B 374 6.36 15.72 7.46
CG MSE B 374 7.44 14.66 7.48
SE MSE B 374 9.02 15.15 6.53
CE MSE B 374 8.77 14.13 4.92
N GLU B 375 3.41 16.88 7.69
CA GLU B 375 2.52 18.04 7.79
C GLU B 375 1.57 17.88 8.98
N GLN B 376 1.16 16.66 9.24
CA GLN B 376 0.28 16.40 10.36
C GLN B 376 1.06 16.64 11.65
N ASP B 377 2.28 16.11 11.72
CA ASP B 377 3.11 16.29 12.91
C ASP B 377 3.25 17.76 13.30
N ILE B 378 3.70 18.57 12.35
CA ILE B 378 3.90 20.00 12.56
C ILE B 378 2.57 20.69 12.90
N ARG B 379 1.48 20.27 12.25
CA ARG B 379 0.18 20.89 12.51
C ARG B 379 -0.23 20.65 13.95
N LEU B 380 -0.18 19.40 14.37
CA LEU B 380 -0.54 19.02 15.72
C LEU B 380 0.37 19.70 16.74
N MSE B 381 1.66 19.81 16.42
CA MSE B 381 2.59 20.45 17.33
C MSE B 381 2.17 21.88 17.57
O MSE B 381 1.98 22.28 18.71
CB MSE B 381 3.99 20.40 16.76
CG MSE B 381 4.67 19.07 17.04
SE MSE B 381 6.46 18.97 16.38
CE MSE B 381 6.55 17.10 15.92
N LYS B 382 1.98 22.64 16.49
CA LYS B 382 1.55 24.02 16.58
C LYS B 382 0.22 24.18 17.31
N GLN B 383 -0.71 23.26 17.07
CA GLN B 383 -2.00 23.34 17.73
C GLN B 383 -1.91 23.15 19.22
N HIS B 384 -0.93 22.38 19.66
CA HIS B 384 -0.77 22.11 21.10
C HIS B 384 0.29 22.94 21.80
N ASN B 385 0.60 24.09 21.20
CA ASN B 385 1.54 25.06 21.77
C ASN B 385 2.99 24.65 21.95
N ILE B 386 3.47 23.79 21.05
CA ILE B 386 4.87 23.37 21.10
C ILE B 386 5.61 24.35 20.20
N ASN B 387 6.76 24.84 20.64
CA ASN B 387 7.51 25.78 19.82
C ASN B 387 8.89 25.26 19.44
N MSE B 388 9.21 24.04 19.88
CA MSE B 388 10.51 23.45 19.61
C MSE B 388 10.45 21.94 19.33
O MSE B 388 9.61 21.23 19.88
CB MSE B 388 11.44 23.70 20.80
CG MSE B 388 12.72 22.86 20.82
SE MSE B 388 14.14 23.66 19.78
CE MSE B 388 14.66 25.10 20.97
N VAL B 389 11.32 21.48 18.46
CA VAL B 389 11.39 20.07 18.14
C VAL B 389 12.85 19.63 18.07
N ARG B 390 13.16 18.52 18.74
CA ARG B 390 14.51 17.99 18.73
C ARG B 390 14.48 16.77 17.83
N ASN B 391 15.31 16.77 16.79
CA ASN B 391 15.37 15.65 15.86
C ASN B 391 16.05 14.44 16.49
N SER B 392 15.28 13.76 17.33
CA SER B 392 15.70 12.57 18.09
C SER B 392 16.81 11.69 17.53
N HIS B 393 18.03 12.10 17.81
CA HIS B 393 19.26 11.40 17.46
C HIS B 393 19.67 11.12 16.01
N TYR B 394 19.32 12.02 15.09
CA TYR B 394 19.71 11.95 13.67
C TYR B 394 19.02 13.01 12.80
N PRO B 395 19.68 13.45 11.73
CA PRO B 395 19.08 14.47 10.86
C PRO B 395 17.84 13.87 10.20
N THR B 396 16.84 14.71 9.93
CA THR B 396 15.62 14.23 9.32
C THR B 396 15.62 14.44 7.82
N HIS B 397 14.51 14.06 7.19
CA HIS B 397 14.32 14.22 5.77
C HIS B 397 14.29 15.73 5.53
N PRO B 398 14.92 16.21 4.44
CA PRO B 398 14.96 17.64 4.10
C PRO B 398 13.63 18.39 4.26
N TYR B 399 12.54 17.73 3.90
CA TYR B 399 11.20 18.34 3.95
C TYR B 399 10.82 18.83 5.33
N TRP B 400 11.24 18.11 6.37
CA TRP B 400 10.90 18.48 7.75
C TRP B 400 11.42 19.87 8.11
N TYR B 401 12.62 20.18 7.66
CA TYR B 401 13.22 21.48 7.93
C TYR B 401 12.48 22.58 7.18
N GLN B 402 12.07 22.29 5.94
CA GLN B 402 11.36 23.28 5.12
C GLN B 402 10.03 23.63 5.77
N LEU B 403 9.39 22.64 6.38
CA LEU B 403 8.12 22.85 7.07
C LEU B 403 8.30 23.74 8.29
N CYS B 404 9.34 23.44 9.07
CA CYS B 404 9.63 24.21 10.27
C CYS B 404 10.00 25.65 9.94
N ASP B 405 10.68 25.86 8.82
CA ASP B 405 11.05 27.22 8.41
C ASP B 405 9.79 28.00 8.08
N ARG B 406 8.89 27.34 7.36
CA ARG B 406 7.65 27.97 6.91
C ARG B 406 6.59 28.19 7.99
N TYR B 407 6.36 27.21 8.86
CA TYR B 407 5.33 27.36 9.88
C TYR B 407 5.83 27.84 11.25
N GLY B 408 7.13 28.04 11.36
CA GLY B 408 7.69 28.54 12.60
C GLY B 408 7.78 27.54 13.72
N LEU B 409 8.89 26.82 13.77
CA LEU B 409 9.09 25.85 14.83
C LEU B 409 10.59 25.81 15.03
N TYR B 410 11.06 26.10 16.23
CA TYR B 410 12.49 26.07 16.50
C TYR B 410 12.94 24.62 16.43
N MSE B 411 14.19 24.38 16.02
CA MSE B 411 14.70 23.02 15.92
C MSE B 411 16.08 22.83 16.51
O MSE B 411 16.92 23.73 16.46
CB MSE B 411 14.80 22.57 14.45
CG MSE B 411 13.67 23.01 13.58
SE MSE B 411 13.99 22.36 11.80
CE MSE B 411 15.34 23.49 11.16
N ILE B 412 16.29 21.66 17.09
CA ILE B 412 17.58 21.28 17.61
C ILE B 412 17.89 20.14 16.64
N ASP B 413 18.77 20.37 15.69
CA ASP B 413 19.11 19.30 14.77
C ASP B 413 20.17 18.48 15.48
N GLU B 414 20.18 17.17 15.23
CA GLU B 414 21.13 16.30 15.90
C GLU B 414 21.84 15.32 14.96
N ALA B 415 23.15 15.15 15.17
CA ALA B 415 23.95 14.24 14.36
C ALA B 415 23.55 12.79 14.60
N ASN B 416 23.62 11.97 13.56
CA ASN B 416 23.27 10.56 13.64
C ASN B 416 24.38 9.79 14.37
N ILE B 417 24.48 10.00 15.68
CA ILE B 417 25.51 9.36 16.50
C ILE B 417 25.01 8.90 17.87
N GLU B 418 24.96 7.59 18.07
CA GLU B 418 24.56 7.02 19.34
C GLU B 418 25.16 5.62 19.43
N SER B 419 26.00 5.42 20.43
CA SER B 419 26.69 4.16 20.67
C SER B 419 26.39 3.70 22.09
N HIS B 420 25.13 3.84 22.50
CA HIS B 420 24.66 3.48 23.83
C HIS B 420 25.10 2.07 24.24
N GLY B 421 25.06 1.15 23.28
CA GLY B 421 25.46 -0.22 23.54
C GLY B 421 26.88 -0.41 24.03
N MSE B 422 27.80 0.48 23.67
CA MSE B 422 29.19 0.33 24.13
C MSE B 422 29.38 0.95 25.51
O MSE B 422 30.43 0.76 26.13
CB MSE B 422 30.20 0.97 23.17
CG MSE B 422 30.31 0.33 21.78
SE MSE B 422 30.47 -1.61 21.91
CE MSE B 422 32.13 -1.79 22.89
N GLY B 423 28.39 1.70 25.97
CA GLY B 423 28.47 2.32 27.29
C GLY B 423 29.26 3.62 27.33
N TYR B 424 29.38 4.19 28.53
CA TYR B 424 30.10 5.45 28.71
C TYR B 424 31.43 5.28 29.43
N GLY B 425 31.81 4.02 29.66
CA GLY B 425 33.07 3.73 30.33
C GLY B 425 34.26 3.78 29.39
N PRO B 426 35.39 3.17 29.79
CA PRO B 426 36.63 3.13 28.99
C PRO B 426 36.44 2.64 27.56
N ALA B 427 35.50 1.71 27.36
CA ALA B 427 35.26 1.17 26.04
C ALA B 427 34.35 2.04 25.16
N SER B 428 33.89 3.16 25.69
CA SER B 428 33.03 4.06 24.93
C SER B 428 33.68 4.49 23.62
N LEU B 429 32.93 4.43 22.53
CA LEU B 429 33.50 4.81 21.24
C LEU B 429 33.78 6.32 21.18
N ALA B 430 33.34 7.07 22.17
CA ALA B 430 33.61 8.49 22.19
C ALA B 430 35.06 8.71 22.62
N LYS B 431 35.68 7.66 23.17
CA LYS B 431 37.06 7.73 23.64
C LYS B 431 38.03 7.01 22.70
N ASP B 432 37.51 6.17 21.83
CA ASP B 432 38.36 5.45 20.89
C ASP B 432 38.65 6.34 19.69
N SER B 433 39.87 6.86 19.67
CA SER B 433 40.31 7.76 18.62
C SER B 433 40.16 7.22 17.19
N THR B 434 40.15 5.89 17.03
CA THR B 434 40.03 5.32 15.70
C THR B 434 38.65 5.54 15.09
N TRP B 435 37.73 6.03 15.91
CA TRP B 435 36.37 6.31 15.44
C TRP B 435 36.14 7.78 15.20
N LEU B 436 37.22 8.57 15.20
CA LEU B 436 37.10 10.02 14.95
C LEU B 436 36.50 10.30 13.57
N THR B 437 37.04 9.65 12.55
CA THR B 437 36.55 9.83 11.19
C THR B 437 35.04 9.57 11.12
N ALA B 438 34.60 8.50 11.79
CA ALA B 438 33.18 8.16 11.81
C ALA B 438 32.36 9.28 12.46
N HIS B 439 32.79 9.75 13.63
CA HIS B 439 32.08 10.83 14.31
C HIS B 439 32.08 12.14 13.51
N MSE B 440 33.26 12.51 13.00
CA MSE B 440 33.40 13.75 12.23
C MSE B 440 32.62 13.69 10.92
O MSE B 440 32.04 14.69 10.49
CB MSE B 440 34.89 14.03 11.97
CG MSE B 440 35.16 15.41 11.35
SE MSE B 440 34.79 16.85 12.59
CE MSE B 440 36.18 16.59 13.88
N ASP B 441 32.61 12.54 10.26
CA ASP B 441 31.87 12.41 9.00
C ASP B 441 30.39 12.67 9.20
N ARG B 442 29.83 12.09 10.27
CA ARG B 442 28.41 12.26 10.57
C ARG B 442 28.08 13.68 10.99
N THR B 443 29.03 14.32 11.68
CA THR B 443 28.84 15.69 12.13
C THR B 443 28.90 16.65 10.95
N HIS B 444 29.85 16.40 10.03
CA HIS B 444 30.01 17.24 8.84
C HIS B 444 28.74 17.20 8.02
N ARG B 445 28.23 15.99 7.78
CA ARG B 445 27.03 15.79 7.00
C ARG B 445 25.80 16.45 7.60
N MSE B 446 25.65 16.39 8.92
CA MSE B 446 24.53 17.02 9.59
C MSE B 446 24.55 18.53 9.32
O MSE B 446 23.55 19.12 8.93
CB MSE B 446 24.61 16.81 11.09
CG MSE B 446 23.56 17.60 11.86
SE MSE B 446 24.12 17.88 13.68
CE MSE B 446 25.45 19.26 13.45
N TYR B 447 25.72 19.13 9.56
CA TYR B 447 25.93 20.56 9.39
C TYR B 447 25.80 21.12 7.97
N GLU B 448 26.58 20.58 7.04
CA GLU B 448 26.57 21.07 5.67
C GLU B 448 25.20 21.07 5.00
N ARG B 449 24.46 19.97 5.17
CA ARG B 449 23.16 19.82 4.56
C ARG B 449 22.07 20.77 5.04
N SER B 450 22.16 21.26 6.27
CA SER B 450 21.12 22.14 6.79
C SER B 450 21.57 23.47 7.39
N LYS B 451 22.85 23.80 7.25
CA LYS B 451 23.38 25.02 7.82
C LYS B 451 22.63 26.33 7.56
N ASN B 452 21.81 26.37 6.51
CA ASN B 452 21.08 27.60 6.16
C ASN B 452 19.64 27.75 6.65
N HIS B 453 19.13 26.72 7.33
CA HIS B 453 17.75 26.75 7.83
C HIS B 453 17.61 27.64 9.07
N PRO B 454 16.76 28.67 8.98
CA PRO B 454 16.55 29.57 10.13
C PRO B 454 15.87 28.87 11.29
N ALA B 455 15.12 27.81 11.00
CA ALA B 455 14.42 27.08 12.05
C ALA B 455 15.38 26.33 12.98
N ILE B 456 16.55 25.96 12.47
CA ILE B 456 17.55 25.27 13.30
C ILE B 456 18.21 26.34 14.15
N VAL B 457 18.02 26.28 15.46
CA VAL B 457 18.63 27.28 16.34
C VAL B 457 19.74 26.70 17.20
N ILE B 458 19.80 25.37 17.25
CA ILE B 458 20.80 24.68 18.05
C ILE B 458 21.30 23.39 17.39
N TRP B 459 22.61 23.17 17.45
CA TRP B 459 23.21 21.96 16.90
C TRP B 459 23.49 21.03 18.08
N SER B 460 23.08 19.77 17.95
CA SER B 460 23.32 18.76 18.96
C SER B 460 24.27 17.74 18.32
N GLN B 461 25.34 17.37 19.02
CA GLN B 461 26.34 16.45 18.50
C GLN B 461 25.98 14.97 18.46
N GLY B 462 24.89 14.58 19.11
CA GLY B 462 24.49 13.19 19.11
C GLY B 462 23.76 12.86 20.39
N ASN B 463 23.75 11.58 20.77
CA ASN B 463 23.01 11.20 21.96
C ASN B 463 23.51 9.90 22.59
N GLU B 464 23.60 9.90 23.92
CA GLU B 464 24.04 8.73 24.68
C GLU B 464 25.13 7.96 23.94
N ALA B 465 26.25 8.64 23.69
CA ALA B 465 27.38 8.05 22.98
C ALA B 465 28.67 8.26 23.78
N GLY B 466 28.53 8.56 25.06
CA GLY B 466 29.66 8.79 25.93
C GLY B 466 30.33 10.13 25.69
N ASN B 467 31.38 10.41 26.45
CA ASN B 467 32.12 11.65 26.29
C ASN B 467 33.61 11.35 26.19
N GLY B 468 34.34 12.16 25.44
CA GLY B 468 35.76 11.95 25.29
C GLY B 468 36.35 12.77 24.16
N ILE B 469 37.54 12.38 23.70
CA ILE B 469 38.25 13.07 22.63
C ILE B 469 37.46 13.28 21.33
N ASN B 470 36.75 12.25 20.88
CA ASN B 470 35.98 12.35 19.64
C ASN B 470 34.91 13.45 19.67
N PHE B 471 34.18 13.54 20.78
CA PHE B 471 33.15 14.56 20.90
C PHE B 471 33.70 15.95 21.18
N GLU B 472 34.89 16.02 21.78
CA GLU B 472 35.49 17.32 22.05
C GLU B 472 35.95 17.88 20.71
N ARG B 473 36.45 16.99 19.86
CA ARG B 473 36.91 17.34 18.52
C ARG B 473 35.76 17.84 17.62
N THR B 474 34.68 17.09 17.57
CA THR B 474 33.54 17.48 16.73
C THR B 474 32.93 18.76 17.29
N TYR B 475 32.98 18.94 18.60
CA TYR B 475 32.45 20.16 19.21
C TYR B 475 33.30 21.32 18.71
N ASP B 476 34.61 21.17 18.80
CA ASP B 476 35.52 22.22 18.35
C ASP B 476 35.34 22.53 16.87
N TRP B 477 35.06 21.50 16.08
CA TRP B 477 34.87 21.73 14.66
C TRP B 477 33.62 22.59 14.41
N LEU B 478 32.51 22.20 15.03
CA LEU B 478 31.27 22.96 14.86
C LEU B 478 31.47 24.41 15.27
N LYS B 479 32.29 24.60 16.29
CA LYS B 479 32.57 25.93 16.79
C LYS B 479 33.35 26.75 15.76
N SER B 480 34.29 26.10 15.07
CA SER B 480 35.09 26.79 14.07
C SER B 480 34.26 27.22 12.86
N VAL B 481 33.16 26.53 12.60
CA VAL B 481 32.32 26.86 11.44
C VAL B 481 31.01 27.59 11.76
N GLU B 482 30.52 27.46 13.00
CA GLU B 482 29.25 28.07 13.38
C GLU B 482 29.38 29.21 14.40
N LYS B 483 28.99 30.42 14.00
CA LYS B 483 29.06 31.57 14.90
C LYS B 483 27.67 32.07 15.29
N GLY B 484 26.63 31.42 14.78
CA GLY B 484 25.27 31.85 15.08
C GLY B 484 24.34 30.83 15.71
N ARG B 485 24.88 29.76 16.28
CA ARG B 485 24.07 28.73 16.92
C ARG B 485 24.81 28.05 18.06
N PRO B 486 24.13 27.80 19.19
CA PRO B 486 24.78 27.13 20.32
C PRO B 486 24.95 25.66 19.94
N VAL B 487 25.99 25.02 20.46
CA VAL B 487 26.25 23.61 20.20
C VAL B 487 26.13 22.84 21.52
N GLN B 488 25.28 21.81 21.55
CA GLN B 488 25.09 21.05 22.78
C GLN B 488 25.25 19.53 22.66
N TYR B 489 25.58 18.89 23.78
CA TYR B 489 25.74 17.44 23.88
C TYR B 489 25.49 17.09 25.34
N GLU B 490 24.45 16.30 25.57
CA GLU B 490 24.02 15.91 26.91
C GLU B 490 25.03 15.11 27.73
N ARG B 491 25.75 14.20 27.09
CA ARG B 491 26.73 13.39 27.80
C ARG B 491 28.00 14.17 28.19
N ALA B 492 28.15 15.39 27.68
CA ALA B 492 29.31 16.21 28.03
C ALA B 492 29.02 16.87 29.38
N GLU B 493 27.78 16.70 29.84
CA GLU B 493 27.25 17.23 31.08
C GLU B 493 27.60 18.69 31.40
N LEU B 494 28.69 18.92 32.12
CA LEU B 494 29.07 20.29 32.43
C LEU B 494 30.49 20.61 32.02
N ASN B 495 31.10 19.73 31.22
CA ASN B 495 32.44 19.97 30.72
C ASN B 495 32.31 21.09 29.70
N TYR B 496 33.44 21.56 29.17
CA TYR B 496 33.45 22.66 28.22
C TYR B 496 32.69 22.44 26.91
N ASN B 497 32.79 21.24 26.34
CA ASN B 497 32.16 20.97 25.07
C ASN B 497 30.62 20.85 25.01
N THR B 498 29.96 21.97 25.33
CA THR B 498 28.50 22.09 25.30
C THR B 498 28.17 23.51 25.81
N ASP B 499 27.31 24.21 25.07
CA ASP B 499 26.93 25.58 25.43
C ASP B 499 25.63 25.62 26.21
N ILE B 500 25.03 24.47 26.41
CA ILE B 500 23.77 24.38 27.14
C ILE B 500 23.81 23.11 27.99
N TYR B 501 23.34 23.22 29.23
CA TYR B 501 23.29 22.08 30.12
C TYR B 501 21.97 21.41 29.84
N CYS B 502 22.01 20.21 29.25
CA CYS B 502 20.77 19.56 28.91
C CYS B 502 20.55 18.17 29.52
N ARG B 503 21.18 17.93 30.67
CA ARG B 503 21.06 16.67 31.41
C ARG B 503 19.62 16.17 31.42
N MSE B 504 19.39 14.99 30.86
CA MSE B 504 18.04 14.43 30.75
C MSE B 504 17.35 13.88 31.99
O MSE B 504 17.99 13.34 32.89
CB MSE B 504 18.05 13.32 29.71
CG MSE B 504 19.01 12.19 30.05
SE MSE B 504 18.93 10.87 28.62
CE MSE B 504 19.47 12.00 27.12
N TYR B 505 16.02 14.01 32.00
CA TYR B 505 15.15 13.52 33.05
C TYR B 505 15.43 13.95 34.49
N ARG B 506 16.11 15.06 34.67
CA ARG B 506 16.39 15.53 36.03
C ARG B 506 15.08 15.93 36.69
N SER B 507 15.00 15.74 38.00
CA SER B 507 13.80 16.09 38.75
C SER B 507 13.75 17.60 39.01
N VAL B 508 12.65 18.05 39.59
CA VAL B 508 12.47 19.46 39.90
C VAL B 508 13.57 19.97 40.86
N ASP B 509 13.89 19.18 41.89
CA ASP B 509 14.92 19.58 42.85
C ASP B 509 16.27 19.73 42.16
N GLU B 510 16.60 18.77 41.30
CA GLU B 510 17.86 18.81 40.58
C GLU B 510 17.95 20.05 39.71
N ILE B 511 16.82 20.51 39.17
CA ILE B 511 16.81 21.71 38.34
C ILE B 511 17.17 22.90 39.23
N LYS B 512 16.48 23.00 40.36
CA LYS B 512 16.71 24.08 41.32
C LYS B 512 18.14 24.08 41.84
N ALA B 513 18.68 22.88 42.08
CA ALA B 513 20.05 22.78 42.56
C ALA B 513 21.05 23.35 41.55
N TYR B 514 20.82 23.10 40.27
CA TYR B 514 21.73 23.62 39.25
C TYR B 514 21.67 25.14 39.15
N VAL B 515 20.47 25.66 38.96
CA VAL B 515 20.27 27.09 38.82
C VAL B 515 20.83 27.84 40.03
N GLY B 516 20.77 27.21 41.20
CA GLY B 516 21.29 27.84 42.39
C GLY B 516 22.79 27.63 42.61
N LYS B 517 23.45 27.02 41.63
CA LYS B 517 24.88 26.74 41.74
C LYS B 517 25.75 27.93 41.38
N LYS B 518 26.91 28.01 42.04
CA LYS B 518 27.86 29.09 41.84
C LYS B 518 28.61 29.02 40.51
N ASP B 519 28.78 30.18 39.87
CA ASP B 519 29.51 30.30 38.61
C ASP B 519 28.96 29.61 37.35
N ILE B 520 27.70 29.18 37.38
CA ILE B 520 27.12 28.56 36.18
C ILE B 520 27.03 29.66 35.12
N TYR B 521 27.16 29.29 33.85
CA TYR B 521 27.10 30.27 32.77
C TYR B 521 26.28 29.77 31.57
N ARG B 522 25.66 28.60 31.73
CA ARG B 522 24.83 28.01 30.69
C ARG B 522 23.44 27.69 31.23
N PRO B 523 22.39 27.92 30.42
CA PRO B 523 21.03 27.65 30.87
C PRO B 523 20.76 26.15 30.93
N PHE B 524 19.80 25.76 31.75
CA PHE B 524 19.40 24.36 31.91
C PHE B 524 18.14 24.16 31.06
N ILE B 525 18.27 23.37 30.00
CA ILE B 525 17.15 23.07 29.10
C ILE B 525 17.22 21.57 28.83
N LEU B 526 16.30 20.83 29.44
CA LEU B 526 16.28 19.37 29.33
C LEU B 526 16.22 18.81 27.91
N CYS B 527 17.27 18.07 27.53
CA CYS B 527 17.33 17.44 26.22
C CYS B 527 16.12 16.51 26.11
N GLU B 528 15.76 15.90 27.25
CA GLU B 528 14.61 14.99 27.34
C GLU B 528 14.03 15.06 28.75
N TYR B 529 12.71 15.01 28.85
CA TYR B 529 12.04 15.04 30.15
C TYR B 529 10.58 14.62 30.00
N LEU B 530 9.90 14.44 31.12
CA LEU B 530 8.49 14.06 31.15
C LEU B 530 8.17 12.88 30.22
N HIS B 531 8.84 11.76 30.45
CA HIS B 531 8.66 10.56 29.63
C HIS B 531 7.18 10.19 29.46
N ALA B 532 6.69 10.30 28.22
CA ALA B 532 5.28 10.06 27.89
C ALA B 532 4.88 8.64 27.48
N MSE B 533 5.40 7.64 28.16
CA MSE B 533 5.08 6.27 27.84
C MSE B 533 3.81 5.85 28.55
O MSE B 533 3.67 6.08 29.76
CB MSE B 533 6.22 5.36 28.24
CG MSE B 533 5.96 3.89 28.03
SE MSE B 533 7.58 2.98 28.35
CE MSE B 533 6.91 1.22 28.84
N GLY B 534 2.87 5.26 27.80
CA GLY B 534 1.60 4.83 28.37
C GLY B 534 0.82 5.99 28.97
N ASN B 535 0.10 5.74 30.07
CA ASN B 535 -0.68 6.76 30.77
C ASN B 535 0.37 7.52 31.59
N SER B 536 0.92 8.59 31.05
CA SER B 536 1.99 9.31 31.73
C SER B 536 1.88 10.84 31.77
N CYS B 537 3.02 11.48 31.94
CA CYS B 537 3.15 12.93 31.99
C CYS B 537 2.62 13.61 33.24
N GLY B 538 2.68 12.91 34.36
CA GLY B 538 2.24 13.50 35.60
C GLY B 538 3.40 14.35 36.12
N GLY B 539 3.09 15.34 36.96
CA GLY B 539 4.13 16.19 37.50
C GLY B 539 4.63 17.27 36.56
N MSE B 540 3.95 17.48 35.44
CA MSE B 540 4.36 18.50 34.50
C MSE B 540 4.23 19.91 35.08
O MSE B 540 5.04 20.79 34.81
CB MSE B 540 3.54 18.41 33.22
CG MSE B 540 4.02 19.37 32.13
SE MSE B 540 3.06 19.14 30.48
CE MSE B 540 4.13 20.27 29.32
N LYS B 541 3.20 20.12 35.90
CA LYS B 541 2.96 21.42 36.51
C LYS B 541 4.15 21.87 37.37
N GLU B 542 4.67 20.95 38.18
CA GLU B 542 5.79 21.27 39.05
C GLU B 542 7.02 21.63 38.21
N TYR B 543 7.17 20.97 37.06
CA TYR B 543 8.31 21.28 36.20
C TYR B 543 8.18 22.72 35.70
N TRP B 544 7.01 23.08 35.19
CA TRP B 544 6.83 24.41 34.64
C TRP B 544 6.70 25.56 35.63
N GLU B 545 6.48 25.26 36.92
CA GLU B 545 6.43 26.31 37.92
C GLU B 545 7.88 26.80 38.05
N VAL B 546 8.82 25.87 37.91
CA VAL B 546 10.24 26.17 38.00
C VAL B 546 10.76 26.86 36.75
N PHE B 547 10.40 26.34 35.58
CA PHE B 547 10.84 26.93 34.31
C PHE B 547 10.37 28.38 34.18
N GLU B 548 9.14 28.65 34.62
CA GLU B 548 8.60 30.00 34.51
C GLU B 548 9.18 30.98 35.53
N ASN B 549 9.73 30.48 36.63
CA ASN B 549 10.28 31.38 37.64
C ASN B 549 11.80 31.40 37.75
N GLU B 550 12.46 30.54 36.99
CA GLU B 550 13.93 30.46 37.01
C GLU B 550 14.54 30.87 35.68
N PRO B 551 15.16 32.07 35.64
CA PRO B 551 15.79 32.61 34.45
C PRO B 551 16.66 31.63 33.67
N MSE B 552 17.49 30.86 34.38
CA MSE B 552 18.36 29.91 33.73
C MSE B 552 17.91 28.46 33.66
O MSE B 552 18.70 27.55 33.42
CB MSE B 552 19.75 30.03 34.34
CG MSE B 552 20.39 31.33 33.92
SE MSE B 552 21.97 31.77 34.90
CE MSE B 552 23.30 30.83 33.84
N ALA B 553 16.61 28.26 33.86
CA ALA B 553 15.99 26.94 33.75
C ALA B 553 14.88 27.27 32.76
N GLN B 554 15.18 27.09 31.47
CA GLN B 554 14.26 27.44 30.41
C GLN B 554 13.40 26.37 29.72
N GLY B 555 13.10 25.28 30.40
CA GLY B 555 12.26 24.25 29.81
C GLY B 555 12.98 23.07 29.20
N GLY B 556 12.45 22.54 28.10
CA GLY B 556 13.07 21.41 27.44
C GLY B 556 12.15 20.71 26.45
N CYS B 557 12.55 19.52 26.03
CA CYS B 557 11.76 18.74 25.08
C CYS B 557 11.27 17.42 25.66
N ILE B 558 9.95 17.26 25.68
CA ILE B 558 9.29 16.07 26.19
C ILE B 558 9.78 14.86 25.42
N TRP B 559 9.92 13.72 26.07
CA TRP B 559 10.38 12.57 25.31
C TRP B 559 9.29 11.82 24.57
N ASP B 560 9.45 11.92 23.25
CA ASP B 560 8.68 11.37 22.17
C ASP B 560 7.35 11.94 21.75
N TRP B 561 7.38 12.44 20.54
CA TRP B 561 6.21 12.99 19.90
C TRP B 561 5.27 11.84 19.55
N VAL B 562 5.80 10.85 18.84
CA VAL B 562 5.00 9.72 18.37
C VAL B 562 5.44 8.30 18.72
N ASP B 563 4.48 7.48 19.13
CA ASP B 563 4.75 6.09 19.47
C ASP B 563 5.35 5.33 18.29
N GLN B 564 6.39 4.54 18.56
CA GLN B 564 7.01 3.74 17.52
C GLN B 564 6.39 2.34 17.54
N ASN B 565 5.09 2.27 17.25
CA ASN B 565 4.38 0.99 17.22
C ASN B 565 3.89 0.77 15.81
N PHE B 566 3.63 -0.49 15.49
CA PHE B 566 3.09 -0.86 14.18
C PHE B 566 1.72 -1.45 14.47
N ARG B 567 0.81 -1.30 13.52
CA ARG B 567 -0.53 -1.82 13.71
C ARG B 567 -0.69 -3.16 12.97
N GLU B 568 -1.15 -4.18 13.70
CA GLU B 568 -1.35 -5.50 13.11
C GLU B 568 -2.77 -5.98 13.40
N ILE B 569 -3.19 -7.01 12.68
CA ILE B 569 -4.54 -7.58 12.83
C ILE B 569 -4.45 -9.08 13.09
N ASP B 570 -5.08 -9.55 14.18
CA ASP B 570 -5.01 -10.99 14.47
C ASP B 570 -6.08 -11.80 13.73
N LYS B 571 -6.03 -13.11 13.93
CA LYS B 571 -6.94 -14.06 13.29
C LYS B 571 -8.42 -13.76 13.45
N ASP B 572 -8.78 -13.04 14.51
CA ASP B 572 -10.17 -12.72 14.75
C ASP B 572 -10.54 -11.32 14.29
N GLY B 573 -9.66 -10.70 13.52
CA GLY B 573 -9.94 -9.35 13.03
C GLY B 573 -9.76 -8.24 14.06
N LYS B 574 -9.12 -8.56 15.19
CA LYS B 574 -8.89 -7.56 16.22
C LYS B 574 -7.49 -6.96 16.06
N TRP B 575 -7.43 -5.62 15.96
CA TRP B 575 -6.16 -4.94 15.79
C TRP B 575 -5.43 -4.68 17.10
N TYR B 576 -4.12 -4.45 17.01
CA TYR B 576 -3.32 -4.18 18.20
C TYR B 576 -2.01 -3.51 17.85
N TRP B 577 -1.44 -2.78 18.81
CA TRP B 577 -0.16 -2.13 18.59
C TRP B 577 0.93 -3.13 18.97
N THR B 578 1.99 -3.17 18.17
CA THR B 578 3.08 -4.08 18.45
C THR B 578 4.26 -3.32 19.02
N TYR B 579 5.17 -4.05 19.63
CA TYR B 579 6.38 -3.49 20.20
C TYR B 579 7.45 -4.58 20.26
N GLY B 580 8.53 -4.33 21.00
CA GLY B 580 9.59 -5.31 21.09
C GLY B 580 9.16 -6.74 21.33
N GLY B 581 9.70 -7.66 20.53
CA GLY B 581 9.37 -9.07 20.69
C GLY B 581 8.13 -9.55 19.97
N ASP B 582 7.43 -8.66 19.29
CA ASP B 582 6.23 -9.07 18.59
C ASP B 582 6.47 -9.63 17.19
N TYR B 583 7.71 -9.58 16.70
CA TYR B 583 8.03 -10.14 15.38
C TYR B 583 9.21 -11.10 15.51
N GLY B 584 9.20 -12.18 14.75
CA GLY B 584 10.31 -13.11 14.82
C GLY B 584 10.15 -14.29 15.75
N PRO B 585 11.16 -15.16 15.83
CA PRO B 585 11.10 -16.34 16.70
C PRO B 585 11.32 -16.03 18.17
N GLU B 586 10.90 -16.98 19.01
CA GLU B 586 11.06 -16.86 20.45
C GLU B 586 12.55 -16.67 20.74
N GLY B 587 12.87 -15.69 21.59
CA GLY B 587 14.26 -15.42 21.91
C GLY B 587 14.85 -14.25 21.14
N ILE B 588 14.08 -13.67 20.24
CA ILE B 588 14.55 -12.55 19.44
C ILE B 588 14.88 -11.38 20.38
N PRO B 589 15.93 -10.62 20.09
CA PRO B 589 16.25 -9.49 20.99
C PRO B 589 15.02 -8.58 21.14
N SER B 590 14.79 -8.09 22.35
CA SER B 590 13.62 -7.25 22.60
C SER B 590 13.64 -6.45 23.88
N PHE B 591 13.10 -5.24 23.85
CA PHE B 591 13.02 -4.43 25.05
C PHE B 591 11.56 -4.03 25.26
N GLY B 592 10.66 -4.92 24.83
CA GLY B 592 9.23 -4.73 25.00
C GLY B 592 8.49 -3.48 24.56
N ASN B 593 7.59 -3.00 25.42
CA ASN B 593 6.77 -1.83 25.11
C ASN B 593 7.42 -0.46 25.24
N PHE B 594 8.71 -0.41 25.56
CA PHE B 594 9.42 0.86 25.71
C PHE B 594 9.67 1.66 24.42
N CYS B 595 9.17 1.17 23.29
CA CYS B 595 9.34 1.88 22.04
C CYS B 595 8.17 2.86 21.82
N GLY B 596 7.11 2.72 22.62
CA GLY B 596 5.98 3.62 22.50
C GLY B 596 5.97 4.63 23.64
N ASN B 597 6.55 5.81 23.41
CA ASN B 597 6.62 6.84 24.45
C ASN B 597 6.07 8.18 23.99
N GLY B 598 5.28 8.18 22.93
CA GLY B 598 4.79 9.44 22.39
C GLY B 598 3.63 10.17 23.03
N LEU B 599 3.46 11.41 22.56
CA LEU B 599 2.37 12.27 22.99
C LEU B 599 1.17 11.90 22.13
N VAL B 600 1.44 11.20 21.02
CA VAL B 600 0.39 10.73 20.12
C VAL B 600 0.71 9.29 19.69
N ASN B 601 -0.30 8.52 19.30
CA ASN B 601 -0.02 7.16 18.88
C ASN B 601 0.59 7.17 17.48
N ALA B 602 0.98 5.99 16.99
CA ALA B 602 1.62 5.87 15.68
C ALA B 602 0.87 6.52 14.52
N VAL B 603 -0.46 6.57 14.60
CA VAL B 603 -1.22 7.19 13.51
C VAL B 603 -1.61 8.63 13.85
N ARG B 604 -0.84 9.22 14.75
CA ARG B 604 -1.00 10.60 15.20
C ARG B 604 -2.28 11.00 15.93
N GLU B 605 -2.90 10.05 16.61
CA GLU B 605 -4.10 10.37 17.37
C GLU B 605 -3.55 10.75 18.76
N PRO B 606 -3.98 11.90 19.29
CA PRO B 606 -3.51 12.34 20.61
C PRO B 606 -3.80 11.44 21.80
N HIS B 607 -2.83 11.32 22.70
CA HIS B 607 -3.04 10.56 23.92
C HIS B 607 -3.61 11.58 24.89
N PRO B 608 -4.32 11.13 25.93
CA PRO B 608 -4.87 12.12 26.85
C PRO B 608 -3.87 13.12 27.41
N HIS B 609 -2.62 12.70 27.60
CA HIS B 609 -1.65 13.61 28.17
C HIS B 609 -1.18 14.76 27.25
N LEU B 610 -1.38 14.64 25.94
CA LEU B 610 -0.99 15.74 25.06
C LEU B 610 -1.85 16.95 25.38
N LEU B 611 -3.08 16.70 25.81
CA LEU B 611 -3.97 17.78 26.16
C LEU B 611 -3.48 18.53 27.39
N GLU B 612 -2.79 17.84 28.30
CA GLU B 612 -2.25 18.51 29.48
C GLU B 612 -1.08 19.36 28.98
N VAL B 613 -0.33 18.80 28.04
CA VAL B 613 0.82 19.49 27.45
C VAL B 613 0.35 20.81 26.82
N LYS B 614 -0.73 20.76 26.07
CA LYS B 614 -1.29 21.93 25.42
C LYS B 614 -1.61 23.01 26.46
N LYS B 615 -2.27 22.61 27.55
CA LYS B 615 -2.63 23.57 28.59
C LYS B 615 -1.43 24.21 29.29
N ILE B 616 -0.40 23.41 29.61
CA ILE B 616 0.79 23.91 30.29
C ILE B 616 1.68 24.73 29.37
N TYR B 617 1.75 24.33 28.10
CA TYR B 617 2.57 25.05 27.13
C TYR B 617 1.86 26.31 26.59
N GLN B 618 0.58 26.51 26.91
CA GLN B 618 -0.11 27.69 26.38
C GLN B 618 0.60 28.99 26.78
N ASN B 619 0.53 29.98 25.90
CA ASN B 619 1.20 31.24 26.13
C ASN B 619 0.38 32.39 26.68
N ILE B 620 -0.76 32.07 27.26
CA ILE B 620 -1.63 33.08 27.85
C ILE B 620 -2.18 32.45 29.12
N LYS B 621 -1.74 32.93 30.27
CA LYS B 621 -2.19 32.37 31.54
C LYS B 621 -2.73 33.46 32.46
N ALA B 622 -3.89 33.19 33.05
CA ALA B 622 -4.53 34.15 33.92
C ALA B 622 -4.73 33.63 35.34
N THR B 623 -4.89 34.56 36.28
CA THR B 623 -5.14 34.23 37.68
C THR B 623 -6.25 35.15 38.13
N LEU B 624 -7.17 34.64 38.95
CA LEU B 624 -8.28 35.45 39.43
C LEU B 624 -7.83 36.29 40.63
N SER B 625 -7.56 37.58 40.38
CA SER B 625 -7.12 38.49 41.42
C SER B 625 -8.25 38.95 42.35
N ASP B 626 -9.40 39.28 41.76
CA ASP B 626 -10.56 39.74 42.53
C ASP B 626 -11.78 38.93 42.10
N ARG B 627 -12.25 38.07 42.99
CA ARG B 627 -13.40 37.22 42.68
C ARG B 627 -14.77 37.88 42.87
N LYS B 628 -14.79 39.15 43.26
CA LYS B 628 -16.04 39.87 43.43
C LYS B 628 -16.41 40.49 42.10
N ASN B 629 -15.49 41.29 41.55
CA ASN B 629 -15.70 41.96 40.27
C ASN B 629 -15.09 41.18 39.11
N LEU B 630 -14.63 39.96 39.41
CA LEU B 630 -14.02 39.08 38.41
C LEU B 630 -12.88 39.74 37.67
N LYS B 631 -11.94 40.31 38.43
CA LYS B 631 -10.78 40.95 37.85
C LYS B 631 -9.72 39.86 37.74
N VAL B 632 -9.15 39.68 36.55
CA VAL B 632 -8.14 38.65 36.37
C VAL B 632 -6.81 39.24 35.94
N CYS B 633 -5.74 38.55 36.28
CA CYS B 633 -4.40 38.99 35.92
C CYS B 633 -3.91 38.08 34.79
N ILE B 634 -3.66 38.66 33.63
CA ILE B 634 -3.22 37.91 32.46
C ILE B 634 -1.75 38.11 32.07
N LYS B 635 -1.01 37.02 32.00
CA LYS B 635 0.40 37.07 31.61
C LYS B 635 0.59 36.60 30.17
N ASN B 636 1.24 37.42 29.36
CA ASN B 636 1.48 37.05 27.98
C ASN B 636 2.82 36.34 27.93
N TRP B 637 2.80 35.03 27.70
CA TRP B 637 4.04 34.26 27.64
C TRP B 637 4.67 34.18 26.26
N TYR B 638 4.00 34.74 25.26
CA TYR B 638 4.57 34.75 23.90
C TYR B 638 5.86 35.56 23.98
N ASP B 639 6.76 35.34 23.02
CA ASP B 639 8.02 36.06 23.04
C ASP B 639 8.05 37.21 22.02
N PHE B 640 7.20 37.14 21.00
CA PHE B 640 7.20 38.16 19.95
C PHE B 640 5.80 38.57 19.51
N SER B 641 4.79 38.31 20.34
CA SER B 641 3.43 38.65 19.97
C SER B 641 2.66 39.34 21.10
N ASN B 642 1.94 40.39 20.73
CA ASN B 642 1.12 41.14 21.68
C ASN B 642 -0.19 40.36 21.79
N LEU B 643 -0.80 40.38 22.97
CA LEU B 643 -2.07 39.69 23.14
C LEU B 643 -3.19 40.25 22.25
N ASN B 644 -2.99 41.43 21.66
CA ASN B 644 -4.03 42.01 20.81
C ASN B 644 -4.15 41.29 19.47
N GLU B 645 -3.34 40.25 19.30
CA GLU B 645 -3.39 39.44 18.09
C GLU B 645 -4.38 38.31 18.37
N TYR B 646 -4.98 38.34 19.56
CA TYR B 646 -5.91 37.29 19.97
C TYR B 646 -7.24 37.82 20.49
N ILE B 647 -8.21 36.93 20.62
CA ILE B 647 -9.54 37.27 21.09
C ILE B 647 -9.87 36.46 22.34
N LEU B 648 -10.44 37.14 23.33
CA LEU B 648 -10.81 36.49 24.58
C LEU B 648 -12.32 36.32 24.70
N ARG B 649 -12.78 35.07 24.67
CA ARG B 649 -14.20 34.80 24.81
C ARG B 649 -14.39 34.27 26.22
N TRP B 650 -15.15 34.98 27.03
CA TRP B 650 -15.38 34.56 28.41
C TRP B 650 -16.84 34.40 28.75
N ASN B 651 -17.08 33.71 29.86
CA ASN B 651 -18.44 33.51 30.33
C ASN B 651 -18.40 32.96 31.75
N VAL B 652 -19.54 33.02 32.41
CA VAL B 652 -19.69 32.49 33.75
C VAL B 652 -20.86 31.50 33.63
N LYS B 653 -20.64 30.26 34.03
CA LYS B 653 -21.69 29.23 33.94
C LYS B 653 -21.91 28.59 35.29
N GLY B 654 -23.17 28.33 35.60
CA GLY B 654 -23.50 27.70 36.87
C GLY B 654 -23.28 26.21 36.80
N GLU B 655 -23.36 25.53 37.93
CA GLU B 655 -23.15 24.09 37.95
C GLU B 655 -24.23 23.39 37.13
N ASP B 656 -25.34 24.07 36.90
CA ASP B 656 -26.42 23.49 36.10
C ASP B 656 -26.19 23.71 34.61
N GLY B 657 -25.06 24.34 34.28
CA GLY B 657 -24.72 24.58 32.89
C GLY B 657 -25.31 25.81 32.23
N THR B 658 -26.13 26.58 32.94
CA THR B 658 -26.71 27.77 32.33
C THR B 658 -25.74 28.94 32.36
N VAL B 659 -25.53 29.57 31.20
CA VAL B 659 -24.64 30.73 31.10
C VAL B 659 -25.28 31.89 31.84
N LEU B 660 -24.57 32.40 32.84
CA LEU B 660 -25.06 33.52 33.65
C LEU B 660 -24.61 34.87 33.14
N ALA B 661 -23.47 34.89 32.49
CA ALA B 661 -22.91 36.12 31.91
C ALA B 661 -21.90 35.67 30.88
N GLU B 662 -21.66 36.52 29.88
CA GLU B 662 -20.70 36.17 28.83
C GLU B 662 -20.27 37.41 28.08
N GLY B 663 -19.11 37.34 27.44
CA GLY B 663 -18.62 38.49 26.71
C GLY B 663 -17.39 38.18 25.87
N THR B 664 -16.89 39.21 25.19
CA THR B 664 -15.71 39.09 24.35
C THR B 664 -14.88 40.34 24.55
N LYS B 665 -13.58 40.17 24.71
CA LYS B 665 -12.72 41.32 24.90
C LYS B 665 -11.36 41.16 24.23
N GLU B 666 -10.79 42.28 23.81
CA GLU B 666 -9.49 42.30 23.19
C GLU B 666 -8.59 43.04 24.15
N VAL B 667 -7.41 42.50 24.39
CA VAL B 667 -6.50 43.10 25.34
C VAL B 667 -5.13 43.39 24.74
N ASP B 668 -4.53 44.51 25.15
CA ASP B 668 -3.20 44.91 24.71
C ASP B 668 -2.23 44.46 25.80
N CYS B 669 -1.16 43.79 25.40
CA CYS B 669 -0.16 43.33 26.35
C CYS B 669 1.06 42.83 25.61
N GLU B 670 2.19 43.49 25.83
CA GLU B 670 3.45 43.13 25.20
C GLU B 670 3.93 41.76 25.71
N PRO B 671 4.83 41.11 24.96
CA PRO B 671 5.33 39.80 25.41
C PRO B 671 5.93 39.90 26.81
N HIS B 672 5.80 38.83 27.60
CA HIS B 672 6.34 38.76 28.96
C HIS B 672 5.73 39.73 29.96
N ALA B 673 4.83 40.59 29.49
CA ALA B 673 4.19 41.55 30.39
C ALA B 673 2.86 40.96 30.85
N THR B 674 2.26 41.60 31.85
CA THR B 674 0.98 41.16 32.36
C THR B 674 0.02 42.32 32.28
N VAL B 675 -1.27 42.01 32.20
CA VAL B 675 -2.31 43.02 32.10
C VAL B 675 -3.53 42.54 32.89
N ASP B 676 -4.15 43.46 33.62
CA ASP B 676 -5.33 43.13 34.40
C ASP B 676 -6.60 43.44 33.62
N VAL B 677 -7.59 42.58 33.76
CA VAL B 677 -8.86 42.76 33.04
C VAL B 677 -10.04 42.53 33.97
N THR B 678 -10.94 43.50 34.02
CA THR B 678 -12.13 43.40 34.86
C THR B 678 -13.31 42.93 34.00
N LEU B 679 -13.92 41.82 34.42
CA LEU B 679 -15.04 41.26 33.69
C LEU B 679 -16.37 41.62 34.34
N GLY B 680 -16.30 42.20 35.53
CA GLY B 680 -17.50 42.61 36.23
C GLY B 680 -18.16 41.55 37.11
N ALA B 681 -18.79 42.01 38.19
CA ALA B 681 -19.46 41.11 39.11
C ALA B 681 -20.60 40.41 38.39
N VAL B 682 -20.90 39.18 38.81
CA VAL B 682 -21.97 38.39 38.21
C VAL B 682 -22.77 37.74 39.32
N LYS B 683 -24.07 37.98 39.36
CA LYS B 683 -24.91 37.38 40.40
C LYS B 683 -25.13 35.90 40.15
N LEU B 684 -25.02 35.10 41.21
CA LEU B 684 -25.19 33.66 41.11
C LEU B 684 -26.48 33.24 41.79
N PRO B 685 -27.34 32.50 41.09
CA PRO B 685 -28.61 32.06 41.68
C PRO B 685 -28.34 31.25 42.95
N ASN B 686 -29.29 31.22 43.86
CA ASN B 686 -29.12 30.47 45.09
C ASN B 686 -29.44 29.01 44.80
N THR B 687 -29.67 28.71 43.52
CA THR B 687 -29.98 27.36 43.09
C THR B 687 -28.72 26.58 42.67
N VAL B 688 -27.57 27.25 42.66
CA VAL B 688 -26.32 26.59 42.30
C VAL B 688 -25.31 26.65 43.45
N ARG B 689 -24.60 25.56 43.67
CA ARG B 689 -23.61 25.47 44.72
C ARG B 689 -22.33 26.19 44.31
N GLU B 690 -22.20 26.45 43.01
CA GLU B 690 -21.01 27.10 42.49
C GLU B 690 -21.20 27.46 41.03
N ALA B 691 -20.26 28.23 40.50
CA ALA B 691 -20.27 28.66 39.12
C ALA B 691 -18.82 28.70 38.68
N TYR B 692 -18.57 28.77 37.37
CA TYR B 692 -17.21 28.77 36.87
C TYR B 692 -16.94 29.92 35.92
N LEU B 693 -15.81 30.59 36.11
CA LEU B 693 -15.41 31.69 35.24
C LEU B 693 -14.53 31.08 34.16
N ASN B 694 -15.09 30.95 32.96
CA ASN B 694 -14.37 30.36 31.85
C ASN B 694 -13.71 31.40 30.93
N LEU B 695 -12.44 31.15 30.58
CA LEU B 695 -11.69 32.03 29.69
C LEU B 695 -11.19 31.18 28.52
N SER B 696 -11.36 31.66 27.29
CA SER B 696 -10.92 30.92 26.11
C SER B 696 -10.38 31.86 25.05
N TRP B 697 -9.21 31.57 24.52
CA TRP B 697 -8.58 32.42 23.52
C TRP B 697 -8.37 31.77 22.16
N SER B 698 -8.43 32.59 21.13
CA SER B 698 -8.20 32.16 19.75
C SER B 698 -7.56 33.35 19.03
N ARG B 699 -6.81 33.10 17.97
CA ARG B 699 -6.18 34.20 17.25
C ARG B 699 -7.13 34.91 16.29
N LYS B 700 -6.88 36.18 16.02
CA LYS B 700 -7.73 36.95 15.10
C LYS B 700 -7.51 36.49 13.66
N GLU B 701 -6.26 36.24 13.29
CA GLU B 701 -5.95 35.80 11.94
C GLU B 701 -5.51 34.35 11.91
N ALA B 702 -6.02 33.61 10.93
CA ALA B 702 -5.71 32.21 10.77
C ALA B 702 -4.31 31.98 10.24
N THR B 703 -3.90 30.72 10.31
CA THR B 703 -2.60 30.27 9.82
C THR B 703 -2.97 29.07 8.95
N PRO B 704 -2.09 28.65 8.05
CA PRO B 704 -2.50 27.49 7.26
C PRO B 704 -2.74 26.28 8.17
N LEU B 705 -2.14 26.28 9.34
CA LEU B 705 -2.29 25.15 10.26
C LEU B 705 -3.28 25.34 11.40
N VAL B 706 -3.53 26.59 11.78
CA VAL B 706 -4.44 26.88 12.88
C VAL B 706 -5.50 27.90 12.47
N ASP B 707 -6.76 27.48 12.35
CA ASP B 707 -7.79 28.42 11.98
C ASP B 707 -8.19 29.28 13.18
N THR B 708 -9.13 30.20 12.95
CA THR B 708 -9.56 31.12 13.99
C THR B 708 -10.50 30.55 15.03
N ASP B 709 -10.95 29.31 14.84
CA ASP B 709 -11.85 28.68 15.79
C ASP B 709 -11.08 27.86 16.83
N TRP B 710 -9.80 27.63 16.55
CA TRP B 710 -8.98 26.84 17.44
C TRP B 710 -8.66 27.53 18.76
N GLU B 711 -8.88 26.80 19.85
CA GLU B 711 -8.60 27.33 21.18
C GLU B 711 -7.10 27.25 21.44
N VAL B 712 -6.43 28.41 21.53
CA VAL B 712 -4.99 28.45 21.76
C VAL B 712 -4.58 28.50 23.24
N ALA B 713 -5.54 28.79 24.10
CA ALA B 713 -5.28 28.88 25.54
C ALA B 713 -6.60 29.04 26.28
N TYR B 714 -6.62 28.61 27.53
CA TYR B 714 -7.84 28.72 28.33
C TYR B 714 -7.56 28.59 29.81
N ASP B 715 -8.53 29.05 30.61
CA ASP B 715 -8.40 28.97 32.07
C ASP B 715 -9.78 28.93 32.67
N GLN B 716 -9.86 28.44 33.90
CA GLN B 716 -11.11 28.33 34.59
C GLN B 716 -10.92 28.62 36.08
N PHE B 717 -11.89 29.31 36.67
CA PHE B 717 -11.83 29.65 38.09
C PHE B 717 -13.18 29.31 38.72
N VAL B 718 -13.14 28.59 39.83
CA VAL B 718 -14.36 28.20 40.51
C VAL B 718 -14.86 29.33 41.42
N LEU B 719 -16.15 29.63 41.35
CA LEU B 719 -16.74 30.68 42.16
C LEU B 719 -17.74 30.07 43.14
N ALA B 720 -17.60 30.43 44.41
CA ALA B 720 -18.48 29.92 45.45
C ALA B 720 -19.94 30.33 45.24
N GLY B 721 -20.85 29.40 45.51
CA GLY B 721 -22.27 29.67 45.38
C GLY B 721 -22.97 29.27 46.67
N ASN B 722 -24.24 28.91 46.59
CA ASN B 722 -24.97 28.51 47.79
C ASN B 722 -24.66 27.06 48.14
N LYS B 723 -23.80 26.88 49.15
CA LYS B 723 -23.37 25.57 49.60
C LYS B 723 -24.48 24.62 50.05
N ASN B 724 -25.61 25.19 50.48
CA ASN B 724 -26.73 24.39 50.99
C ASN B 724 -27.79 23.89 50.00
N THR B 725 -27.83 24.44 48.79
CA THR B 725 -28.83 24.03 47.82
C THR B 725 -28.68 22.58 47.35
N THR B 726 -29.81 21.95 47.03
CA THR B 726 -29.81 20.58 46.54
C THR B 726 -30.67 20.50 45.27
N ALA B 727 -30.77 21.63 44.56
CA ALA B 727 -31.56 21.71 43.34
C ALA B 727 -31.12 20.73 42.26
N TYR B 728 -29.82 20.46 42.22
CA TYR B 728 -29.21 19.57 41.22
C TYR B 728 -29.59 18.09 41.36
N ARG B 729 -29.96 17.67 42.58
CA ARG B 729 -30.31 16.29 42.86
C ARG B 729 -31.50 15.70 42.12
N PRO B 730 -31.38 14.43 41.68
CA PRO B 730 -32.45 13.74 40.95
C PRO B 730 -33.61 13.44 41.90
N GLN B 731 -34.81 13.28 41.35
CA GLN B 731 -35.97 13.00 42.20
C GLN B 731 -36.18 11.51 42.42
N LYS B 732 -36.88 11.18 43.50
CA LYS B 732 -37.18 9.79 43.86
C LYS B 732 -37.87 9.12 42.69
N ALA B 733 -37.26 8.05 42.17
CA ALA B 733 -37.81 7.35 41.02
C ALA B 733 -38.61 6.09 41.37
N GLY B 734 -38.55 5.69 42.64
CA GLY B 734 -39.27 4.49 43.04
C GLY B 734 -38.84 4.01 44.41
N GLU B 735 -39.05 2.73 44.69
CA GLU B 735 -38.67 2.18 45.97
C GLU B 735 -37.31 1.50 45.89
N THR B 736 -36.35 2.00 46.66
CA THR B 736 -35.01 1.44 46.68
C THR B 736 -34.84 0.39 47.77
N ALA B 737 -34.06 -0.65 47.48
CA ALA B 737 -33.79 -1.71 48.44
C ALA B 737 -32.37 -2.21 48.26
N PHE B 738 -31.79 -2.76 49.31
CA PHE B 738 -30.43 -3.29 49.25
C PHE B 738 -30.25 -4.55 50.09
N VAL B 739 -29.22 -5.32 49.76
CA VAL B 739 -28.91 -6.55 50.49
C VAL B 739 -27.42 -6.54 50.84
N VAL B 740 -27.11 -6.83 52.09
CA VAL B 740 -25.71 -6.87 52.52
C VAL B 740 -25.29 -8.33 52.64
N ASP B 741 -24.18 -8.67 51.98
CA ASP B 741 -23.68 -10.04 51.99
C ASP B 741 -23.26 -10.41 53.41
N LYS B 742 -23.77 -11.53 53.91
CA LYS B 742 -23.45 -11.99 55.25
C LYS B 742 -21.97 -12.32 55.49
N ASN B 743 -21.26 -12.73 54.43
CA ASN B 743 -19.84 -13.09 54.57
C ASN B 743 -18.84 -11.96 54.29
N THR B 744 -19.04 -11.27 53.17
CA THR B 744 -18.15 -10.20 52.79
C THR B 744 -18.56 -8.86 53.37
N GLY B 745 -19.84 -8.70 53.70
CA GLY B 745 -20.31 -7.45 54.25
C GLY B 745 -20.40 -6.44 53.11
N ALA B 746 -20.35 -6.95 51.89
CA ALA B 746 -20.43 -6.10 50.71
C ALA B 746 -21.88 -5.86 50.33
N LEU B 747 -22.09 -4.79 49.56
CA LEU B 747 -23.42 -4.44 49.11
C LEU B 747 -23.60 -5.32 47.87
N SER B 748 -24.27 -6.46 48.06
CA SER B 748 -24.49 -7.42 46.98
C SER B 748 -25.76 -7.20 46.17
N SER B 749 -26.57 -6.22 46.57
CA SER B 749 -27.80 -5.96 45.83
C SER B 749 -28.36 -4.56 46.03
N LEU B 750 -28.70 -3.92 44.93
CA LEU B 750 -29.28 -2.59 44.95
C LEU B 750 -30.40 -2.66 43.93
N THR B 751 -31.64 -2.51 44.40
CA THR B 751 -32.79 -2.59 43.51
C THR B 751 -33.67 -1.36 43.50
N LEU B 752 -34.34 -1.16 42.37
CA LEU B 752 -35.26 -0.06 42.16
C LEU B 752 -36.54 -0.75 41.72
N ASP B 753 -37.55 -0.70 42.58
CA ASP B 753 -38.83 -1.33 42.31
C ASP B 753 -38.65 -2.80 41.99
N GLY B 754 -37.73 -3.45 42.70
CA GLY B 754 -37.47 -4.86 42.48
C GLY B 754 -36.49 -5.23 41.39
N LYS B 755 -36.01 -4.24 40.63
CA LYS B 755 -35.08 -4.53 39.56
C LYS B 755 -33.63 -4.38 40.01
N GLU B 756 -32.86 -5.44 39.85
CA GLU B 756 -31.44 -5.45 40.23
C GLU B 756 -30.61 -4.53 39.34
N LEU B 757 -29.79 -3.70 39.96
CA LEU B 757 -28.94 -2.77 39.23
C LEU B 757 -27.48 -3.20 39.19
N LEU B 758 -27.05 -3.98 40.17
CA LEU B 758 -25.66 -4.43 40.23
C LEU B 758 -25.42 -5.75 39.55
N ALA B 759 -24.25 -5.88 38.92
CA ALA B 759 -23.85 -7.11 38.25
C ALA B 759 -22.76 -7.72 39.12
N ALA B 760 -22.23 -6.92 40.03
CA ALA B 760 -21.20 -7.37 40.97
C ALA B 760 -21.37 -6.55 42.23
N PRO B 761 -21.10 -7.15 43.41
CA PRO B 761 -21.25 -6.39 44.64
C PRO B 761 -20.31 -5.20 44.73
N ILE B 762 -20.62 -4.28 45.65
CA ILE B 762 -19.81 -3.09 45.88
C ILE B 762 -18.79 -3.42 46.94
N THR B 763 -17.52 -3.33 46.58
CA THR B 763 -16.43 -3.65 47.51
C THR B 763 -15.40 -2.53 47.63
N LEU B 764 -14.53 -2.66 48.62
CA LEU B 764 -13.46 -1.70 48.84
C LEU B 764 -12.38 -1.99 47.81
N SER B 765 -11.88 -0.95 47.14
CA SER B 765 -10.88 -1.10 46.10
C SER B 765 -9.62 -0.29 46.43
N LEU B 766 -8.46 -0.95 46.35
CA LEU B 766 -7.20 -0.29 46.65
C LEU B 766 -6.17 -0.44 45.53
N PHE B 767 -6.51 -1.22 44.51
CA PHE B 767 -5.62 -1.48 43.39
C PHE B 767 -6.16 -0.90 42.08
N ARG B 768 -5.29 -0.79 41.09
CA ARG B 768 -5.68 -0.31 39.75
C ARG B 768 -4.80 -1.01 38.73
N PRO B 769 -5.39 -1.50 37.62
CA PRO B 769 -4.57 -2.16 36.62
C PRO B 769 -3.41 -1.21 36.33
N ALA B 770 -2.19 -1.68 36.58
CA ALA B 770 -0.98 -0.89 36.43
C ALA B 770 -0.72 -0.20 35.10
N THR B 771 -0.37 1.08 35.19
CA THR B 771 0.00 1.86 34.01
C THR B 771 1.45 1.46 33.85
N ASP B 772 2.05 1.74 32.70
CA ASP B 772 3.45 1.39 32.52
C ASP B 772 4.30 2.05 33.63
N ASN B 773 3.95 3.29 33.98
CA ASN B 773 4.67 3.99 35.03
C ASN B 773 4.53 3.27 36.38
N ASP B 774 3.31 2.84 36.71
CA ASP B 774 3.09 2.14 37.99
C ASP B 774 4.01 0.92 38.10
N ASN B 775 4.31 0.28 36.98
CA ASN B 775 5.16 -0.90 36.94
C ASN B 775 6.63 -0.65 37.23
N ARG B 776 7.01 0.62 37.33
CA ARG B 776 8.40 0.94 37.63
C ARG B 776 8.52 1.95 38.76
N ASP B 777 7.40 2.56 39.15
CA ASP B 777 7.37 3.55 40.20
C ASP B 777 7.83 2.95 41.55
N ARG B 778 8.69 3.67 42.24
CA ARG B 778 9.22 3.25 43.54
C ARG B 778 8.05 2.93 44.47
N ASN B 779 6.97 3.68 44.32
CA ASN B 779 5.77 3.50 45.11
C ASN B 779 4.63 2.97 44.22
N GLY B 780 4.96 2.12 43.26
CA GLY B 780 3.97 1.61 42.35
C GLY B 780 3.38 0.21 42.57
N ALA B 781 2.95 -0.38 41.47
CA ALA B 781 2.31 -1.70 41.46
C ALA B 781 3.14 -2.87 41.98
N ARG B 782 4.44 -2.69 42.11
CA ARG B 782 5.28 -3.77 42.63
C ARG B 782 4.88 -3.99 44.09
N LEU B 783 4.65 -2.88 44.80
CA LEU B 783 4.24 -2.92 46.19
C LEU B 783 2.78 -3.32 46.28
N TRP B 784 1.97 -2.81 45.36
CA TRP B 784 0.54 -3.13 45.38
C TRP B 784 0.34 -4.64 45.22
N ARG B 785 1.05 -5.24 44.27
CA ARG B 785 0.93 -6.66 44.04
C ARG B 785 1.61 -7.49 45.14
N LYS B 786 2.66 -6.94 45.72
CA LYS B 786 3.37 -7.63 46.80
C LYS B 786 2.45 -7.71 48.02
N ALA B 787 1.61 -6.69 48.21
CA ALA B 787 0.68 -6.67 49.32
C ALA B 787 -0.61 -7.40 48.93
N GLY B 788 -0.69 -7.83 47.68
CA GLY B 788 -1.86 -8.54 47.20
C GLY B 788 -3.12 -7.71 47.10
N LEU B 789 -2.96 -6.40 46.97
CA LEU B 789 -4.10 -5.48 46.88
C LEU B 789 -4.99 -5.77 45.68
N ASN B 790 -4.48 -6.56 44.74
CA ASN B 790 -5.26 -6.90 43.53
C ASN B 790 -5.97 -8.25 43.68
N ASN B 791 -5.93 -8.80 44.90
CA ASN B 791 -6.58 -10.07 45.21
C ASN B 791 -7.18 -9.96 46.61
N LEU B 792 -8.05 -8.97 46.79
CA LEU B 792 -8.68 -8.73 48.08
C LEU B 792 -10.00 -9.45 48.28
N THR B 793 -10.24 -9.81 49.53
CA THR B 793 -11.49 -10.46 49.94
C THR B 793 -11.85 -9.85 51.29
N GLN B 794 -13.14 -9.61 51.50
CA GLN B 794 -13.60 -9.03 52.76
C GLN B 794 -14.28 -10.11 53.61
N LYS B 795 -14.06 -10.06 54.91
CA LYS B 795 -14.67 -11.04 55.81
C LYS B 795 -15.28 -10.33 57.00
N VAL B 796 -16.58 -10.47 57.18
CA VAL B 796 -17.26 -9.81 58.28
C VAL B 796 -16.81 -10.39 59.62
N VAL B 797 -16.55 -9.50 60.56
CA VAL B 797 -16.14 -9.90 61.90
C VAL B 797 -17.19 -9.34 62.85
N SER B 798 -18.04 -8.48 62.30
CA SER B 798 -19.11 -7.85 63.05
C SER B 798 -20.17 -7.35 62.07
N LEU B 799 -21.43 -7.61 62.39
CA LEU B 799 -22.55 -7.20 61.54
C LEU B 799 -23.78 -6.95 62.38
N LYS B 800 -24.42 -5.81 62.16
CA LYS B 800 -25.61 -5.40 62.90
C LYS B 800 -26.57 -4.74 61.90
N GLU B 801 -27.77 -5.28 61.76
CA GLU B 801 -28.73 -4.74 60.81
C GLU B 801 -30.04 -4.17 61.35
N GLU B 802 -30.43 -3.01 60.85
CA GLU B 802 -31.69 -2.36 61.21
C GLU B 802 -32.54 -2.47 59.95
N LYS B 803 -33.78 -2.00 59.99
CA LYS B 803 -34.63 -2.13 58.81
C LYS B 803 -34.11 -1.42 57.55
N THR B 804 -33.65 -0.18 57.70
CA THR B 804 -33.16 0.57 56.56
C THR B 804 -31.65 0.82 56.57
N SER B 805 -30.94 0.20 57.49
CA SER B 805 -29.49 0.38 57.58
C SER B 805 -28.78 -0.89 58.02
N ALA B 806 -27.45 -0.90 57.85
CA ALA B 806 -26.64 -2.04 58.23
C ALA B 806 -25.23 -1.56 58.53
N THR B 807 -24.69 -2.00 59.66
CA THR B 807 -23.35 -1.62 60.05
C THR B 807 -22.47 -2.85 60.10
N VAL B 808 -21.32 -2.77 59.44
CA VAL B 808 -20.42 -3.89 59.40
C VAL B 808 -18.95 -3.49 59.55
N ARG B 809 -18.16 -4.42 60.11
CA ARG B 809 -16.73 -4.24 60.28
C ARG B 809 -16.18 -5.51 59.67
N ALA B 810 -15.22 -5.37 58.77
CA ALA B 810 -14.65 -6.55 58.12
C ALA B 810 -13.15 -6.46 57.96
N GLU B 811 -12.52 -7.62 57.86
CA GLU B 811 -11.09 -7.69 57.67
C GLU B 811 -10.86 -7.70 56.17
N ILE B 812 -9.75 -7.13 55.73
CA ILE B 812 -9.43 -7.12 54.32
C ILE B 812 -8.21 -8.03 54.20
N LEU B 813 -8.37 -9.17 53.54
CA LEU B 813 -7.28 -10.12 53.41
C LEU B 813 -6.82 -10.24 51.95
N ASN B 814 -5.53 -10.47 51.76
CA ASN B 814 -5.03 -10.66 50.40
C ASN B 814 -5.16 -12.14 50.08
N GLY B 815 -4.60 -12.56 48.95
CA GLY B 815 -4.67 -13.96 48.55
C GLY B 815 -3.92 -14.92 49.46
N LYS B 816 -3.07 -14.38 50.33
CA LYS B 816 -2.29 -15.20 51.24
C LYS B 816 -2.82 -15.12 52.68
N GLY B 817 -4.11 -14.82 52.82
CA GLY B 817 -4.74 -14.73 54.12
C GLY B 817 -4.22 -13.65 55.04
N GLN B 818 -3.16 -12.95 54.64
CA GLN B 818 -2.60 -11.89 55.46
C GLN B 818 -3.65 -10.79 55.69
N LYS B 819 -3.32 -9.86 56.57
CA LYS B 819 -4.24 -8.78 56.91
C LYS B 819 -3.84 -7.45 56.28
N VAL B 820 -4.55 -7.07 55.22
CA VAL B 820 -4.30 -5.81 54.53
C VAL B 820 -4.70 -4.65 55.43
N GLY B 821 -5.80 -4.83 56.16
CA GLY B 821 -6.28 -3.79 57.06
C GLY B 821 -7.65 -4.10 57.62
N MSE B 822 -8.27 -3.09 58.21
CA MSE B 822 -9.59 -3.25 58.81
C MSE B 822 -10.57 -2.24 58.18
O MSE B 822 -10.25 -1.06 58.07
CB MSE B 822 -9.50 -3.03 60.33
CG MSE B 822 -10.77 -3.35 61.11
SE MSE B 822 -11.21 -5.28 61.05
CE MSE B 822 -10.17 -5.90 62.60
N ALA B 823 -11.74 -2.72 57.79
CA ALA B 823 -12.75 -1.86 57.18
C ALA B 823 -14.07 -1.81 57.96
N ASP B 824 -14.67 -0.62 57.99
CA ASP B 824 -15.95 -0.38 58.64
C ASP B 824 -16.89 0.21 57.60
N PHE B 825 -18.05 -0.42 57.42
CA PHE B 825 -19.04 0.05 56.46
C PHE B 825 -20.35 0.35 57.17
N VAL B 826 -21.08 1.32 56.65
CA VAL B 826 -22.38 1.68 57.18
C VAL B 826 -23.26 2.00 55.97
N TYR B 827 -24.25 1.15 55.71
CA TYR B 827 -25.17 1.32 54.59
C TYR B 827 -26.48 1.86 55.13
N ALA B 828 -26.93 3.02 54.63
CA ALA B 828 -28.18 3.60 55.09
C ALA B 828 -29.01 4.24 53.98
N LEU B 829 -30.32 3.95 53.96
CA LEU B 829 -31.24 4.49 52.96
C LEU B 829 -31.94 5.78 53.38
N ASP B 830 -31.98 6.74 52.47
CA ASP B 830 -32.62 8.03 52.70
C ASP B 830 -34.13 7.88 52.60
N LYS B 831 -34.84 8.99 52.85
CA LYS B 831 -36.29 8.98 52.75
C LYS B 831 -36.64 8.99 51.27
N ASN B 832 -35.78 9.62 50.47
CA ASN B 832 -36.00 9.71 49.03
C ASN B 832 -35.38 8.57 48.24
N GLY B 833 -35.08 7.47 48.92
CA GLY B 833 -34.51 6.31 48.25
C GLY B 833 -33.04 6.29 47.92
N ALA B 834 -32.27 7.24 48.45
CA ALA B 834 -30.84 7.29 48.18
C ALA B 834 -30.09 6.40 49.17
N LEU B 835 -29.05 5.72 48.69
CA LEU B 835 -28.26 4.85 49.54
C LEU B 835 -26.90 5.47 49.84
N LYS B 836 -26.70 5.83 51.11
CA LYS B 836 -25.44 6.43 51.56
C LYS B 836 -24.50 5.32 52.01
N VAL B 837 -23.29 5.31 51.46
CA VAL B 837 -22.30 4.30 51.83
C VAL B 837 -21.12 4.95 52.53
N ARG B 838 -21.02 4.75 53.84
CA ARG B 838 -19.92 5.31 54.62
C ARG B 838 -18.85 4.23 54.82
N THR B 839 -17.60 4.60 54.63
CA THR B 839 -16.51 3.64 54.78
C THR B 839 -15.30 4.22 55.51
N THR B 840 -14.72 3.41 56.37
CA THR B 840 -13.52 3.81 57.10
C THR B 840 -12.53 2.66 56.92
N PHE B 841 -11.34 3.00 56.46
CA PHE B 841 -10.32 1.98 56.25
C PHE B 841 -9.07 2.27 57.06
N GLN B 842 -8.62 1.25 57.78
CA GLN B 842 -7.41 1.32 58.59
C GLN B 842 -6.45 0.28 58.02
N PRO B 843 -5.42 0.73 57.31
CA PRO B 843 -4.48 -0.23 56.75
C PRO B 843 -3.45 -0.70 57.78
N ASP B 844 -2.91 -1.88 57.56
CA ASP B 844 -1.88 -2.43 58.43
C ASP B 844 -0.56 -2.08 57.74
N THR B 845 0.01 -0.95 58.13
CA THR B 845 1.24 -0.45 57.54
C THR B 845 2.41 -1.43 57.51
N ALA B 846 2.23 -2.60 58.09
CA ALA B 846 3.31 -3.59 58.08
C ALA B 846 3.29 -4.34 56.75
N ILE B 847 2.09 -4.49 56.18
CA ILE B 847 1.90 -5.18 54.92
C ILE B 847 1.64 -4.24 53.73
N VAL B 848 0.95 -3.14 53.98
CA VAL B 848 0.62 -2.18 52.92
C VAL B 848 1.60 -1.02 52.93
N LYS B 849 2.50 -0.99 51.96
CA LYS B 849 3.49 0.08 51.86
C LYS B 849 3.04 1.16 50.88
N SER B 850 2.04 0.83 50.07
CA SER B 850 1.52 1.76 49.07
C SER B 850 0.16 1.28 48.58
N MSE B 851 -0.67 2.22 48.14
CA MSE B 851 -1.99 1.90 47.61
C MSE B 851 -2.20 2.69 46.33
O MSE B 851 -1.70 3.80 46.18
CB MSE B 851 -3.08 2.26 48.63
CG MSE B 851 -2.68 1.95 50.06
SE MSE B 851 -4.18 2.08 51.28
CE MSE B 851 -4.98 3.76 50.72
N ALA B 852 -2.94 2.10 45.39
CA ALA B 852 -3.19 2.77 44.13
C ALA B 852 -4.34 3.76 44.30
N ARG B 853 -5.30 3.38 45.13
CA ARG B 853 -6.45 4.23 45.38
C ARG B 853 -7.17 3.80 46.65
N LEU B 854 -8.25 4.50 46.96
CA LEU B 854 -9.08 4.22 48.11
C LEU B 854 -10.48 4.62 47.69
N GLY B 855 -11.33 3.63 47.45
CA GLY B 855 -12.68 3.92 47.03
C GLY B 855 -13.50 2.66 46.94
N LEU B 856 -14.62 2.74 46.23
CA LEU B 856 -15.51 1.61 46.05
C LEU B 856 -15.49 1.18 44.60
N THR B 857 -15.87 -0.06 44.34
CA THR B 857 -15.90 -0.59 42.99
C THR B 857 -17.00 -1.63 42.89
N PHE B 858 -17.61 -1.70 41.70
CA PHE B 858 -18.67 -2.65 41.43
C PHE B 858 -18.91 -2.68 39.92
N ARG B 859 -19.81 -3.53 39.47
CA ARG B 859 -20.07 -3.64 38.04
C ARG B 859 -21.56 -3.62 37.74
N MSE B 860 -21.89 -3.19 36.52
CA MSE B 860 -23.27 -3.15 36.05
C MSE B 860 -23.32 -3.78 34.65
O MSE B 860 -22.27 -4.02 34.04
CB MSE B 860 -23.76 -1.71 36.00
CG MSE B 860 -23.99 -1.11 37.38
SE MSE B 860 -24.65 0.73 37.27
CE MSE B 860 -23.02 1.70 37.46
N ALA B 861 -24.53 -4.06 34.15
CA ALA B 861 -24.64 -4.65 32.81
C ALA B 861 -24.13 -3.61 31.83
N ASP B 862 -23.58 -4.06 30.71
CA ASP B 862 -23.06 -3.09 29.74
C ASP B 862 -24.16 -2.25 29.10
N ALA B 863 -25.42 -2.61 29.35
CA ALA B 863 -26.52 -1.84 28.80
C ALA B 863 -26.47 -0.41 29.32
N TYR B 864 -25.93 -0.24 30.53
CA TYR B 864 -25.81 1.08 31.15
C TYR B 864 -24.57 1.73 30.52
N ASN B 865 -24.76 2.36 29.36
CA ASN B 865 -23.67 2.98 28.63
C ASN B 865 -23.69 4.50 28.54
N GLN B 866 -24.76 5.13 29.00
CA GLN B 866 -24.85 6.58 28.94
C GLN B 866 -24.23 7.19 30.19
N VAL B 867 -23.12 7.89 29.99
CA VAL B 867 -22.44 8.51 31.10
C VAL B 867 -22.55 10.02 31.06
N SER B 868 -22.85 10.60 32.22
CA SER B 868 -22.96 12.04 32.33
C SER B 868 -22.27 12.38 33.64
N TYR B 869 -21.68 13.56 33.72
CA TYR B 869 -21.01 13.96 34.95
C TYR B 869 -20.69 15.44 34.98
N LEU B 870 -20.51 15.95 36.20
CA LEU B 870 -20.14 17.32 36.46
C LEU B 870 -18.76 17.14 37.09
N GLY B 871 -17.72 17.60 36.40
CA GLY B 871 -16.37 17.45 36.91
C GLY B 871 -15.38 17.90 35.85
N ARG B 872 -14.08 17.83 36.13
CA ARG B 872 -13.07 18.22 35.16
C ARG B 872 -13.38 17.32 33.96
N GLY B 873 -13.85 17.91 32.88
CA GLY B 873 -14.27 17.07 31.77
C GLY B 873 -13.76 17.13 30.36
N ASP B 874 -14.26 16.14 29.63
CA ASP B 874 -14.00 15.86 28.24
C ASP B 874 -12.59 15.38 27.88
N HIS B 875 -12.01 14.62 28.78
CA HIS B 875 -10.73 13.92 28.62
C HIS B 875 -10.14 13.49 29.94
N GLU B 876 -9.43 12.36 29.84
CA GLU B 876 -8.78 11.71 30.95
C GLU B 876 -7.78 12.58 31.71
N THR B 877 -7.92 12.64 33.04
CA THR B 877 -6.99 13.39 33.85
C THR B 877 -6.70 12.67 35.18
N TYR B 878 -5.66 13.11 35.88
CA TYR B 878 -5.29 12.53 37.17
C TYR B 878 -4.84 13.68 38.07
N ILE B 879 -4.73 13.45 39.38
CA ILE B 879 -4.36 14.53 40.28
C ILE B 879 -3.06 15.26 39.96
N ASP B 880 -2.08 14.56 39.38
CA ASP B 880 -0.83 15.21 39.01
C ASP B 880 -0.80 15.50 37.52
N ARG B 881 -1.98 15.49 36.88
CA ARG B 881 -2.11 15.78 35.46
C ARG B 881 -3.54 16.21 35.19
N ASN B 882 -3.95 17.33 35.79
CA ASN B 882 -5.31 17.80 35.59
C ASN B 882 -5.45 19.31 35.50
N GLN B 883 -4.42 19.96 34.98
CA GLN B 883 -4.47 21.40 34.80
C GLN B 883 -5.32 21.67 33.56
N SER B 884 -5.35 20.71 32.64
CA SER B 884 -6.11 20.84 31.39
C SER B 884 -7.60 20.53 31.59
N GLY B 885 -8.40 20.87 30.60
CA GLY B 885 -9.84 20.64 30.68
C GLY B 885 -10.46 21.63 31.66
N ARG B 886 -11.78 21.54 31.84
CA ARG B 886 -12.46 22.41 32.77
C ARG B 886 -13.64 21.68 33.39
N ILE B 887 -14.12 22.21 34.50
CA ILE B 887 -15.26 21.61 35.16
C ILE B 887 -16.51 22.04 34.40
N GLY B 888 -17.43 21.11 34.21
CA GLY B 888 -18.66 21.42 33.51
C GLY B 888 -19.49 20.17 33.31
N LEU B 889 -20.64 20.33 32.64
CA LEU B 889 -21.51 19.20 32.39
C LEU B 889 -21.08 18.50 31.12
N TYR B 890 -20.89 17.19 31.20
CA TYR B 890 -20.45 16.40 30.06
C TYR B 890 -21.27 15.13 29.85
N ASP B 891 -21.49 14.80 28.59
CA ASP B 891 -22.24 13.61 28.23
C ASP B 891 -21.38 12.76 27.30
N THR B 892 -21.35 11.45 27.54
CA THR B 892 -20.55 10.56 26.72
C THR B 892 -20.97 9.11 26.99
N THR B 893 -20.19 8.15 26.48
CA THR B 893 -20.48 6.74 26.70
C THR B 893 -19.24 6.09 27.29
N VAL B 894 -19.40 4.91 27.87
CA VAL B 894 -18.27 4.20 28.47
C VAL B 894 -17.19 3.89 27.44
N GLU B 895 -17.59 3.38 26.28
CA GLU B 895 -16.64 3.05 25.22
C GLU B 895 -15.83 4.27 24.79
N ARG B 896 -16.48 5.42 24.73
CA ARG B 896 -15.82 6.65 24.31
C ARG B 896 -14.78 7.15 25.31
N MSE B 897 -14.86 6.67 26.55
CA MSE B 897 -13.92 7.08 27.59
C MSE B 897 -12.68 6.21 27.68
O MSE B 897 -11.67 6.63 28.24
CB MSE B 897 -14.61 7.09 28.95
CG MSE B 897 -15.86 7.95 28.98
SE MSE B 897 -16.69 7.97 30.71
CE MSE B 897 -15.85 9.57 31.44
N PHE B 898 -12.73 5.01 27.12
CA PHE B 898 -11.59 4.10 27.18
C PHE B 898 -10.47 4.45 26.20
N HIS B 899 -9.30 4.81 26.71
CA HIS B 899 -8.20 5.13 25.79
C HIS B 899 -7.37 3.88 25.55
N TYR B 900 -7.07 3.59 24.29
CA TYR B 900 -6.29 2.40 23.94
C TYR B 900 -4.79 2.53 23.94
N TYR B 901 -4.21 2.49 25.15
CA TYR B 901 -2.77 2.55 25.30
C TYR B 901 -2.21 1.26 24.70
N ALA B 902 -1.06 1.35 24.03
CA ALA B 902 -0.45 0.17 23.42
C ALA B 902 -0.55 -1.02 24.37
N THR B 903 -0.18 -0.80 25.63
CA THR B 903 -0.27 -1.82 26.66
C THR B 903 -1.53 -1.49 27.46
N PRO B 904 -2.53 -2.39 27.45
CA PRO B 904 -3.76 -2.12 28.21
C PRO B 904 -3.44 -1.79 29.67
N GLN B 905 -3.98 -0.66 30.13
CA GLN B 905 -3.71 -0.22 31.49
C GLN B 905 -4.84 0.69 31.96
N SER B 906 -4.79 1.14 33.22
CA SER B 906 -5.83 2.01 33.75
C SER B 906 -6.03 3.21 32.84
N THR B 907 -7.28 3.65 32.71
CA THR B 907 -7.62 4.76 31.84
C THR B 907 -9.04 5.22 32.18
N ALA B 908 -9.47 6.31 31.55
CA ALA B 908 -10.83 6.84 31.69
C ALA B 908 -11.16 7.53 32.99
N ASN B 909 -10.14 7.93 33.75
CA ASN B 909 -10.36 8.60 35.02
C ASN B 909 -10.74 10.06 34.81
N ARG B 910 -11.58 10.56 35.71
CA ARG B 910 -12.03 11.96 35.68
C ARG B 910 -11.81 12.54 37.07
N THR B 911 -11.24 13.74 37.13
CA THR B 911 -10.95 14.40 38.41
C THR B 911 -11.93 15.54 38.71
N ASP B 912 -11.87 16.04 39.94
CA ASP B 912 -12.71 17.14 40.40
C ASP B 912 -14.18 16.91 40.07
N VAL B 913 -14.65 15.69 40.31
CA VAL B 913 -16.02 15.36 40.02
C VAL B 913 -16.98 15.66 41.17
N ARG B 914 -18.05 16.37 40.85
CA ARG B 914 -19.10 16.71 41.82
C ARG B 914 -20.08 15.55 41.80
N TRP B 915 -20.41 15.08 40.59
CA TRP B 915 -21.32 13.95 40.45
C TRP B 915 -21.18 13.26 39.11
N ALA B 916 -21.56 11.99 39.08
CA ALA B 916 -21.51 11.18 37.88
C ALA B 916 -22.79 10.38 37.78
N LYS B 917 -23.28 10.20 36.55
CA LYS B 917 -24.51 9.45 36.32
C LYS B 917 -24.36 8.46 35.18
N LEU B 918 -24.92 7.27 35.38
CA LEU B 918 -24.83 6.21 34.38
C LEU B 918 -26.23 5.60 34.14
N THR B 919 -26.65 5.58 32.89
CA THR B 919 -27.97 5.03 32.55
C THR B 919 -27.98 4.26 31.24
N ASP B 920 -29.10 3.61 30.95
CA ASP B 920 -29.26 2.87 29.71
C ASP B 920 -30.04 3.79 28.77
N GLN B 921 -30.38 3.29 27.58
CA GLN B 921 -31.12 4.09 26.62
C GLN B 921 -32.46 4.57 27.18
N ALA B 922 -33.13 3.71 27.94
CA ALA B 922 -34.42 4.06 28.53
C ALA B 922 -34.30 5.10 29.64
N GLY B 923 -33.06 5.48 29.95
CA GLY B 923 -32.84 6.48 30.98
C GLY B 923 -32.81 5.94 32.40
N GLU B 924 -32.66 4.63 32.56
CA GLU B 924 -32.61 4.01 33.89
C GLU B 924 -31.16 3.77 34.29
N GLY B 925 -30.85 4.04 35.56
CA GLY B 925 -29.50 3.83 36.04
C GLY B 925 -29.30 4.35 37.44
N VAL B 926 -28.12 4.89 37.72
CA VAL B 926 -27.82 5.41 39.04
C VAL B 926 -27.00 6.69 39.00
N PHE B 927 -27.33 7.62 39.90
CA PHE B 927 -26.67 8.91 40.07
C PHE B 927 -25.72 8.73 41.26
N MSE B 928 -24.48 9.19 41.12
CA MSE B 928 -23.51 9.02 42.20
C MSE B 928 -22.81 10.29 42.64
O MSE B 928 -22.38 11.09 41.82
CB MSE B 928 -22.47 8.00 41.75
CG MSE B 928 -23.09 6.71 41.25
SE MSE B 928 -21.84 5.66 40.23
CE MSE B 928 -22.32 6.21 38.45
N GLU B 929 -22.68 10.47 43.95
CA GLU B 929 -21.99 11.64 44.49
C GLU B 929 -21.31 11.33 45.82
N SER B 930 -20.51 12.27 46.30
CA SER B 930 -19.80 12.14 47.57
C SER B 930 -20.13 13.40 48.39
N ASN B 931 -19.30 13.71 49.38
CA ASN B 931 -19.53 14.90 50.19
C ASN B 931 -18.47 15.94 49.83
N ARG B 932 -17.68 15.62 48.82
CA ARG B 932 -16.63 16.50 48.33
C ARG B 932 -16.21 15.99 46.94
N PRO B 933 -15.50 16.82 46.17
CA PRO B 933 -15.08 16.39 44.84
C PRO B 933 -14.33 15.06 44.89
N PHE B 934 -14.57 14.19 43.93
CA PHE B 934 -13.91 12.89 43.90
C PHE B 934 -13.44 12.53 42.48
N GLN B 935 -12.99 11.30 42.32
CA GLN B 935 -12.53 10.82 41.03
C GLN B 935 -13.32 9.56 40.70
N PHE B 936 -13.53 9.29 39.41
CA PHE B 936 -14.25 8.08 39.03
C PHE B 936 -13.82 7.63 37.65
N SER B 937 -14.06 6.36 37.36
CA SER B 937 -13.72 5.78 36.07
C SER B 937 -14.74 4.67 35.77
N ILE B 938 -15.03 4.52 34.49
CA ILE B 938 -15.97 3.50 34.03
C ILE B 938 -15.39 2.91 32.77
N ILE B 939 -15.15 1.60 32.77
CA ILE B 939 -14.56 0.95 31.61
C ILE B 939 -15.39 -0.26 31.21
N PRO B 940 -15.29 -0.69 29.95
CA PRO B 940 -16.04 -1.85 29.45
C PRO B 940 -15.38 -3.21 29.69
N PHE B 941 -14.31 -3.24 30.48
CA PHE B 941 -13.60 -4.47 30.77
C PHE B 941 -13.48 -4.69 32.27
N SER B 942 -13.12 -5.90 32.68
CA SER B 942 -12.95 -6.17 34.10
C SER B 942 -11.54 -5.74 34.48
N ASP B 943 -11.33 -5.45 35.76
CA ASP B 943 -10.03 -5.04 36.25
C ASP B 943 -9.00 -6.18 36.11
N VAL B 944 -9.46 -7.42 36.27
CA VAL B 944 -8.57 -8.57 36.16
C VAL B 944 -7.98 -8.68 34.75
N LEU B 945 -8.85 -8.64 33.74
CA LEU B 945 -8.38 -8.76 32.36
C LEU B 945 -7.53 -7.57 31.90
N LEU B 946 -7.95 -6.36 32.24
CA LEU B 946 -7.22 -5.16 31.84
C LEU B 946 -5.79 -5.25 32.37
N GLU B 947 -5.64 -5.70 33.61
CA GLU B 947 -4.33 -5.84 34.22
C GLU B 947 -3.49 -6.89 33.50
N LYS B 948 -4.09 -8.07 33.31
CA LYS B 948 -3.41 -9.18 32.65
C LYS B 948 -3.01 -8.89 31.21
N ALA B 949 -3.87 -8.20 30.48
CA ALA B 949 -3.62 -7.87 29.08
C ALA B 949 -2.39 -7.01 28.83
N HIS B 950 -1.54 -7.45 27.89
CA HIS B 950 -0.33 -6.74 27.52
C HIS B 950 -0.49 -6.17 26.09
N HIS B 951 -1.46 -6.69 25.34
CA HIS B 951 -1.76 -6.20 24.00
C HIS B 951 -3.24 -5.91 23.89
N ILE B 952 -3.57 -4.89 23.12
CA ILE B 952 -4.96 -4.48 22.93
C ILE B 952 -5.92 -5.58 22.48
N ASN B 953 -5.49 -6.45 21.57
CA ASN B 953 -6.37 -7.53 21.10
C ASN B 953 -6.72 -8.58 22.17
N GLU B 954 -6.05 -8.51 23.31
CA GLU B 954 -6.34 -9.45 24.39
C GLU B 954 -7.56 -8.97 25.17
N LEU B 955 -7.89 -7.70 25.01
CA LEU B 955 -9.05 -7.14 25.71
C LEU B 955 -10.33 -7.77 25.18
N GLU B 956 -11.16 -8.23 26.10
CA GLU B 956 -12.41 -8.90 25.73
C GLU B 956 -13.52 -8.51 26.70
N ARG B 957 -14.65 -8.09 26.17
CA ARG B 957 -15.78 -7.69 27.01
C ARG B 957 -16.55 -8.92 27.52
N ASP B 958 -17.06 -8.82 28.74
CA ASP B 958 -17.82 -9.92 29.34
C ASP B 958 -19.28 -9.52 29.61
N GLY B 959 -19.72 -8.45 28.96
CA GLY B 959 -21.09 -8.00 29.13
C GLY B 959 -21.32 -7.08 30.32
N MSE B 960 -20.27 -6.81 31.09
CA MSE B 960 -20.35 -5.93 32.26
C MSE B 960 -19.35 -4.77 32.21
O MSE B 960 -18.26 -4.90 31.66
CB MSE B 960 -20.09 -6.75 33.53
CG MSE B 960 -21.11 -7.84 33.77
SE MSE B 960 -20.75 -8.79 35.41
CE MSE B 960 -19.53 -10.15 34.77
N ILE B 961 -19.73 -3.63 32.75
CA ILE B 961 -18.84 -2.49 32.77
C ILE B 961 -18.34 -2.39 34.20
N THR B 962 -17.16 -1.81 34.39
CA THR B 962 -16.56 -1.70 35.72
C THR B 962 -16.54 -0.26 36.22
N ILE B 963 -17.14 -0.05 37.38
CA ILE B 963 -17.24 1.26 37.99
C ILE B 963 -16.29 1.43 39.17
N HIS B 964 -15.66 2.60 39.24
CA HIS B 964 -14.76 2.95 40.33
C HIS B 964 -15.09 4.34 40.86
N LEU B 965 -15.40 4.41 42.15
CA LEU B 965 -15.68 5.66 42.82
C LEU B 965 -14.51 5.79 43.78
N ASP B 966 -13.66 6.79 43.54
CA ASP B 966 -12.47 6.99 44.37
C ASP B 966 -12.45 8.24 45.21
N ALA B 967 -12.19 8.06 46.51
CA ALA B 967 -12.08 9.16 47.44
C ALA B 967 -10.65 9.65 47.24
N GLU B 968 -9.79 8.71 46.87
CA GLU B 968 -8.38 8.98 46.60
C GLU B 968 -7.91 8.07 45.47
N GLN B 969 -6.92 8.56 44.71
CA GLN B 969 -6.29 7.78 43.65
C GLN B 969 -5.00 8.51 43.32
N ALA B 970 -3.90 7.77 43.24
CA ALA B 970 -2.60 8.35 42.97
C ALA B 970 -2.47 8.97 41.59
N GLY B 971 -1.51 9.87 41.45
CA GLY B 971 -1.23 10.49 40.17
C GLY B 971 -0.53 9.44 39.33
N VAL B 972 -0.05 9.81 38.15
CA VAL B 972 0.63 8.83 37.30
C VAL B 972 2.13 9.03 37.13
N GLY B 973 2.61 10.24 37.39
CA GLY B 973 4.03 10.53 37.26
C GLY B 973 4.63 10.18 35.90
N THR B 974 5.93 9.85 35.91
CA THR B 974 6.65 9.48 34.69
C THR B 974 7.75 8.45 35.02
N ALA B 975 7.45 7.50 35.91
CA ALA B 975 8.43 6.51 36.36
C ALA B 975 9.03 5.58 35.31
N THR B 976 8.41 5.44 34.14
CA THR B 976 8.98 4.57 33.11
C THR B 976 10.41 5.02 32.81
N CYS B 977 10.69 6.30 33.03
CA CYS B 977 12.00 6.86 32.84
C CYS B 977 11.98 8.27 33.44
N GLY B 978 12.55 8.41 34.63
CA GLY B 978 12.57 9.70 35.28
C GLY B 978 11.77 9.66 36.56
N PRO B 979 11.34 10.82 37.09
CA PRO B 979 10.56 10.91 38.33
C PRO B 979 9.27 10.11 38.41
N GLY B 980 9.08 9.45 39.57
CA GLY B 980 7.86 8.69 39.82
C GLY B 980 6.83 9.68 40.35
N VAL B 981 5.69 9.20 40.83
CA VAL B 981 4.67 10.12 41.35
C VAL B 981 5.21 10.94 42.52
N LEU B 982 4.97 12.25 42.52
CA LEU B 982 5.45 13.13 43.58
C LEU B 982 4.76 12.82 44.92
N PRO B 983 5.43 13.14 46.04
CA PRO B 983 4.87 12.88 47.39
C PRO B 983 3.43 13.34 47.58
N GLN B 984 3.16 14.60 47.26
CA GLN B 984 1.82 15.15 47.41
C GLN B 984 0.73 14.47 46.58
N TYR B 985 1.10 13.52 45.73
CA TYR B 985 0.12 12.84 44.89
C TYR B 985 -0.01 11.34 45.16
N LEU B 986 0.67 10.85 46.19
CA LEU B 986 0.59 9.45 46.55
C LEU B 986 -0.62 9.26 47.46
N VAL B 987 -1.25 8.09 47.41
CA VAL B 987 -2.39 7.86 48.28
C VAL B 987 -1.83 7.68 49.71
N PRO B 988 -2.36 8.45 50.66
CA PRO B 988 -1.84 8.29 52.03
C PRO B 988 -2.15 6.89 52.57
N VAL B 989 -1.13 6.22 53.10
CA VAL B 989 -1.32 4.88 53.66
C VAL B 989 -1.65 5.06 55.14
N LYS B 990 -2.86 5.53 55.42
CA LYS B 990 -3.31 5.77 56.79
C LYS B 990 -4.80 5.52 56.95
N LYS B 991 -5.31 5.69 58.17
CA LYS B 991 -6.73 5.50 58.44
C LYS B 991 -7.46 6.64 57.74
N GLN B 992 -8.55 6.31 57.05
CA GLN B 992 -9.30 7.31 56.32
C GLN B 992 -10.75 6.91 56.15
N SER B 993 -11.65 7.90 56.16
CA SER B 993 -13.08 7.65 55.98
C SER B 993 -13.55 8.45 54.77
N PHE B 994 -14.59 7.94 54.11
CA PHE B 994 -15.15 8.60 52.94
C PHE B 994 -16.53 8.05 52.68
N GLU B 995 -17.34 8.79 51.94
CA GLU B 995 -18.69 8.33 51.65
C GLU B 995 -19.12 8.59 50.21
N PHE B 996 -20.04 7.74 49.75
CA PHE B 996 -20.59 7.84 48.41
C PHE B 996 -22.08 7.55 48.53
N THR B 997 -22.90 8.34 47.86
CA THR B 997 -24.34 8.13 47.91
C THR B 997 -24.87 7.79 46.53
N LEU B 998 -25.63 6.71 46.44
CA LEU B 998 -26.18 6.27 45.16
C LEU B 998 -27.67 6.53 45.06
N TYR B 999 -28.07 7.28 44.04
CA TYR B 999 -29.48 7.60 43.82
C TYR B 999 -30.00 6.87 42.58
N PRO B 1000 -30.88 5.88 42.76
CA PRO B 1000 -31.39 5.18 41.58
C PRO B 1000 -32.21 6.18 40.77
N VAL B 1001 -32.06 6.18 39.45
CA VAL B 1001 -32.79 7.11 38.59
C VAL B 1001 -33.64 6.35 37.56
N LYS B 1002 -34.70 6.99 37.10
CA LYS B 1002 -35.60 6.36 36.12
C LYS B 1002 -36.32 7.45 35.33
MG MG C . -18.55 -21.64 -13.62
NA NA D . -10.59 -21.22 -13.70
NA NA E . 5.27 -29.51 -10.44
CL CL F . -24.65 -6.58 -10.49
MG MG G . 19.96 5.25 23.84
NA NA H . 11.96 4.36 24.40
NA NA I . -2.45 -4.60 31.48
CL CL J . 24.18 10.09 8.83
#